data_5Y3L
#
_entry.id   5Y3L
#
_cell.length_a   108.004
_cell.length_b   125.617
_cell.length_c   138.722
_cell.angle_alpha   90.00
_cell.angle_beta   94.67
_cell.angle_gamma   90.00
#
_symmetry.space_group_name_H-M   'C 1 2 1'
#
loop_
_entity.id
_entity.type
_entity.pdbx_description
1 polymer 'Toll-like receptor 9'
2 polymer "DNA (5'-D(*AP*GP*GP*CP*GP*TP*TP*TP*TP*T)-3')"
3 polymer "DNA (5'-D(*CP*CP*GP*CP*AP*C)-3')"
4 branched 2-acetamido-2-deoxy-beta-D-glucopyranose-(1-4)-2-acetamido-2-deoxy-beta-D-glucopyranose
5 non-polymer 2-acetamido-2-deoxy-beta-D-glucopyranose
6 water water
#
loop_
_entity_poly.entity_id
_entity_poly.type
_entity_poly.pdbx_seq_one_letter_code
_entity_poly.pdbx_strand_id
1 'polypeptide(L)'
;RSPWQGTLPPFLPCELQPHGLVNCNWLFLKSVPHFSAAAPRDNVTSLSLLSNRIHHLHDSDFAQLSNLQKLNLKWNCPPA
GLSPMHFPCHMTIEPNTFLAVPTLEELNLSYNGITTVPALPSSLVSLILSRTNILQLDPTSLTGLHALRFLYMDGNCYYK
NPCGRALEVAPGALLGLGNLTHLSLKYNNLTTVPRSLPPSLEYLLLSYNHIVTLAPEDLANLTALRVLDVGGNCRRCDHA
RNPCVECPHKFPQLHSDTFSHLSRLEGLVLKDSSLYQLNPRWFRGLGNLTVLDLSENFLYDCITKTKAFQGLAQLRRLNL
SFNYHKKVSFAHLTLAPSFGSLLSLQELDMHGIFFRSLSQKTLQPLARLPMLQRLYLQMNFINQAQLGIFKDFPGLRYID
LSDNRISGAVEPVATTGEVDGGKKVWLTSRDLTPGPLDTPSSEDFMPSCKNLSFTLDLSRNNLVTVQPEMFAQLSRLQCL
RLSHNSISQAVNGSQFVPLTSLQVLDLSHNKLDLYHGRSFTELPRLEALDLSYNSQPFSMRGVGHNLSFVAQLPTLRYLS
LAHNGIHSRVSQQLCSTSLWALDFSGNSLSQMWAEGDLYLRFFQGLRSLIRLDLSQNRLHTLLPCTLGNLPKSLQLLRLR
NNYLAFFNWSSLTLLPNLETLDLAGNQLKALSNGSLPSGTQLQRLDVSRNSIIFVVPGFFALATRLRELNLSANALRTVE
PSWFGFLAGSLEVLDVSANPLHCACGAAFVDFLLQVQAAVPGLPSRVKCGSPGQLQGRSIFAQDLRLCLDESLSWDEFLV
PR
;
A,B
2 'polydeoxyribonucleotide' (DA)(DG)(DG)(DC)(DG)(DT)(DT)(DT)(DT)(DT) C,D
3 'polydeoxyribonucleotide' (DC)(DC)(DG)(DC)(DA)(DC) E,F
#
# COMPACT_ATOMS: atom_id res chain seq x y z
N THR A 7 29.46 2.49 22.65
CA THR A 7 29.58 3.97 22.37
C THR A 7 28.24 4.68 22.57
N LEU A 8 28.28 5.93 23.04
CA LEU A 8 27.07 6.66 23.44
C LEU A 8 26.14 6.95 22.28
N PRO A 9 24.87 7.32 22.59
CA PRO A 9 24.01 7.88 21.53
C PRO A 9 24.50 9.30 21.15
N PRO A 10 24.62 9.57 19.84
CA PRO A 10 25.37 10.73 19.37
C PRO A 10 24.86 12.12 19.75
N PHE A 11 23.60 12.25 20.15
CA PHE A 11 23.01 13.56 20.40
C PHE A 11 22.31 13.71 21.76
N LEU A 12 22.87 13.14 22.83
CA LEU A 12 22.24 13.29 24.15
C LEU A 12 21.98 14.77 24.51
N PRO A 13 20.88 15.13 25.19
CA PRO A 13 19.84 14.21 25.64
C PRO A 13 18.79 13.83 24.55
N CYS A 14 18.96 14.32 23.33
CA CYS A 14 17.99 14.11 22.25
C CYS A 14 18.16 12.74 21.58
N GLU A 15 17.27 12.43 20.63
CA GLU A 15 17.25 11.14 19.92
C GLU A 15 17.48 11.33 18.41
N LEU A 16 18.43 10.60 17.82
CA LEU A 16 18.58 10.56 16.37
C LEU A 16 17.44 9.73 15.81
N GLN A 17 16.88 10.17 14.69
CA GLN A 17 15.83 9.43 14.01
C GLN A 17 16.13 9.36 12.47
N PRO A 18 15.28 8.65 11.70
CA PRO A 18 15.50 8.55 10.24
C PRO A 18 15.31 9.87 9.49
N HIS A 19 15.93 9.94 8.30
CA HIS A 19 15.95 11.13 7.45
C HIS A 19 16.60 12.32 8.17
N GLY A 20 17.69 12.06 8.88
CA GLY A 20 18.44 13.08 9.61
C GLY A 20 17.67 13.96 10.59
N LEU A 21 16.75 13.37 11.35
CA LEU A 21 15.95 14.15 12.31
C LEU A 21 16.50 13.98 13.73
N VAL A 22 16.86 15.09 14.37
CA VAL A 22 17.23 15.04 15.78
C VAL A 22 16.06 15.55 16.58
N ASN A 23 15.54 14.69 17.45
CA ASN A 23 14.31 14.95 18.19
C ASN A 23 14.59 15.29 19.66
N CYS A 24 14.42 16.55 20.01
CA CYS A 24 14.63 17.04 21.38
C CYS A 24 13.32 17.37 22.06
N ASN A 25 12.23 16.76 21.61
CA ASN A 25 10.90 17.09 22.10
C ASN A 25 10.70 16.62 23.53
N TRP A 26 10.03 17.46 24.31
CA TRP A 26 9.49 17.06 25.62
C TRP A 26 10.55 16.68 26.68
N LEU A 27 11.76 17.23 26.53
CA LEU A 27 12.84 17.01 27.49
C LEU A 27 13.04 18.16 28.46
N PHE A 28 12.10 19.10 28.52
CA PHE A 28 12.10 20.18 29.51
C PHE A 28 13.40 21.01 29.53
N LEU A 29 14.01 21.17 28.37
CA LEU A 29 15.28 21.90 28.23
C LEU A 29 15.04 23.40 28.45
N LYS A 30 15.95 24.03 29.22
CA LYS A 30 15.90 25.49 29.50
C LYS A 30 16.56 26.29 28.37
N SER A 31 17.38 25.64 27.57
CA SER A 31 18.00 26.27 26.39
C SER A 31 18.51 25.20 25.38
N VAL A 32 18.94 25.67 24.20
CA VAL A 32 19.20 24.77 23.08
C VAL A 32 20.50 24.00 23.30
N PRO A 33 20.44 22.65 23.22
CA PRO A 33 21.67 21.91 23.41
C PRO A 33 22.60 22.09 22.21
N HIS A 34 23.89 22.24 22.51
CA HIS A 34 24.92 22.44 21.47
C HIS A 34 25.39 21.11 20.84
N PHE A 35 25.37 20.03 21.62
CA PHE A 35 25.83 18.66 21.24
C PHE A 35 27.34 18.49 21.41
N SER A 36 27.81 17.26 21.25
CA SER A 36 29.24 16.97 21.19
C SER A 36 29.84 17.42 19.84
N ALA A 37 31.08 17.92 19.85
CA ALA A 37 31.80 18.29 18.62
C ALA A 37 32.21 17.04 17.81
N ALA A 38 32.27 15.89 18.47
CA ALA A 38 32.45 14.59 17.81
C ALA A 38 31.23 14.19 16.96
N ALA A 39 30.03 14.53 17.44
CA ALA A 39 28.76 14.21 16.75
C ALA A 39 28.65 14.85 15.35
N PRO A 40 28.04 14.15 14.37
CA PRO A 40 28.01 14.62 12.98
C PRO A 40 26.90 15.68 12.71
N ARG A 41 27.15 16.90 13.14
CA ARG A 41 26.22 18.02 12.99
C ARG A 41 25.96 18.40 11.54
N ASP A 42 26.91 18.05 10.66
CA ASP A 42 26.71 18.13 9.21
C ASP A 42 25.53 17.29 8.70
N ASN A 43 25.36 16.05 9.21
CA ASN A 43 24.29 15.08 8.78
C ASN A 43 22.85 15.51 9.20
N VAL A 44 22.73 16.54 10.07
CA VAL A 44 21.45 16.97 10.66
C VAL A 44 20.61 17.88 9.73
N THR A 45 19.53 17.32 9.19
CA THR A 45 18.64 18.02 8.25
C THR A 45 17.36 18.54 8.89
N SER A 46 17.10 18.18 10.14
CA SER A 46 15.89 18.60 10.83
C SER A 46 16.07 18.53 12.36
N LEU A 47 15.64 19.59 13.07
CA LEU A 47 15.81 19.68 14.53
C LEU A 47 14.49 20.02 15.22
N SER A 48 13.95 19.06 15.96
CA SER A 48 12.69 19.24 16.65
C SER A 48 12.96 19.66 18.09
N LEU A 49 12.30 20.72 18.57
CA LEU A 49 12.41 21.14 19.99
C LEU A 49 11.05 21.44 20.59
N LEU A 50 10.07 20.67 20.14
CA LEU A 50 8.67 20.85 20.50
C LEU A 50 8.47 20.79 22.01
N SER A 51 7.86 21.84 22.56
CA SER A 51 7.35 21.85 23.94
C SER A 51 8.39 21.72 25.08
N ASN A 52 9.64 22.13 24.83
CA ASN A 52 10.60 22.36 25.91
C ASN A 52 10.28 23.73 26.58
N ARG A 53 11.20 24.29 27.38
CA ARG A 53 11.00 25.62 28.02
C ARG A 53 12.17 26.59 27.78
N ILE A 54 12.50 26.73 26.51
CA ILE A 54 13.56 27.57 26.02
C ILE A 54 12.95 28.94 25.84
N HIS A 55 13.24 29.85 26.77
CA HIS A 55 12.74 31.22 26.69
C HIS A 55 13.74 32.19 26.04
N HIS A 56 14.97 31.73 25.78
CA HIS A 56 16.08 32.58 25.26
C HIS A 56 16.84 31.83 24.16
N LEU A 57 16.82 32.37 22.94
CA LEU A 57 17.61 31.82 21.81
C LEU A 57 18.79 32.75 21.51
N HIS A 58 19.90 32.15 21.07
CA HIS A 58 21.20 32.86 20.93
C HIS A 58 21.80 32.69 19.53
N ASP A 59 22.75 33.56 19.19
CA ASP A 59 23.47 33.50 17.90
C ASP A 59 24.12 32.13 17.63
N SER A 60 24.65 31.49 18.67
CA SER A 60 25.43 30.23 18.55
C SER A 60 24.61 28.91 18.46
N ASP A 61 23.32 28.98 18.81
CA ASP A 61 22.52 27.77 19.04
C ASP A 61 22.35 26.85 17.85
N PHE A 62 22.38 27.39 16.63
CA PHE A 62 22.24 26.57 15.42
C PHE A 62 23.41 26.68 14.44
N ALA A 63 24.46 27.42 14.83
CA ALA A 63 25.62 27.71 13.97
C ALA A 63 26.34 26.48 13.45
N GLN A 64 26.52 25.48 14.31
CA GLN A 64 27.26 24.27 13.95
C GLN A 64 26.47 23.32 13.04
N LEU A 65 25.15 23.51 12.99
CA LEU A 65 24.27 22.71 12.15
C LEU A 65 24.24 23.33 10.76
N SER A 66 25.21 22.92 9.93
CA SER A 66 25.50 23.58 8.67
C SER A 66 24.62 23.15 7.49
N ASN A 67 23.80 22.11 7.65
CA ASN A 67 22.84 21.70 6.61
C ASN A 67 21.40 21.59 7.14
N LEU A 68 21.08 22.38 8.16
CA LEU A 68 19.75 22.34 8.78
C LEU A 68 18.73 22.88 7.79
N GLN A 69 17.72 22.08 7.47
CA GLN A 69 16.59 22.49 6.61
C GLN A 69 15.32 22.81 7.39
N LYS A 70 15.09 22.15 8.53
CA LYS A 70 13.84 22.28 9.27
C LYS A 70 14.10 22.48 10.75
N LEU A 71 13.43 23.45 11.35
CA LEU A 71 13.59 23.74 12.76
C LEU A 71 12.23 24.03 13.37
N ASN A 72 11.86 23.23 14.37
CA ASN A 72 10.60 23.35 15.06
C ASN A 72 10.90 23.76 16.50
N LEU A 73 10.46 24.94 16.88
CA LEU A 73 10.63 25.43 18.25
C LEU A 73 9.26 25.76 18.87
N LYS A 74 8.24 25.03 18.43
CA LYS A 74 6.85 25.31 18.82
C LYS A 74 6.65 25.09 20.31
N TRP A 75 5.77 25.91 20.90
CA TRP A 75 5.31 25.69 22.28
C TRP A 75 6.33 25.94 23.37
N ASN A 76 7.45 26.59 23.08
CA ASN A 76 8.50 26.70 24.09
C ASN A 76 8.18 27.74 25.17
N CYS A 77 7.54 28.84 24.81
CA CYS A 77 7.33 29.96 25.73
C CYS A 77 5.94 30.55 25.44
N PRO A 78 4.90 29.79 25.75
CA PRO A 78 3.58 30.16 25.28
C PRO A 78 3.01 31.36 26.02
N PRO A 79 2.27 32.23 25.29
CA PRO A 79 1.58 33.36 25.92
C PRO A 79 0.67 32.93 27.06
N ALA A 80 0.48 33.82 28.03
CA ALA A 80 -0.37 33.62 29.21
C ALA A 80 -1.67 32.92 28.92
N GLY A 81 -2.35 33.34 27.87
CA GLY A 81 -3.64 32.76 27.53
C GLY A 81 -3.63 31.32 27.03
N LEU A 82 -2.55 30.91 26.37
CA LEU A 82 -2.39 29.52 25.91
C LEU A 82 -1.58 28.67 26.89
N SER A 83 -1.12 29.30 27.97
CA SER A 83 -0.40 28.58 29.01
C SER A 83 -1.40 27.80 29.87
N PRO A 84 -1.20 26.47 30.00
CA PRO A 84 -2.07 25.67 30.85
C PRO A 84 -2.43 26.31 32.19
N MET A 85 -1.56 27.14 32.77
CA MET A 85 -1.87 27.78 34.04
C MET A 85 -1.75 29.29 33.99
N HIS A 86 -1.88 29.85 32.80
CA HIS A 86 -1.80 31.30 32.56
C HIS A 86 -0.53 31.99 33.11
N PHE A 87 0.59 31.28 33.02
CA PHE A 87 1.90 31.88 33.32
C PHE A 87 2.37 32.70 32.12
N PRO A 88 2.72 33.98 32.34
CA PRO A 88 3.28 34.76 31.24
C PRO A 88 4.64 34.24 30.81
N CYS A 89 5.08 34.67 29.64
CA CYS A 89 6.33 34.21 29.05
C CYS A 89 6.62 35.05 27.82
N HIS A 90 7.82 35.65 27.78
CA HIS A 90 8.25 36.51 26.68
C HIS A 90 9.59 35.93 26.24
N MET A 91 9.78 35.74 24.93
CA MET A 91 10.93 35.00 24.39
C MET A 91 11.88 35.98 23.70
N THR A 92 13.18 35.89 24.03
CA THR A 92 14.23 36.73 23.44
C THR A 92 14.98 36.00 22.34
N ILE A 93 15.27 36.72 21.25
CA ILE A 93 16.01 36.18 20.10
C ILE A 93 17.11 37.17 19.69
N GLU A 94 18.37 36.78 19.87
CA GLU A 94 19.50 37.59 19.38
C GLU A 94 19.45 37.70 17.84
N PRO A 95 19.90 38.84 17.29
CA PRO A 95 19.56 39.13 15.90
C PRO A 95 20.01 38.10 14.85
N ASN A 96 21.09 37.36 15.12
CA ASN A 96 21.65 36.43 14.13
C ASN A 96 21.34 34.95 14.42
N THR A 97 20.35 34.72 15.31
CA THR A 97 19.93 33.38 15.69
C THR A 97 19.65 32.50 14.48
N PHE A 98 18.83 33.00 13.58
CA PHE A 98 18.42 32.25 12.40
C PHE A 98 19.29 32.54 11.18
N LEU A 99 19.82 33.76 11.07
CA LEU A 99 20.70 34.14 9.95
C LEU A 99 21.90 33.22 9.83
N ALA A 100 22.38 32.73 10.98
CA ALA A 100 23.46 31.76 11.03
C ALA A 100 23.07 30.38 10.51
N VAL A 101 21.85 30.19 10.03
CA VAL A 101 21.45 28.95 9.37
C VAL A 101 21.02 29.29 7.97
N PRO A 102 21.99 29.52 7.07
CA PRO A 102 21.63 29.90 5.70
C PRO A 102 20.97 28.78 4.85
N THR A 103 20.91 27.54 5.35
CA THR A 103 20.22 26.43 4.66
C THR A 103 18.73 26.28 5.04
N LEU A 104 18.29 26.98 6.09
CA LEU A 104 16.98 26.76 6.70
C LEU A 104 15.84 27.05 5.74
N GLU A 105 14.99 26.04 5.52
CA GLU A 105 13.82 26.16 4.65
C GLU A 105 12.49 26.32 5.40
N GLU A 106 12.34 25.66 6.55
CA GLU A 106 11.07 25.63 7.26
C GLU A 106 11.30 25.97 8.71
N LEU A 107 10.60 26.98 9.22
CA LEU A 107 10.70 27.34 10.63
C LEU A 107 9.31 27.42 11.29
N ASN A 108 9.26 26.98 12.54
CA ASN A 108 8.04 26.96 13.34
C ASN A 108 8.32 27.61 14.70
N LEU A 109 7.80 28.83 14.87
CA LEU A 109 7.95 29.62 16.11
C LEU A 109 6.58 29.83 16.76
N SER A 110 5.64 28.92 16.51
CA SER A 110 4.30 29.09 17.02
C SER A 110 4.23 28.83 18.53
N TYR A 111 3.17 29.36 19.14
CA TYR A 111 2.93 29.20 20.60
C TYR A 111 4.16 29.64 21.41
N ASN A 112 4.72 30.80 21.01
CA ASN A 112 5.88 31.46 21.64
C ASN A 112 5.60 32.97 21.80
N GLY A 113 6.04 33.56 22.91
CA GLY A 113 5.79 34.97 23.27
C GLY A 113 6.74 36.01 22.67
N ILE A 114 6.55 36.29 21.39
CA ILE A 114 7.35 37.27 20.65
C ILE A 114 6.40 38.30 20.03
N THR A 115 6.87 39.55 19.97
CA THR A 115 6.10 40.68 19.43
C THR A 115 6.66 41.20 18.11
N THR A 116 7.90 40.84 17.74
CA THR A 116 8.44 41.19 16.42
C THR A 116 8.98 39.97 15.70
N VAL A 117 9.07 40.07 14.39
CA VAL A 117 9.58 38.97 13.58
C VAL A 117 11.08 39.12 13.56
N PRO A 118 11.83 38.06 13.89
CA PRO A 118 13.29 38.16 13.81
C PRO A 118 13.74 38.06 12.36
N ALA A 119 14.96 38.49 12.10
CA ALA A 119 15.48 38.47 10.74
C ALA A 119 15.77 37.02 10.38
N LEU A 120 15.52 36.68 9.11
CA LEU A 120 15.52 35.29 8.67
C LEU A 120 16.30 35.10 7.37
N PRO A 121 16.94 33.95 7.19
CA PRO A 121 17.72 33.72 5.97
C PRO A 121 16.84 33.66 4.76
N SER A 122 17.36 34.15 3.64
CA SER A 122 16.64 34.17 2.36
C SER A 122 16.37 32.77 1.78
N SER A 123 16.99 31.72 2.33
CA SER A 123 16.68 30.35 1.96
C SER A 123 15.27 29.89 2.35
N LEU A 124 14.67 30.55 3.35
CA LEU A 124 13.41 30.12 3.96
C LEU A 124 12.21 29.98 2.98
N VAL A 125 11.64 28.77 2.93
CA VAL A 125 10.45 28.44 2.14
C VAL A 125 9.13 28.47 2.96
N SER A 126 9.18 28.14 4.26
CA SER A 126 7.98 28.08 5.10
C SER A 126 8.19 28.67 6.50
N LEU A 127 7.26 29.50 6.95
CA LEU A 127 7.36 30.17 8.25
C LEU A 127 6.02 30.13 8.99
N ILE A 128 6.03 29.62 10.22
CA ILE A 128 4.81 29.47 11.01
C ILE A 128 4.98 30.36 12.24
N LEU A 129 4.22 31.46 12.31
CA LEU A 129 4.24 32.35 13.47
C LEU A 129 2.92 32.33 14.25
N SER A 130 2.15 31.25 14.13
CA SER A 130 0.81 31.21 14.73
C SER A 130 0.88 31.29 16.27
N ARG A 131 -0.14 31.87 16.89
CA ARG A 131 -0.22 31.95 18.38
C ARG A 131 1.00 32.61 19.04
N THR A 132 1.44 33.70 18.44
CA THR A 132 2.46 34.54 19.02
C THR A 132 1.75 35.82 19.45
N ASN A 133 2.52 36.81 19.88
CA ASN A 133 1.94 38.13 20.13
C ASN A 133 2.37 39.18 19.11
N ILE A 134 2.76 38.72 17.91
CA ILE A 134 3.06 39.62 16.80
C ILE A 134 1.76 40.26 16.32
N LEU A 135 1.59 41.56 16.62
CA LEU A 135 0.35 42.30 16.27
C LEU A 135 0.46 43.21 15.05
N GLN A 136 1.54 43.14 14.27
CA GLN A 136 1.70 43.93 13.04
C GLN A 136 2.61 43.26 12.01
N LEU A 137 2.37 43.53 10.72
CA LEU A 137 3.29 43.14 9.64
C LEU A 137 3.45 44.27 8.63
N ASP A 138 4.65 44.85 8.59
CA ASP A 138 5.04 45.88 7.60
C ASP A 138 6.20 45.29 6.80
N PRO A 139 6.62 45.96 5.69
CA PRO A 139 7.64 45.37 4.77
C PRO A 139 8.96 44.97 5.42
N THR A 140 9.33 45.67 6.50
CA THR A 140 10.53 45.37 7.26
C THR A 140 10.48 44.04 8.04
N SER A 141 9.28 43.52 8.33
CA SER A 141 9.09 42.21 9.01
C SER A 141 9.72 41.01 8.30
N LEU A 142 9.60 40.99 6.97
CA LEU A 142 9.97 39.83 6.17
C LEU A 142 10.89 40.24 5.02
N THR A 143 11.94 40.98 5.35
CA THR A 143 12.95 41.46 4.41
C THR A 143 13.72 40.32 3.75
N GLY A 144 13.82 40.37 2.42
CA GLY A 144 14.66 39.44 1.66
C GLY A 144 14.24 37.98 1.71
N LEU A 145 12.93 37.73 1.78
CA LEU A 145 12.41 36.37 1.77
C LEU A 145 11.67 36.11 0.47
N HIS A 146 12.47 36.11 -0.60
CA HIS A 146 11.97 36.04 -1.97
C HIS A 146 11.65 34.60 -2.38
N ALA A 147 12.14 33.63 -1.60
CA ALA A 147 11.77 32.23 -1.80
C ALA A 147 10.52 31.78 -0.98
N LEU A 148 10.08 32.61 -0.01
CA LEU A 148 9.02 32.22 0.93
C LEU A 148 7.71 31.91 0.20
N ARG A 149 7.22 30.68 0.38
CA ARG A 149 5.96 30.21 -0.23
C ARG A 149 4.82 30.06 0.79
N PHE A 150 5.14 29.80 2.06
CA PHE A 150 4.14 29.55 3.13
C PHE A 150 4.31 30.53 4.29
N LEU A 151 3.22 31.19 4.67
CA LEU A 151 3.16 32.02 5.87
C LEU A 151 1.88 31.72 6.66
N TYR A 152 2.02 31.03 7.79
CA TYR A 152 0.90 30.77 8.68
C TYR A 152 1.07 31.61 9.94
N MET A 153 0.13 32.53 10.16
CA MET A 153 0.12 33.29 11.40
C MET A 153 -1.31 33.45 11.90
N ASP A 154 -1.85 32.32 12.38
CA ASP A 154 -3.19 32.26 12.99
C ASP A 154 -3.11 32.51 14.50
N GLY A 155 -4.13 33.17 15.04
CA GLY A 155 -4.36 33.18 16.49
C GLY A 155 -3.50 34.09 17.35
N ASN A 156 -3.22 35.28 16.83
CA ASN A 156 -2.45 36.29 17.58
C ASN A 156 -3.35 37.29 18.29
N CYS A 157 -4.66 37.20 18.05
CA CYS A 157 -5.62 38.02 18.76
C CYS A 157 -7.02 37.40 18.79
N TYR A 158 -7.24 36.54 19.77
CA TYR A 158 -8.56 35.95 19.98
C TYR A 158 -8.79 35.65 21.47
N TYR A 159 -9.90 35.00 21.81
CA TYR A 159 -10.27 34.78 23.22
C TYR A 159 -9.19 34.11 24.07
N LYS A 160 -8.43 33.20 23.47
CA LYS A 160 -7.36 32.47 24.18
C LYS A 160 -5.97 33.15 24.15
N ASN A 161 -5.82 34.22 23.37
CA ASN A 161 -4.56 34.93 23.25
C ASN A 161 -4.90 36.37 22.83
N PRO A 162 -5.58 37.12 23.71
CA PRO A 162 -6.14 38.42 23.32
C PRO A 162 -5.08 39.48 23.13
N CYS A 163 -5.41 40.55 22.40
CA CYS A 163 -4.47 41.65 22.18
C CYS A 163 -5.04 43.08 22.32
N GLY A 164 -6.35 43.21 22.58
CA GLY A 164 -6.97 44.54 22.76
C GLY A 164 -7.37 45.33 21.52
N ARG A 165 -6.91 44.91 20.34
CA ARG A 165 -7.19 45.60 19.07
C ARG A 165 -7.15 44.59 17.92
N ALA A 166 -7.01 45.04 16.68
CA ALA A 166 -6.83 44.14 15.54
C ALA A 166 -5.39 44.08 15.11
N LEU A 167 -4.93 42.88 14.76
CA LEU A 167 -3.73 42.71 13.95
C LEU A 167 -3.80 43.70 12.78
N GLU A 168 -2.81 44.58 12.66
CA GLU A 168 -2.72 45.52 11.53
C GLU A 168 -1.63 45.05 10.58
N VAL A 169 -2.03 44.47 9.47
CA VAL A 169 -1.13 44.23 8.35
C VAL A 169 -1.26 45.45 7.44
N ALA A 170 -0.16 46.15 7.21
CA ALA A 170 -0.17 47.39 6.43
C ALA A 170 -0.43 47.14 4.94
N PRO A 171 -1.17 48.04 4.30
CA PRO A 171 -1.41 47.91 2.86
C PRO A 171 -0.12 47.67 2.05
N GLY A 172 -0.12 46.63 1.21
CA GLY A 172 1.06 46.30 0.41
C GLY A 172 2.23 45.65 1.14
N ALA A 173 2.12 45.48 2.46
CA ALA A 173 3.26 45.05 3.29
C ALA A 173 3.90 43.72 2.92
N LEU A 174 3.16 42.83 2.29
CA LEU A 174 3.68 41.52 1.89
C LEU A 174 4.15 41.41 0.43
N LEU A 175 3.94 42.46 -0.39
CA LEU A 175 4.22 42.41 -1.86
C LEU A 175 5.62 42.01 -2.23
N GLY A 176 6.59 42.25 -1.34
CA GLY A 176 7.94 41.73 -1.49
C GLY A 176 8.12 40.22 -1.59
N LEU A 177 7.05 39.44 -1.34
CA LEU A 177 7.09 37.97 -1.35
C LEU A 177 6.50 37.42 -2.65
N GLY A 178 7.31 37.44 -3.69
CA GLY A 178 6.86 37.07 -5.04
C GLY A 178 6.63 35.59 -5.27
N ASN A 179 7.09 34.76 -4.35
CA ASN A 179 6.85 33.31 -4.44
C ASN A 179 5.70 32.83 -3.54
N LEU A 180 5.12 33.74 -2.74
CA LEU A 180 4.13 33.39 -1.70
C LEU A 180 2.85 32.78 -2.27
N THR A 181 2.56 31.54 -1.90
CA THR A 181 1.35 30.86 -2.33
C THR A 181 0.32 30.60 -1.21
N HIS A 182 0.77 30.48 0.03
CA HIS A 182 -0.12 30.09 1.13
C HIS A 182 -0.03 31.17 2.24
N LEU A 183 -1.14 31.84 2.51
CA LEU A 183 -1.24 32.80 3.62
C LEU A 183 -2.46 32.49 4.49
N SER A 184 -2.24 32.40 5.80
CA SER A 184 -3.31 32.12 6.77
C SER A 184 -3.22 33.13 7.92
N LEU A 185 -4.33 33.78 8.22
CA LEU A 185 -4.37 34.83 9.24
C LEU A 185 -5.69 34.71 9.97
N LYS A 186 -5.95 33.52 10.49
CA LYS A 186 -7.19 33.23 11.22
C LYS A 186 -7.08 33.74 12.63
N TYR A 187 -8.22 33.92 13.28
CA TYR A 187 -8.31 34.28 14.73
C TYR A 187 -7.40 35.46 15.12
N ASN A 188 -7.42 36.49 14.29
CA ASN A 188 -6.62 37.70 14.51
C ASN A 188 -7.43 38.96 14.73
N ASN A 189 -8.76 38.86 14.90
CA ASN A 189 -9.63 40.00 15.20
C ASN A 189 -9.63 41.05 14.07
N LEU A 190 -9.38 40.58 12.84
CA LEU A 190 -9.41 41.42 11.65
C LEU A 190 -10.85 41.82 11.34
N THR A 191 -11.06 43.09 10.97
CA THR A 191 -12.36 43.60 10.48
C THR A 191 -12.33 43.91 8.96
N THR A 192 -11.18 43.75 8.29
CA THR A 192 -11.10 43.91 6.84
C THR A 192 -9.96 43.08 6.30
N VAL A 193 -10.08 42.67 5.05
CA VAL A 193 -9.02 41.93 4.35
C VAL A 193 -7.83 42.88 4.15
N PRO A 194 -6.58 42.41 4.40
CA PRO A 194 -5.44 43.30 4.11
C PRO A 194 -5.36 43.75 2.62
N ARG A 195 -5.09 45.04 2.41
CA ARG A 195 -5.04 45.61 1.05
C ARG A 195 -3.78 45.16 0.32
N SER A 196 -3.91 44.93 -0.99
CA SER A 196 -2.77 44.58 -1.88
C SER A 196 -1.87 43.44 -1.36
N LEU A 197 -2.39 42.22 -1.43
CA LEU A 197 -1.64 41.02 -1.05
C LEU A 197 -0.94 40.45 -2.29
N PRO A 198 0.11 39.62 -2.09
CA PRO A 198 0.86 39.07 -3.22
C PRO A 198 -0.04 38.42 -4.28
N PRO A 199 0.04 38.90 -5.54
CA PRO A 199 -0.78 38.28 -6.59
C PRO A 199 -0.47 36.80 -6.86
N SER A 200 0.68 36.31 -6.38
CA SER A 200 1.04 34.89 -6.48
C SER A 200 0.20 33.94 -5.63
N LEU A 201 -0.51 34.49 -4.64
CA LEU A 201 -1.31 33.69 -3.69
C LEU A 201 -2.26 32.66 -4.34
N GLU A 202 -2.15 31.42 -3.84
CA GLU A 202 -3.02 30.31 -4.17
C GLU A 202 -3.99 29.93 -3.03
N TYR A 203 -3.60 30.12 -1.77
CA TYR A 203 -4.43 29.74 -0.63
C TYR A 203 -4.48 30.94 0.29
N LEU A 204 -5.67 31.49 0.49
CA LEU A 204 -5.86 32.63 1.41
C LEU A 204 -6.90 32.26 2.46
N LEU A 205 -6.44 31.97 3.69
CA LEU A 205 -7.32 31.53 4.77
C LEU A 205 -7.51 32.64 5.79
N LEU A 206 -8.72 33.22 5.84
CA LEU A 206 -9.04 34.34 6.73
C LEU A 206 -10.20 34.06 7.71
N SER A 207 -10.38 32.80 8.08
CA SER A 207 -11.51 32.39 8.92
C SER A 207 -11.44 32.83 10.40
N TYR A 208 -12.62 32.84 11.04
CA TYR A 208 -12.80 33.27 12.43
C TYR A 208 -12.11 34.57 12.76
N ASN A 209 -12.35 35.56 11.90
CA ASN A 209 -12.03 36.95 12.15
C ASN A 209 -13.40 37.66 12.40
N HIS A 210 -13.51 38.97 12.10
CA HIS A 210 -14.81 39.67 12.07
C HIS A 210 -14.93 40.52 10.79
N ILE A 211 -14.49 39.96 9.66
CA ILE A 211 -14.69 40.57 8.35
C ILE A 211 -16.15 40.30 7.95
N VAL A 212 -17.04 41.22 8.33
CA VAL A 212 -18.47 41.07 8.07
C VAL A 212 -18.92 41.60 6.71
N THR A 213 -18.05 42.38 6.03
CA THR A 213 -18.31 42.90 4.67
C THR A 213 -17.26 42.42 3.69
N LEU A 214 -17.71 42.00 2.52
CA LEU A 214 -16.81 41.68 1.41
C LEU A 214 -17.28 42.35 0.09
N ALA A 215 -16.31 42.63 -0.78
CA ALA A 215 -16.56 43.18 -2.12
C ALA A 215 -15.41 42.77 -3.06
N PRO A 216 -15.59 42.94 -4.39
CA PRO A 216 -14.47 42.61 -5.31
C PRO A 216 -13.13 43.39 -5.08
N GLU A 217 -13.21 44.61 -4.54
CA GLU A 217 -12.02 45.43 -4.21
C GLU A 217 -11.16 44.77 -3.11
N ASP A 218 -11.82 44.03 -2.21
CA ASP A 218 -11.19 43.29 -1.09
C ASP A 218 -10.35 42.08 -1.52
N LEU A 219 -10.49 41.63 -2.77
CA LEU A 219 -9.73 40.49 -3.33
C LEU A 219 -9.16 40.84 -4.71
N ALA A 220 -8.62 42.05 -4.83
CA ALA A 220 -8.16 42.58 -6.12
C ALA A 220 -6.82 41.99 -6.45
N ASN A 221 -6.63 41.62 -7.72
CA ASN A 221 -5.35 41.08 -8.22
C ASN A 221 -5.02 39.67 -7.72
N LEU A 222 -5.97 38.98 -7.07
CA LEU A 222 -5.73 37.66 -6.47
C LEU A 222 -6.25 36.56 -7.38
N THR A 223 -5.93 36.71 -8.66
CA THR A 223 -6.49 35.85 -9.69
C THR A 223 -5.91 34.44 -9.65
N ALA A 224 -4.79 34.27 -8.97
CA ALA A 224 -4.19 32.93 -8.85
C ALA A 224 -4.89 32.02 -7.82
N LEU A 225 -5.83 32.56 -7.01
CA LEU A 225 -6.44 31.83 -5.88
C LEU A 225 -7.13 30.53 -6.29
N ARG A 226 -6.66 29.43 -5.71
CA ARG A 226 -7.28 28.11 -5.83
C ARG A 226 -8.17 27.79 -4.61
N VAL A 227 -7.79 28.25 -3.42
CA VAL A 227 -8.61 28.09 -2.21
C VAL A 227 -8.77 29.44 -1.48
N LEU A 228 -10.03 29.82 -1.22
CA LEU A 228 -10.37 30.92 -0.31
C LEU A 228 -11.30 30.44 0.82
N ASP A 229 -10.93 30.80 2.06
CA ASP A 229 -11.68 30.45 3.26
C ASP A 229 -11.96 31.73 4.04
N VAL A 230 -13.23 32.12 4.08
CA VAL A 230 -13.69 33.25 4.87
C VAL A 230 -14.81 32.84 5.84
N GLY A 231 -14.86 31.56 6.20
CA GLY A 231 -15.88 31.06 7.10
C GLY A 231 -15.72 31.57 8.54
N GLY A 232 -16.80 31.54 9.31
CA GLY A 232 -16.73 31.90 10.73
C GLY A 232 -16.52 33.37 11.06
N ASN A 233 -16.72 34.25 10.08
CA ASN A 233 -16.62 35.68 10.31
C ASN A 233 -17.91 36.35 10.80
N CYS A 234 -19.04 35.66 10.59
CA CYS A 234 -20.36 36.11 11.07
C CYS A 234 -21.15 34.88 11.59
N ARG A 235 -20.90 34.60 12.87
CA ARG A 235 -21.23 33.30 13.47
C ARG A 235 -22.65 33.23 14.06
N ARG A 236 -23.22 32.03 13.98
CA ARG A 236 -24.43 31.68 14.73
C ARG A 236 -23.97 31.00 16.01
N CYS A 237 -24.15 31.71 17.12
CA CYS A 237 -23.59 31.23 18.39
C CYS A 237 -24.44 30.18 19.06
N ASP A 238 -25.69 30.03 18.64
CA ASP A 238 -26.54 28.92 19.09
C ASP A 238 -25.94 27.56 18.74
N HIS A 239 -25.07 27.49 17.73
CA HIS A 239 -24.33 26.27 17.41
C HIS A 239 -22.86 26.25 17.85
N ALA A 240 -22.43 27.19 18.69
CA ALA A 240 -21.01 27.29 18.99
C ALA A 240 -20.64 26.49 20.22
N ARG A 241 -19.47 25.83 20.16
CA ARG A 241 -18.89 25.10 21.31
C ARG A 241 -17.93 25.97 22.13
N ASN A 242 -17.42 27.03 21.52
CA ASN A 242 -16.43 27.92 22.15
C ASN A 242 -17.03 29.30 22.38
N PRO A 243 -16.28 30.22 23.01
CA PRO A 243 -16.85 31.57 23.13
C PRO A 243 -17.05 32.21 21.74
N CYS A 244 -18.10 32.98 21.58
CA CYS A 244 -18.57 33.40 20.25
C CYS A 244 -19.33 34.72 20.37
N VAL A 245 -19.09 35.63 19.42
CA VAL A 245 -19.86 36.87 19.37
C VAL A 245 -20.86 36.77 18.21
N GLU A 246 -22.12 37.13 18.46
CA GLU A 246 -23.18 36.92 17.46
C GLU A 246 -23.01 37.89 16.28
N CYS A 247 -23.17 37.34 15.08
CA CYS A 247 -23.14 38.09 13.81
C CYS A 247 -24.13 39.25 13.90
N PRO A 248 -23.69 40.50 13.68
CA PRO A 248 -24.64 41.59 14.00
C PRO A 248 -25.89 41.63 13.10
N HIS A 249 -26.88 42.38 13.54
CA HIS A 249 -28.14 42.48 12.81
C HIS A 249 -27.88 43.11 11.43
N LYS A 250 -28.44 42.48 10.39
CA LYS A 250 -28.33 42.91 8.97
C LYS A 250 -26.98 42.62 8.31
N PHE A 251 -26.30 41.59 8.81
CA PHE A 251 -25.01 41.18 8.28
C PHE A 251 -25.02 39.68 8.09
N PRO A 252 -24.11 39.13 7.28
CA PRO A 252 -23.06 39.86 6.55
C PRO A 252 -23.51 40.39 5.17
N GLN A 253 -22.69 41.27 4.60
CA GLN A 253 -22.95 41.82 3.27
C GLN A 253 -21.85 41.42 2.29
N LEU A 254 -22.20 40.48 1.42
CA LEU A 254 -21.32 39.98 0.37
C LEU A 254 -21.82 40.48 -0.97
N HIS A 255 -21.18 41.51 -1.52
CA HIS A 255 -21.48 42.00 -2.86
C HIS A 255 -21.49 40.85 -3.88
N SER A 256 -22.38 40.94 -4.87
CA SER A 256 -22.64 39.84 -5.84
C SER A 256 -21.42 39.33 -6.60
N ASP A 257 -20.57 40.28 -6.99
CA ASP A 257 -19.47 39.98 -7.89
C ASP A 257 -18.19 39.64 -7.14
N THR A 258 -18.28 39.49 -5.82
CA THR A 258 -17.11 39.40 -4.97
C THR A 258 -16.11 38.37 -5.48
N PHE A 259 -16.59 37.22 -5.94
CA PHE A 259 -15.70 36.11 -6.29
C PHE A 259 -15.46 35.94 -7.79
N SER A 260 -15.92 36.90 -8.60
CA SER A 260 -16.03 36.71 -10.06
C SER A 260 -14.71 36.61 -10.82
N HIS A 261 -13.70 37.37 -10.39
CA HIS A 261 -12.38 37.33 -11.06
C HIS A 261 -11.51 36.15 -10.65
N LEU A 262 -12.03 35.28 -9.77
CA LEU A 262 -11.27 34.15 -9.21
C LEU A 262 -11.51 32.86 -10.00
N SER A 263 -11.12 32.86 -11.27
CA SER A 263 -11.46 31.77 -12.18
C SER A 263 -10.60 30.50 -12.06
N ARG A 264 -9.56 30.52 -11.23
CA ARG A 264 -8.83 29.29 -10.92
C ARG A 264 -9.36 28.57 -9.67
N LEU A 265 -10.31 29.22 -8.96
CA LEU A 265 -10.80 28.80 -7.63
C LEU A 265 -11.43 27.40 -7.60
N GLU A 266 -10.75 26.50 -6.88
CA GLU A 266 -11.18 25.12 -6.68
C GLU A 266 -12.02 24.92 -5.40
N GLY A 267 -11.66 25.63 -4.33
CA GLY A 267 -12.35 25.52 -3.06
C GLY A 267 -12.75 26.84 -2.42
N LEU A 268 -14.02 26.95 -2.05
CA LEU A 268 -14.54 28.11 -1.35
C LEU A 268 -15.26 27.68 -0.06
N VAL A 269 -14.96 28.38 1.03
CA VAL A 269 -15.49 28.06 2.34
C VAL A 269 -16.22 29.27 2.85
N LEU A 270 -17.54 29.13 3.01
CA LEU A 270 -18.41 30.16 3.56
C LEU A 270 -19.18 29.63 4.76
N LYS A 271 -18.59 28.67 5.47
CA LYS A 271 -19.29 28.13 6.64
C LYS A 271 -19.49 29.20 7.73
N ASP A 272 -20.52 29.02 8.53
CA ASP A 272 -20.75 29.82 9.71
C ASP A 272 -20.63 31.30 9.39
N SER A 273 -21.39 31.68 8.37
CA SER A 273 -21.44 33.05 7.94
C SER A 273 -22.86 33.60 8.07
N SER A 274 -23.74 32.94 8.83
CA SER A 274 -25.13 33.39 9.03
C SER A 274 -25.91 33.70 7.73
N LEU A 275 -25.65 32.90 6.69
CA LEU A 275 -26.28 33.08 5.38
C LEU A 275 -27.69 32.53 5.38
N TYR A 276 -28.67 33.42 5.14
CA TYR A 276 -30.09 33.06 4.98
C TYR A 276 -30.42 32.81 3.50
N GLN A 277 -29.61 33.35 2.58
CA GLN A 277 -29.86 33.18 1.15
C GLN A 277 -28.58 33.14 0.35
N LEU A 278 -28.54 32.25 -0.64
CA LEU A 278 -27.42 32.15 -1.54
C LEU A 278 -27.68 33.02 -2.75
N ASN A 279 -26.69 33.78 -3.19
CA ASN A 279 -26.79 34.63 -4.38
C ASN A 279 -26.09 33.95 -5.53
N PRO A 280 -26.83 33.51 -6.57
CA PRO A 280 -26.21 32.77 -7.69
C PRO A 280 -25.06 33.48 -8.35
N ARG A 281 -25.05 34.81 -8.26
CA ARG A 281 -23.93 35.61 -8.74
C ARG A 281 -22.63 35.39 -7.95
N TRP A 282 -22.71 34.98 -6.69
CA TRP A 282 -21.49 34.55 -5.98
C TRP A 282 -20.74 33.44 -6.71
N PHE A 283 -21.46 32.55 -7.40
CA PHE A 283 -20.83 31.39 -8.08
C PHE A 283 -20.64 31.51 -9.58
N ARG A 284 -21.05 32.65 -10.16
CA ARG A 284 -20.73 32.98 -11.56
C ARG A 284 -19.21 33.17 -11.77
N GLY A 285 -18.70 32.47 -12.77
CA GLY A 285 -17.28 32.50 -13.10
C GLY A 285 -16.42 31.46 -12.41
N LEU A 286 -16.99 30.71 -11.45
CA LEU A 286 -16.26 29.68 -10.67
C LEU A 286 -16.50 28.31 -11.32
N GLY A 287 -15.88 28.13 -12.47
CA GLY A 287 -16.05 26.94 -13.29
C GLY A 287 -15.01 25.88 -13.04
N ASN A 288 -14.03 26.19 -12.19
CA ASN A 288 -13.11 25.16 -11.67
C ASN A 288 -13.53 24.70 -10.25
N LEU A 289 -14.68 25.16 -9.74
CA LEU A 289 -15.06 24.94 -8.34
C LEU A 289 -15.44 23.49 -8.03
N THR A 290 -14.60 22.83 -7.23
CA THR A 290 -14.80 21.44 -6.84
C THR A 290 -15.25 21.24 -5.37
N VAL A 291 -15.10 22.26 -4.51
CA VAL A 291 -15.41 22.10 -3.10
C VAL A 291 -16.10 23.35 -2.61
N LEU A 292 -17.26 23.18 -2.00
CA LEU A 292 -18.03 24.29 -1.48
C LEU A 292 -18.50 23.93 -0.10
N ASP A 293 -18.05 24.66 0.90
CA ASP A 293 -18.50 24.47 2.27
C ASP A 293 -19.47 25.57 2.63
N LEU A 294 -20.73 25.20 2.82
CA LEU A 294 -21.76 26.13 3.25
C LEU A 294 -22.33 25.77 4.64
N SER A 295 -21.55 25.05 5.42
CA SER A 295 -22.07 24.52 6.67
C SER A 295 -22.37 25.63 7.70
N GLU A 296 -23.21 25.32 8.68
CA GLU A 296 -23.52 26.19 9.84
C GLU A 296 -24.10 27.57 9.46
N ASN A 297 -24.83 27.57 8.35
CA ASN A 297 -25.55 28.75 7.91
C ASN A 297 -27.04 28.55 8.24
N PHE A 298 -27.92 29.31 7.60
CA PHE A 298 -29.35 29.18 7.81
C PHE A 298 -30.08 28.83 6.50
N LEU A 299 -29.51 27.93 5.70
CA LEU A 299 -30.03 27.63 4.35
C LEU A 299 -31.09 26.49 4.28
N TYR A 300 -31.73 26.17 5.40
CA TYR A 300 -32.75 25.12 5.45
C TYR A 300 -33.84 25.38 4.46
N ASP A 301 -34.26 26.64 4.33
CA ASP A 301 -35.31 26.97 3.38
C ASP A 301 -34.71 27.18 2.00
N CYS A 302 -33.56 27.86 1.91
CA CYS A 302 -32.94 28.10 0.59
C CYS A 302 -32.54 26.83 -0.17
N ILE A 303 -32.33 25.69 0.50
CA ILE A 303 -31.99 24.42 -0.21
C ILE A 303 -33.20 23.68 -0.81
N THR A 304 -34.42 24.14 -0.49
CA THR A 304 -35.64 23.65 -1.13
C THR A 304 -35.93 24.37 -2.46
N LYS A 305 -35.45 25.61 -2.61
CA LYS A 305 -35.82 26.54 -3.73
C LYS A 305 -34.67 26.93 -4.69
N THR A 306 -33.47 27.17 -4.15
CA THR A 306 -32.38 27.87 -4.86
C THR A 306 -32.02 27.28 -6.23
N LYS A 307 -31.61 28.19 -7.11
CA LYS A 307 -31.07 27.85 -8.41
C LYS A 307 -29.56 28.12 -8.40
N ALA A 308 -28.99 28.41 -7.24
CA ALA A 308 -27.61 28.85 -7.16
C ALA A 308 -26.62 27.78 -7.64
N PHE A 309 -27.02 26.52 -7.59
CA PHE A 309 -26.14 25.42 -7.97
C PHE A 309 -26.10 25.15 -9.47
N GLN A 310 -27.13 25.59 -10.20
CA GLN A 310 -27.30 25.33 -11.65
C GLN A 310 -26.00 25.26 -12.47
N GLY A 311 -25.11 26.23 -12.28
CA GLY A 311 -23.89 26.35 -13.08
C GLY A 311 -22.65 25.53 -12.69
N LEU A 312 -22.73 24.80 -11.57
CA LEU A 312 -21.55 24.22 -10.93
C LEU A 312 -21.30 22.81 -11.44
N ALA A 313 -20.89 22.74 -12.69
CA ALA A 313 -20.69 21.50 -13.41
C ALA A 313 -19.60 20.61 -12.79
N GLN A 314 -18.58 21.22 -12.20
CA GLN A 314 -17.37 20.52 -11.69
C GLN A 314 -17.38 20.24 -10.19
N LEU A 315 -18.46 20.63 -9.50
CA LEU A 315 -18.51 20.52 -8.05
C LEU A 315 -18.50 19.07 -7.59
N ARG A 316 -17.61 18.75 -6.65
CA ARG A 316 -17.44 17.39 -6.16
C ARG A 316 -17.87 17.16 -4.71
N ARG A 317 -17.61 18.13 -3.83
CA ARG A 317 -18.02 18.01 -2.43
C ARG A 317 -18.79 19.26 -2.01
N LEU A 318 -20.02 19.05 -1.56
CA LEU A 318 -20.83 20.14 -1.08
C LEU A 318 -21.18 19.87 0.37
N ASN A 319 -20.73 20.76 1.26
CA ASN A 319 -21.04 20.62 2.66
C ASN A 319 -22.15 21.60 3.05
N LEU A 320 -23.33 21.04 3.34
CA LEU A 320 -24.51 21.79 3.80
C LEU A 320 -24.92 21.46 5.25
N SER A 321 -24.00 20.86 6.01
CA SER A 321 -24.30 20.38 7.34
C SER A 321 -24.58 21.49 8.38
N PHE A 322 -25.37 21.14 9.38
CA PHE A 322 -25.81 22.07 10.43
C PHE A 322 -26.46 23.35 9.96
N ASN A 323 -27.17 23.26 8.83
CA ASN A 323 -28.01 24.34 8.36
C ASN A 323 -29.42 24.10 8.90
N TYR A 324 -29.57 24.27 10.20
CA TYR A 324 -30.82 23.93 10.89
C TYR A 324 -31.53 25.19 11.37
N HIS A 325 -32.86 25.14 11.41
CA HIS A 325 -33.68 26.24 11.92
C HIS A 325 -33.71 26.15 13.45
N LYS A 326 -33.37 27.26 14.11
CA LYS A 326 -33.34 27.33 15.57
C LYS A 326 -34.61 26.79 16.16
N LYS A 327 -34.44 25.96 17.19
CA LYS A 327 -35.53 25.38 18.00
C LYS A 327 -36.46 24.42 17.25
N VAL A 328 -36.18 24.06 16.00
CA VAL A 328 -37.09 23.18 15.27
C VAL A 328 -36.39 22.15 14.39
N SER A 329 -37.13 21.06 14.16
CA SER A 329 -36.88 20.13 13.10
C SER A 329 -38.08 20.21 12.16
N PHE A 330 -37.84 19.89 10.89
CA PHE A 330 -38.86 19.95 9.86
C PHE A 330 -39.54 18.63 9.72
N ALA A 331 -40.82 18.66 9.39
CA ALA A 331 -41.59 17.47 9.07
C ALA A 331 -41.09 16.84 7.78
N HIS A 332 -40.77 17.68 6.81
CA HIS A 332 -40.38 17.24 5.45
C HIS A 332 -39.25 18.12 4.97
N LEU A 333 -38.50 17.62 4.02
CA LEU A 333 -37.52 18.43 3.32
C LEU A 333 -37.43 17.88 1.92
N THR A 334 -37.54 18.78 0.95
CA THR A 334 -37.43 18.41 -0.45
C THR A 334 -36.32 19.25 -1.07
N LEU A 335 -35.31 18.61 -1.62
CA LEU A 335 -34.18 19.34 -2.15
C LEU A 335 -34.62 20.01 -3.44
N ALA A 336 -33.98 21.14 -3.72
CA ALA A 336 -34.21 21.89 -4.96
C ALA A 336 -33.92 21.04 -6.20
N PRO A 337 -34.70 21.26 -7.29
CA PRO A 337 -34.38 20.56 -8.55
C PRO A 337 -33.00 20.93 -9.09
N SER A 338 -32.51 22.13 -8.79
CA SER A 338 -31.18 22.57 -9.20
C SER A 338 -30.03 21.62 -8.80
N PHE A 339 -30.16 20.93 -7.68
CA PHE A 339 -29.20 19.87 -7.27
C PHE A 339 -28.92 18.83 -8.35
N GLY A 340 -29.92 18.56 -9.19
CA GLY A 340 -29.84 17.59 -10.27
C GLY A 340 -28.87 17.93 -11.39
N SER A 341 -28.45 19.18 -11.46
CA SER A 341 -27.45 19.56 -12.45
C SER A 341 -26.00 19.38 -11.96
N LEU A 342 -25.80 19.03 -10.70
CA LEU A 342 -24.45 18.85 -10.15
C LEU A 342 -23.82 17.53 -10.60
N LEU A 343 -23.48 17.46 -11.88
CA LEU A 343 -23.15 16.18 -12.52
C LEU A 343 -21.86 15.53 -12.01
N SER A 344 -20.93 16.32 -11.49
CA SER A 344 -19.67 15.79 -10.96
C SER A 344 -19.72 15.45 -9.46
N LEU A 345 -20.80 15.84 -8.78
CA LEU A 345 -20.96 15.62 -7.33
C LEU A 345 -20.65 14.19 -6.86
N GLN A 346 -19.71 14.06 -5.92
CA GLN A 346 -19.32 12.76 -5.35
C GLN A 346 -19.72 12.57 -3.88
N GLU A 347 -19.99 13.67 -3.18
CA GLU A 347 -19.96 13.69 -1.73
C GLU A 347 -20.90 14.83 -1.34
N LEU A 348 -21.98 14.52 -0.62
CA LEU A 348 -22.94 15.54 -0.15
C LEU A 348 -23.16 15.36 1.34
N ASP A 349 -22.88 16.41 2.12
CA ASP A 349 -23.10 16.41 3.58
C ASP A 349 -24.36 17.18 3.94
N MET A 350 -25.37 16.48 4.44
CA MET A 350 -26.62 17.07 4.92
C MET A 350 -26.89 16.78 6.41
N HIS A 351 -25.86 16.47 7.19
CA HIS A 351 -26.05 16.07 8.56
C HIS A 351 -26.39 17.28 9.41
N GLY A 352 -27.21 17.09 10.43
CA GLY A 352 -27.54 18.19 11.34
C GLY A 352 -28.43 19.30 10.83
N ILE A 353 -29.29 19.02 9.85
CA ILE A 353 -30.29 19.99 9.38
C ILE A 353 -31.56 19.90 10.21
N PHE A 354 -31.91 18.68 10.61
CA PHE A 354 -33.06 18.36 11.48
C PHE A 354 -34.33 18.34 10.66
N PHE A 355 -34.69 17.12 10.21
CA PHE A 355 -35.92 16.89 9.47
C PHE A 355 -36.39 15.46 9.69
N ARG A 356 -37.68 15.31 9.95
CA ARG A 356 -38.20 14.08 10.58
C ARG A 356 -38.51 12.92 9.63
N SER A 357 -38.45 13.14 8.31
CA SER A 357 -38.90 12.12 7.34
C SER A 357 -37.95 12.07 6.18
N LEU A 358 -37.56 10.88 5.77
CA LEU A 358 -36.70 10.70 4.62
C LEU A 358 -37.49 9.85 3.60
N SER A 359 -37.89 10.48 2.49
CA SER A 359 -38.77 9.84 1.49
C SER A 359 -38.19 9.97 0.07
N GLN A 360 -38.88 9.37 -0.90
CA GLN A 360 -38.53 9.52 -2.33
C GLN A 360 -38.33 10.99 -2.75
N LYS A 361 -39.27 11.85 -2.36
CA LYS A 361 -39.22 13.28 -2.71
C LYS A 361 -37.98 13.99 -2.16
N THR A 362 -37.45 13.55 -1.01
CA THR A 362 -36.39 14.28 -0.33
C THR A 362 -35.10 14.38 -1.13
N LEU A 363 -34.73 13.28 -1.79
CA LEU A 363 -33.45 13.22 -2.51
C LEU A 363 -33.57 12.99 -4.04
N GLN A 364 -34.76 13.17 -4.61
CA GLN A 364 -35.05 12.86 -6.02
C GLN A 364 -34.10 13.49 -7.05
N PRO A 365 -33.66 14.75 -6.84
CA PRO A 365 -32.65 15.34 -7.74
C PRO A 365 -31.32 14.58 -7.77
N LEU A 366 -30.93 14.01 -6.64
CA LEU A 366 -29.64 13.36 -6.49
C LEU A 366 -29.60 11.99 -7.18
N ALA A 367 -30.77 11.44 -7.51
CA ALA A 367 -30.92 10.04 -7.89
C ALA A 367 -30.22 9.62 -9.19
N ARG A 368 -29.97 10.56 -10.09
CA ARG A 368 -29.31 10.22 -11.34
C ARG A 368 -27.96 10.87 -11.52
N LEU A 369 -27.44 11.50 -10.48
CA LEU A 369 -26.05 11.99 -10.49
C LEU A 369 -25.12 10.77 -10.50
N PRO A 370 -24.35 10.57 -11.58
CA PRO A 370 -23.63 9.29 -11.73
C PRO A 370 -22.38 9.08 -10.87
N MET A 371 -21.80 10.15 -10.32
CA MET A 371 -20.58 10.05 -9.49
C MET A 371 -20.85 10.05 -7.98
N LEU A 372 -22.10 10.18 -7.55
CA LEU A 372 -22.42 10.39 -6.13
C LEU A 372 -22.17 9.11 -5.31
N GLN A 373 -21.11 9.16 -4.51
CA GLN A 373 -20.61 8.01 -3.78
C GLN A 373 -20.93 8.09 -2.30
N ARG A 374 -20.73 9.24 -1.68
CA ARG A 374 -20.83 9.37 -0.25
C ARG A 374 -21.95 10.33 0.13
N LEU A 375 -22.75 9.95 1.11
CA LEU A 375 -23.96 10.69 1.43
C LEU A 375 -24.18 10.67 2.93
N TYR A 376 -23.97 11.82 3.57
CA TYR A 376 -24.01 11.95 5.03
C TYR A 376 -25.32 12.53 5.49
N LEU A 377 -26.10 11.72 6.21
CA LEU A 377 -27.46 12.07 6.62
C LEU A 377 -27.66 11.92 8.13
N GLN A 378 -26.54 11.94 8.88
CA GLN A 378 -26.61 11.70 10.32
C GLN A 378 -27.20 12.91 11.10
N MET A 379 -27.59 12.67 12.36
CA MET A 379 -28.00 13.70 13.30
C MET A 379 -29.10 14.58 12.78
N ASN A 380 -30.12 13.97 12.16
CA ASN A 380 -31.23 14.72 11.57
C ASN A 380 -32.57 14.49 12.27
N PHE A 381 -32.57 13.81 13.42
CA PHE A 381 -33.84 13.43 14.10
C PHE A 381 -34.85 12.76 13.14
N ILE A 382 -34.34 11.99 12.18
CA ILE A 382 -35.19 11.27 11.22
C ILE A 382 -35.87 10.09 11.93
N ASN A 383 -37.21 10.03 11.92
CA ASN A 383 -37.95 8.86 12.49
C ASN A 383 -38.70 8.01 11.49
N GLN A 384 -38.89 8.51 10.27
CA GLN A 384 -39.34 7.66 9.16
C GLN A 384 -38.37 7.74 7.98
N ALA A 385 -38.02 6.59 7.42
CA ALA A 385 -37.05 6.56 6.34
C ALA A 385 -37.28 5.38 5.41
N GLN A 386 -37.73 5.66 4.19
CA GLN A 386 -37.83 4.65 3.16
C GLN A 386 -36.43 4.43 2.58
N LEU A 387 -35.77 3.38 3.03
CA LEU A 387 -34.41 3.09 2.59
C LEU A 387 -34.33 2.58 1.16
N GLY A 388 -35.47 2.17 0.59
CA GLY A 388 -35.55 1.78 -0.81
C GLY A 388 -35.26 2.87 -1.80
N ILE A 389 -35.34 4.12 -1.36
CA ILE A 389 -34.97 5.24 -2.23
C ILE A 389 -33.56 5.12 -2.81
N PHE A 390 -32.65 4.51 -2.07
CA PHE A 390 -31.25 4.38 -2.49
C PHE A 390 -31.00 3.31 -3.55
N LYS A 391 -31.93 2.39 -3.77
CA LYS A 391 -31.79 1.30 -4.74
C LYS A 391 -31.10 1.70 -6.05
N ASP A 392 -31.74 2.61 -6.79
CA ASP A 392 -31.30 2.98 -8.15
C ASP A 392 -30.31 4.13 -8.21
N PHE A 393 -29.69 4.52 -7.07
CA PHE A 393 -28.59 5.52 -7.09
C PHE A 393 -27.36 4.85 -7.75
N PRO A 394 -26.93 5.34 -8.93
CA PRO A 394 -25.95 4.60 -9.76
C PRO A 394 -24.53 4.34 -9.20
N GLY A 395 -24.05 5.20 -8.30
CA GLY A 395 -22.67 5.08 -7.83
C GLY A 395 -22.47 5.06 -6.32
N LEU A 396 -23.55 4.86 -5.55
CA LEU A 396 -23.49 4.99 -4.09
C LEU A 396 -22.58 3.94 -3.44
N ARG A 397 -21.69 4.42 -2.57
CA ARG A 397 -20.76 3.60 -1.79
C ARG A 397 -20.95 3.69 -0.26
N TYR A 398 -21.59 4.74 0.24
CA TYR A 398 -21.60 5.01 1.67
C TYR A 398 -22.75 5.95 2.05
N ILE A 399 -23.60 5.49 2.96
CA ILE A 399 -24.70 6.31 3.47
C ILE A 399 -24.52 6.32 4.97
N ASP A 400 -24.37 7.48 5.55
CA ASP A 400 -24.36 7.59 7.00
C ASP A 400 -25.71 8.08 7.45
N LEU A 401 -26.49 7.21 8.08
CA LEU A 401 -27.77 7.56 8.65
C LEU A 401 -27.77 7.38 10.18
N SER A 402 -26.58 7.47 10.78
CA SER A 402 -26.41 7.25 12.21
C SER A 402 -26.98 8.42 13.03
N ASP A 403 -27.17 8.22 14.33
CA ASP A 403 -27.73 9.23 15.25
C ASP A 403 -29.06 9.83 14.74
N ASN A 404 -29.95 8.95 14.30
CA ASN A 404 -31.29 9.34 13.89
C ASN A 404 -32.24 8.51 14.73
N ARG A 405 -33.56 8.68 14.53
CA ARG A 405 -34.59 8.04 15.33
C ARG A 405 -35.41 7.00 14.54
N ILE A 406 -34.76 6.35 13.58
CA ILE A 406 -35.37 5.29 12.77
C ILE A 406 -35.54 4.03 13.62
N SER A 407 -36.73 3.44 13.60
CA SER A 407 -37.04 2.21 14.36
C SER A 407 -37.55 1.01 13.52
N GLY A 408 -37.63 1.16 12.21
CA GLY A 408 -38.12 0.10 11.34
C GLY A 408 -38.36 0.54 9.91
N ALA A 409 -39.18 -0.24 9.22
CA ALA A 409 -39.69 0.12 7.88
C ALA A 409 -40.80 1.15 8.01
N VAL A 410 -41.01 1.95 6.96
CA VAL A 410 -42.09 2.97 6.94
C VAL A 410 -43.50 2.38 7.01
N GLU A 411 -44.46 3.20 7.45
CA GLU A 411 -45.90 2.82 7.58
C GLU A 411 -46.57 2.34 6.28
N SER A 442 -8.03 -2.79 16.03
CA SER A 442 -7.25 -3.79 15.31
C SER A 442 -8.13 -4.54 14.31
N GLU A 443 -7.81 -4.38 13.02
CA GLU A 443 -8.51 -5.06 11.92
C GLU A 443 -8.05 -6.51 11.67
N ASP A 444 -7.05 -6.96 12.44
CA ASP A 444 -6.74 -8.39 12.60
C ASP A 444 -7.99 -9.15 13.07
N PHE A 445 -8.67 -8.58 14.09
CA PHE A 445 -9.82 -9.23 14.77
C PHE A 445 -11.18 -8.86 14.17
N MET A 446 -11.33 -7.63 13.68
CA MET A 446 -12.59 -7.19 13.07
C MET A 446 -12.33 -6.21 11.90
N PRO A 447 -12.53 -6.69 10.65
CA PRO A 447 -12.30 -5.81 9.50
C PRO A 447 -13.21 -4.59 9.45
N SER A 448 -12.66 -3.48 8.95
CA SER A 448 -13.46 -2.27 8.66
C SER A 448 -14.16 -2.41 7.31
N CYS A 449 -14.99 -1.42 6.97
CA CYS A 449 -15.77 -1.44 5.72
C CYS A 449 -15.25 -0.50 4.60
N LYS A 450 -14.06 0.08 4.77
CA LYS A 450 -13.49 1.06 3.83
C LYS A 450 -13.28 0.55 2.38
N ASN A 451 -12.65 -0.60 2.20
CA ASN A 451 -12.39 -1.14 0.85
C ASN A 451 -13.62 -1.81 0.19
N LEU A 452 -14.77 -1.82 0.86
CA LEU A 452 -15.98 -2.46 0.33
C LEU A 452 -16.78 -1.46 -0.48
N SER A 453 -17.75 -1.97 -1.24
CA SER A 453 -18.41 -1.19 -2.28
C SER A 453 -19.67 -0.45 -1.85
N PHE A 454 -20.40 -0.95 -0.85
CA PHE A 454 -21.65 -0.33 -0.43
C PHE A 454 -21.92 -0.57 1.07
N THR A 455 -21.90 0.53 1.83
CA THR A 455 -21.99 0.50 3.27
C THR A 455 -23.12 1.40 3.76
N LEU A 456 -23.93 0.90 4.68
CA LEU A 456 -24.97 1.68 5.30
C LEU A 456 -24.70 1.72 6.79
N ASP A 457 -24.55 2.92 7.35
CA ASP A 457 -24.42 3.07 8.79
C ASP A 457 -25.78 3.44 9.37
N LEU A 458 -26.40 2.51 10.14
CA LEU A 458 -27.64 2.77 10.87
C LEU A 458 -27.44 2.74 12.38
N SER A 459 -26.21 3.05 12.83
CA SER A 459 -25.86 2.94 14.23
C SER A 459 -26.50 4.09 14.98
N ARG A 460 -26.67 3.94 16.30
CA ARG A 460 -27.27 5.01 17.11
C ARG A 460 -28.67 5.44 16.58
N ASN A 461 -29.46 4.43 16.24
CA ASN A 461 -30.89 4.55 15.94
C ASN A 461 -31.72 3.81 16.98
N ASN A 462 -33.04 3.76 16.80
CA ASN A 462 -33.97 3.23 17.80
C ASN A 462 -34.62 1.87 17.46
N LEU A 463 -33.90 1.03 16.73
CA LEU A 463 -34.37 -0.32 16.43
C LEU A 463 -34.38 -1.16 17.71
N VAL A 464 -35.53 -1.76 17.98
CA VAL A 464 -35.67 -2.73 19.06
C VAL A 464 -35.83 -4.14 18.51
N THR A 465 -36.28 -4.30 17.27
CA THR A 465 -36.17 -5.60 16.56
C THR A 465 -35.66 -5.32 15.15
N VAL A 466 -35.52 -6.36 14.34
CA VAL A 466 -35.11 -6.20 12.99
C VAL A 466 -36.17 -6.87 12.11
N GLN A 467 -36.91 -6.03 11.38
CA GLN A 467 -37.91 -6.44 10.42
C GLN A 467 -37.22 -6.59 9.08
N PRO A 468 -37.33 -7.76 8.44
CA PRO A 468 -36.64 -7.88 7.13
C PRO A 468 -37.14 -6.88 6.07
N GLU A 469 -38.40 -6.48 6.19
CA GLU A 469 -39.04 -5.51 5.31
C GLU A 469 -38.24 -4.21 5.12
N MET A 470 -37.60 -3.67 6.15
CA MET A 470 -36.89 -2.39 6.01
C MET A 470 -35.68 -2.47 5.06
N PHE A 471 -35.13 -3.66 4.88
CA PHE A 471 -33.98 -3.86 3.97
C PHE A 471 -34.38 -4.49 2.64
N ALA A 472 -35.65 -4.45 2.26
CA ALA A 472 -36.13 -5.19 1.06
C ALA A 472 -35.36 -4.87 -0.25
N GLN A 473 -34.98 -3.60 -0.41
CA GLN A 473 -34.37 -3.11 -1.61
C GLN A 473 -32.85 -2.94 -1.49
N LEU A 474 -32.23 -3.48 -0.44
CA LEU A 474 -30.82 -3.26 -0.20
C LEU A 474 -30.00 -4.53 -0.32
N SER A 475 -30.36 -5.40 -1.26
CA SER A 475 -29.62 -6.64 -1.48
C SER A 475 -28.18 -6.46 -1.96
N ARG A 476 -27.85 -5.29 -2.50
CA ARG A 476 -26.48 -4.96 -2.93
C ARG A 476 -25.50 -4.64 -1.77
N LEU A 477 -26.05 -4.33 -0.57
CA LEU A 477 -25.26 -3.99 0.61
C LEU A 477 -24.26 -5.06 0.98
N GLN A 478 -23.01 -4.62 1.17
CA GLN A 478 -21.92 -5.43 1.65
C GLN A 478 -21.57 -5.17 3.13
N CYS A 479 -21.97 -4.02 3.69
CA CYS A 479 -21.68 -3.71 5.09
C CYS A 479 -22.82 -2.93 5.73
N LEU A 480 -23.28 -3.42 6.88
CA LEU A 480 -24.35 -2.80 7.62
C LEU A 480 -23.94 -2.61 9.06
N ARG A 481 -23.95 -1.36 9.52
CA ARG A 481 -23.67 -1.06 10.92
C ARG A 481 -24.96 -0.82 11.62
N LEU A 482 -25.20 -1.61 12.66
CA LEU A 482 -26.40 -1.46 13.48
C LEU A 482 -26.05 -1.34 14.95
N SER A 483 -24.89 -0.80 15.27
CA SER A 483 -24.46 -0.72 16.66
C SER A 483 -25.18 0.39 17.42
N HIS A 484 -25.15 0.29 18.75
CA HIS A 484 -25.79 1.29 19.64
C HIS A 484 -27.24 1.53 19.24
N ASN A 485 -27.97 0.46 18.92
CA ASN A 485 -29.42 0.52 18.78
C ASN A 485 -30.03 0.04 20.12
N SER A 486 -31.25 -0.51 20.15
CA SER A 486 -31.85 -1.03 21.40
C SER A 486 -32.43 -2.39 21.12
N ILE A 487 -31.73 -3.12 20.23
CA ILE A 487 -32.25 -4.35 19.70
C ILE A 487 -32.31 -5.40 20.83
N SER A 488 -33.50 -5.77 21.29
CA SER A 488 -33.64 -6.78 22.36
C SER A 488 -34.30 -8.07 21.85
N GLN A 489 -33.90 -8.47 20.66
CA GLN A 489 -34.57 -9.55 19.95
C GLN A 489 -33.80 -10.87 20.04
N ALA A 490 -34.55 -11.97 20.17
CA ALA A 490 -33.99 -13.33 20.03
C ALA A 490 -33.86 -13.72 18.57
N VAL A 491 -32.82 -13.23 17.91
CA VAL A 491 -32.63 -13.47 16.47
C VAL A 491 -32.68 -14.96 16.13
N ASN A 492 -33.16 -15.28 14.93
CA ASN A 492 -33.44 -16.68 14.59
C ASN A 492 -33.35 -17.08 13.10
N GLY A 493 -32.75 -16.23 12.27
CA GLY A 493 -32.58 -16.54 10.84
C GLY A 493 -33.55 -15.85 9.88
N SER A 494 -34.46 -15.04 10.41
CA SER A 494 -35.52 -14.40 9.59
C SER A 494 -35.45 -12.88 9.58
N GLN A 495 -34.38 -12.30 10.14
CA GLN A 495 -34.33 -10.85 10.31
C GLN A 495 -33.66 -10.11 9.11
N PHE A 496 -32.65 -10.74 8.49
CA PHE A 496 -31.82 -10.08 7.48
C PHE A 496 -31.93 -10.76 6.12
N VAL A 497 -33.07 -11.36 5.83
CA VAL A 497 -33.24 -12.22 4.65
C VAL A 497 -32.76 -11.60 3.30
N PRO A 498 -33.15 -10.34 2.99
CA PRO A 498 -32.78 -9.75 1.70
C PRO A 498 -31.30 -9.47 1.48
N LEU A 499 -30.50 -9.33 2.55
CA LEU A 499 -29.11 -8.83 2.45
C LEU A 499 -28.18 -9.93 1.96
N THR A 500 -28.38 -10.30 0.69
CA THR A 500 -27.71 -11.45 0.08
C THR A 500 -26.23 -11.19 -0.27
N SER A 501 -25.79 -9.93 -0.31
CA SER A 501 -24.37 -9.60 -0.52
C SER A 501 -23.58 -9.28 0.76
N LEU A 502 -24.27 -9.13 1.89
CA LEU A 502 -23.69 -8.58 3.13
C LEU A 502 -22.54 -9.42 3.66
N GLN A 503 -21.38 -8.78 3.78
CA GLN A 503 -20.14 -9.38 4.31
C GLN A 503 -19.82 -9.01 5.76
N VAL A 504 -20.19 -7.82 6.19
CA VAL A 504 -19.87 -7.34 7.53
C VAL A 504 -21.17 -6.85 8.18
N LEU A 505 -21.43 -7.31 9.41
CA LEU A 505 -22.60 -6.91 10.17
C LEU A 505 -22.18 -6.58 11.58
N ASP A 506 -22.24 -5.31 11.95
CA ASP A 506 -21.81 -4.86 13.27
C ASP A 506 -23.07 -4.67 14.08
N LEU A 507 -23.21 -5.47 15.12
CA LEU A 507 -24.37 -5.39 16.01
C LEU A 507 -23.94 -5.09 17.45
N SER A 508 -22.78 -4.48 17.59
CA SER A 508 -22.26 -4.20 18.91
C SER A 508 -23.15 -3.21 19.64
N HIS A 509 -23.03 -3.19 20.97
CA HIS A 509 -23.80 -2.32 21.86
C HIS A 509 -25.30 -2.40 21.59
N ASN A 510 -25.83 -3.62 21.71
CA ASN A 510 -27.27 -3.93 21.63
C ASN A 510 -27.61 -4.94 22.76
N LYS A 511 -28.77 -5.58 22.71
CA LYS A 511 -29.13 -6.61 23.67
C LYS A 511 -29.67 -7.86 22.98
N LEU A 512 -28.99 -8.31 21.92
CA LEU A 512 -29.36 -9.54 21.26
C LEU A 512 -29.29 -10.75 22.20
N ASP A 513 -30.38 -11.53 22.19
CA ASP A 513 -30.50 -12.76 22.98
C ASP A 513 -30.12 -13.90 22.08
N LEU A 514 -28.98 -14.50 22.35
CA LEU A 514 -28.43 -15.54 21.49
C LEU A 514 -28.87 -16.90 22.00
N TYR A 515 -29.74 -17.57 21.23
CA TYR A 515 -30.52 -18.68 21.73
C TYR A 515 -31.00 -19.60 20.60
N HIS A 516 -31.69 -19.06 19.60
CA HIS A 516 -32.12 -19.89 18.45
C HIS A 516 -30.91 -20.31 17.58
N GLY A 517 -30.98 -21.51 17.03
CA GLY A 517 -29.85 -22.13 16.37
C GLY A 517 -29.52 -21.66 14.97
N ARG A 518 -30.41 -20.89 14.34
CA ARG A 518 -30.24 -20.51 12.94
C ARG A 518 -30.13 -19.00 12.73
N SER A 519 -29.91 -18.27 13.81
CA SER A 519 -29.63 -16.84 13.71
C SER A 519 -28.43 -16.56 12.76
N PHE A 520 -28.64 -15.57 11.91
CA PHE A 520 -27.66 -15.15 10.92
C PHE A 520 -27.43 -16.14 9.75
N THR A 521 -27.99 -17.34 9.76
CA THR A 521 -27.77 -18.27 8.66
C THR A 521 -28.32 -17.80 7.32
N GLU A 522 -29.26 -16.84 7.36
CA GLU A 522 -29.80 -16.17 6.16
C GLU A 522 -28.89 -15.19 5.41
N LEU A 523 -27.65 -14.98 5.90
CA LEU A 523 -26.66 -14.10 5.28
C LEU A 523 -25.60 -14.96 4.66
N PRO A 524 -25.83 -15.42 3.42
CA PRO A 524 -24.91 -16.41 2.80
C PRO A 524 -23.45 -15.97 2.66
N ARG A 525 -23.17 -14.67 2.54
CA ARG A 525 -21.80 -14.16 2.36
C ARG A 525 -21.16 -13.58 3.62
N LEU A 526 -21.80 -13.73 4.78
CA LEU A 526 -21.33 -13.16 6.04
C LEU A 526 -19.94 -13.67 6.38
N GLU A 527 -19.02 -12.73 6.49
CA GLU A 527 -17.62 -12.96 6.86
C GLU A 527 -17.24 -12.36 8.19
N ALA A 528 -17.88 -11.28 8.62
CA ALA A 528 -17.48 -10.65 9.88
C ALA A 528 -18.70 -10.20 10.63
N LEU A 529 -18.77 -10.56 11.89
CA LEU A 529 -19.96 -10.36 12.71
C LEU A 529 -19.56 -9.86 14.08
N ASP A 530 -19.99 -8.67 14.44
CA ASP A 530 -19.63 -8.09 15.72
C ASP A 530 -20.81 -8.16 16.69
N LEU A 531 -20.68 -9.01 17.69
CA LEU A 531 -21.69 -9.16 18.73
C LEU A 531 -21.18 -8.68 20.10
N SER A 532 -20.25 -7.74 20.09
CA SER A 532 -19.64 -7.26 21.34
C SER A 532 -20.60 -6.35 22.08
N TYR A 533 -20.37 -6.18 23.38
CA TYR A 533 -21.19 -5.33 24.26
C TYR A 533 -22.69 -5.61 24.06
N ASN A 534 -23.04 -6.89 24.03
CA ASN A 534 -24.43 -7.36 24.06
C ASN A 534 -24.54 -8.19 25.34
N SER A 535 -24.18 -7.53 26.43
CA SER A 535 -23.95 -8.19 27.73
C SER A 535 -25.22 -8.49 28.52
N GLN A 536 -26.25 -7.66 28.41
CA GLN A 536 -27.41 -7.72 29.34
C GLN A 536 -28.08 -9.11 29.40
N PRO A 537 -28.26 -9.80 28.25
CA PRO A 537 -28.74 -11.19 28.29
C PRO A 537 -27.88 -12.13 29.10
N PHE A 538 -26.55 -12.02 28.98
CA PHE A 538 -25.63 -12.91 29.71
C PHE A 538 -25.54 -12.59 31.21
N SER A 539 -26.00 -11.40 31.63
CA SER A 539 -26.11 -11.06 33.05
C SER A 539 -27.34 -11.61 33.73
N MET A 540 -28.23 -12.25 32.96
CA MET A 540 -29.52 -12.75 33.43
C MET A 540 -29.28 -14.06 34.18
N ARG A 541 -29.07 -13.96 35.49
CA ARG A 541 -28.63 -15.11 36.32
C ARG A 541 -29.70 -16.17 36.45
N GLY A 542 -29.36 -17.39 36.01
CA GLY A 542 -30.31 -18.48 35.86
C GLY A 542 -30.92 -18.67 34.46
N VAL A 543 -30.66 -17.76 33.52
CA VAL A 543 -31.08 -17.94 32.13
C VAL A 543 -29.84 -18.14 31.28
N GLY A 544 -29.75 -19.29 30.64
CA GLY A 544 -28.61 -19.68 29.80
C GLY A 544 -28.74 -19.24 28.35
N HIS A 545 -27.71 -19.50 27.55
CA HIS A 545 -27.69 -19.06 26.16
C HIS A 545 -26.94 -20.01 25.26
N ASN A 546 -27.33 -20.00 24.00
CA ASN A 546 -26.92 -21.01 23.03
C ASN A 546 -26.17 -20.31 21.90
N LEU A 547 -24.93 -20.73 21.69
CA LEU A 547 -24.04 -20.20 20.64
C LEU A 547 -23.82 -21.23 19.53
N SER A 548 -24.72 -22.21 19.39
CA SER A 548 -24.56 -23.26 18.37
C SER A 548 -24.70 -22.74 16.96
N PHE A 549 -25.33 -21.58 16.81
CA PHE A 549 -25.45 -20.93 15.51
C PHE A 549 -24.15 -20.69 14.78
N VAL A 550 -23.09 -20.43 15.53
CA VAL A 550 -21.78 -20.11 14.93
C VAL A 550 -21.34 -21.21 13.96
N ALA A 551 -21.62 -22.46 14.29
CA ALA A 551 -21.29 -23.59 13.45
C ALA A 551 -22.06 -23.62 12.14
N GLN A 552 -23.19 -22.90 12.08
CA GLN A 552 -24.05 -22.82 10.89
C GLN A 552 -23.76 -21.63 9.97
N LEU A 553 -22.68 -20.89 10.24
CA LEU A 553 -22.28 -19.73 9.41
C LEU A 553 -21.03 -20.06 8.58
N PRO A 554 -21.23 -20.74 7.43
CA PRO A 554 -20.14 -21.41 6.70
C PRO A 554 -18.98 -20.58 6.18
N THR A 555 -19.16 -19.27 5.95
CA THR A 555 -18.05 -18.38 5.53
C THR A 555 -17.60 -17.33 6.58
N LEU A 556 -18.03 -17.51 7.83
CA LEU A 556 -17.70 -16.57 8.88
C LEU A 556 -16.20 -16.67 9.18
N ARG A 557 -15.52 -15.54 9.11
CA ARG A 557 -14.09 -15.46 9.37
C ARG A 557 -13.73 -14.69 10.61
N TYR A 558 -14.56 -13.73 10.99
CA TYR A 558 -14.29 -12.86 12.14
C TYR A 558 -15.52 -12.84 13.03
N LEU A 559 -15.32 -13.03 14.33
CA LEU A 559 -16.42 -13.02 15.28
C LEU A 559 -15.97 -12.33 16.55
N SER A 560 -16.72 -11.33 17.01
CA SER A 560 -16.45 -10.70 18.31
C SER A 560 -17.56 -11.07 19.29
N LEU A 561 -17.17 -11.62 20.44
CA LEU A 561 -18.11 -11.80 21.57
C LEU A 561 -17.60 -11.00 22.76
N ALA A 562 -16.90 -9.91 22.45
CA ALA A 562 -16.18 -9.16 23.46
C ALA A 562 -17.12 -8.40 24.41
N HIS A 563 -16.65 -8.19 25.64
CA HIS A 563 -17.35 -7.39 26.65
C HIS A 563 -18.82 -7.75 26.84
N ASN A 564 -19.10 -9.06 26.81
CA ASN A 564 -20.45 -9.63 27.04
C ASN A 564 -20.66 -10.24 28.43
N GLY A 565 -19.60 -10.33 29.24
CA GLY A 565 -19.67 -10.93 30.56
C GLY A 565 -20.08 -12.38 30.58
N ILE A 566 -19.65 -13.16 29.60
CA ILE A 566 -20.07 -14.54 29.45
C ILE A 566 -19.43 -15.38 30.55
N HIS A 567 -20.26 -15.91 31.47
CA HIS A 567 -19.74 -16.54 32.67
C HIS A 567 -20.33 -17.92 33.05
N SER A 568 -21.59 -18.16 32.79
CA SER A 568 -22.21 -19.46 33.08
C SER A 568 -23.34 -19.77 32.13
N ARG A 569 -23.80 -21.02 32.18
CA ARG A 569 -24.93 -21.47 31.37
C ARG A 569 -24.80 -21.08 29.90
N VAL A 570 -23.73 -21.49 29.24
CA VAL A 570 -23.60 -21.32 27.78
C VAL A 570 -23.12 -22.59 27.16
N SER A 571 -23.12 -22.60 25.82
CA SER A 571 -22.66 -23.72 25.04
C SER A 571 -21.30 -24.18 25.50
N GLN A 572 -21.13 -25.48 25.58
CA GLN A 572 -19.86 -26.06 26.02
C GLN A 572 -18.73 -25.92 25.01
N GLN A 573 -19.08 -25.85 23.72
CA GLN A 573 -18.10 -25.73 22.65
C GLN A 573 -18.53 -24.72 21.63
N LEU A 574 -17.57 -23.94 21.14
CA LEU A 574 -17.72 -23.16 19.90
C LEU A 574 -17.11 -23.99 18.78
N CYS A 575 -17.95 -24.32 17.82
CA CYS A 575 -17.57 -25.13 16.69
C CYS A 575 -17.65 -24.24 15.40
N SER A 576 -16.56 -24.21 14.62
CA SER A 576 -16.54 -23.58 13.29
C SER A 576 -15.36 -24.00 12.46
N THR A 577 -15.60 -24.50 11.25
CA THR A 577 -14.50 -24.91 10.36
C THR A 577 -13.83 -23.71 9.71
N SER A 578 -14.50 -22.57 9.67
CA SER A 578 -14.06 -21.44 8.83
C SER A 578 -13.45 -20.23 9.57
N LEU A 579 -13.79 -20.07 10.85
CA LEU A 579 -13.41 -18.87 11.61
C LEU A 579 -11.89 -18.71 11.76
N TRP A 580 -11.40 -17.49 11.56
CA TRP A 580 -10.00 -17.14 11.69
C TRP A 580 -9.71 -16.37 13.00
N ALA A 581 -10.62 -15.50 13.41
CA ALA A 581 -10.35 -14.63 14.54
C ALA A 581 -11.54 -14.56 15.46
N LEU A 582 -11.28 -14.61 16.75
CA LEU A 582 -12.34 -14.52 17.74
C LEU A 582 -11.88 -13.63 18.87
N ASP A 583 -12.57 -12.51 19.04
CA ASP A 583 -12.35 -11.65 20.18
C ASP A 583 -13.28 -12.10 21.28
N PHE A 584 -12.74 -12.81 22.27
CA PHE A 584 -13.51 -13.21 23.42
C PHE A 584 -13.15 -12.39 24.67
N SER A 585 -12.65 -11.17 24.47
CA SER A 585 -12.15 -10.39 25.61
C SER A 585 -13.30 -9.93 26.49
N GLY A 586 -13.02 -9.50 27.71
CA GLY A 586 -14.08 -8.96 28.60
C GLY A 586 -15.22 -9.94 28.89
N ASN A 587 -14.88 -11.18 29.15
CA ASN A 587 -15.83 -12.19 29.58
C ASN A 587 -15.27 -12.79 30.89
N SER A 588 -15.74 -13.95 31.36
CA SER A 588 -15.19 -14.61 32.53
C SER A 588 -14.99 -16.07 32.25
N LEU A 589 -14.05 -16.36 31.36
CA LEU A 589 -13.50 -17.73 31.26
C LEU A 589 -13.08 -18.27 32.61
N SER A 590 -12.57 -17.40 33.46
CA SER A 590 -12.30 -17.69 34.84
C SER A 590 -13.37 -18.55 35.48
N GLN A 591 -14.60 -18.09 35.41
CA GLN A 591 -15.70 -18.79 36.04
C GLN A 591 -16.06 -20.06 35.25
N MET A 592 -15.92 -20.02 33.92
CA MET A 592 -16.19 -21.16 33.03
C MET A 592 -15.17 -22.28 33.24
N TRP A 593 -13.90 -21.95 33.13
CA TRP A 593 -12.81 -22.92 33.36
C TRP A 593 -12.65 -23.42 34.80
N ALA A 594 -13.29 -22.75 35.75
CA ALA A 594 -13.41 -23.26 37.12
C ALA A 594 -14.50 -24.30 37.32
N GLU A 595 -15.33 -24.54 36.29
CA GLU A 595 -16.58 -25.29 36.44
C GLU A 595 -16.49 -26.73 35.89
N GLY A 596 -15.70 -27.54 36.57
CA GLY A 596 -15.44 -28.92 36.14
C GLY A 596 -14.83 -28.99 34.75
N ASP A 597 -15.08 -30.09 34.08
CA ASP A 597 -14.64 -30.26 32.70
C ASP A 597 -15.52 -29.56 31.64
N LEU A 598 -16.62 -28.90 32.05
CA LEU A 598 -17.68 -28.42 31.14
C LEU A 598 -17.22 -27.61 29.94
N TYR A 599 -16.25 -26.72 30.16
CA TYR A 599 -15.81 -25.72 29.17
C TYR A 599 -14.35 -25.85 28.76
N LEU A 600 -13.68 -26.94 29.09
CA LEU A 600 -12.22 -27.05 28.84
C LEU A 600 -11.86 -27.13 27.37
N ARG A 601 -12.78 -27.66 26.57
CA ARG A 601 -12.62 -27.71 25.12
C ARG A 601 -13.44 -26.61 24.43
N PHE A 602 -13.73 -25.50 25.12
CA PHE A 602 -14.64 -24.44 24.61
C PHE A 602 -14.23 -23.88 23.25
N PHE A 603 -12.93 -23.65 23.05
CA PHE A 603 -12.43 -23.09 21.81
C PHE A 603 -11.88 -24.15 20.84
N GLN A 604 -11.92 -25.42 21.20
CA GLN A 604 -11.21 -26.48 20.44
C GLN A 604 -11.81 -26.74 19.07
N GLY A 605 -13.14 -26.63 18.95
CA GLY A 605 -13.83 -26.83 17.67
C GLY A 605 -13.63 -25.76 16.59
N LEU A 606 -12.84 -24.72 16.92
CA LEU A 606 -12.49 -23.64 15.99
C LEU A 606 -11.26 -24.13 15.24
N ARG A 607 -11.52 -24.99 14.27
CA ARG A 607 -10.49 -25.78 13.61
C ARG A 607 -9.48 -24.96 12.80
N SER A 608 -9.86 -23.78 12.33
CA SER A 608 -8.97 -22.91 11.54
C SER A 608 -8.52 -21.61 12.23
N LEU A 609 -8.83 -21.48 13.51
CA LEU A 609 -8.62 -20.22 14.21
C LEU A 609 -7.14 -19.88 14.25
N ILE A 610 -6.79 -18.67 13.80
CA ILE A 610 -5.40 -18.18 13.90
C ILE A 610 -5.21 -17.07 14.96
N ARG A 611 -6.26 -16.32 15.31
CA ARG A 611 -6.14 -15.24 16.30
C ARG A 611 -7.22 -15.36 17.38
N LEU A 612 -6.82 -15.36 18.64
CA LEU A 612 -7.76 -15.40 19.77
C LEU A 612 -7.40 -14.40 20.82
N ASP A 613 -8.40 -13.66 21.31
CA ASP A 613 -8.23 -12.70 22.39
C ASP A 613 -9.00 -13.13 23.64
N LEU A 614 -8.25 -13.52 24.67
CA LEU A 614 -8.78 -13.89 25.96
C LEU A 614 -8.40 -12.86 27.02
N SER A 615 -8.20 -11.60 26.60
CA SER A 615 -7.86 -10.54 27.54
C SER A 615 -9.06 -10.23 28.47
N GLN A 616 -8.77 -9.60 29.61
CA GLN A 616 -9.78 -9.27 30.62
C GLN A 616 -10.84 -10.36 30.79
N ASN A 617 -10.39 -11.57 31.07
CA ASN A 617 -11.29 -12.66 31.38
C ASN A 617 -11.21 -13.05 32.86
N ARG A 618 -10.79 -12.11 33.71
CA ARG A 618 -10.53 -12.34 35.15
C ARG A 618 -9.73 -13.61 35.49
N LEU A 619 -8.84 -14.03 34.60
CA LEU A 619 -8.10 -15.27 34.78
C LEU A 619 -7.01 -15.13 35.85
N HIS A 620 -7.16 -15.83 36.96
CA HIS A 620 -6.13 -15.92 37.97
C HIS A 620 -5.23 -17.11 37.76
N THR A 621 -5.56 -17.99 36.82
CA THR A 621 -4.85 -19.27 36.67
C THR A 621 -5.17 -19.95 35.32
N LEU A 622 -4.25 -20.77 34.85
CA LEU A 622 -4.45 -21.57 33.62
C LEU A 622 -3.87 -22.96 33.85
N LEU A 623 -4.62 -24.02 33.53
CA LEU A 623 -4.03 -25.38 33.38
C LEU A 623 -3.21 -25.50 32.08
N PRO A 624 -2.13 -26.31 32.09
CA PRO A 624 -1.51 -26.65 30.80
C PRO A 624 -2.44 -27.41 29.83
N CYS A 625 -3.38 -28.20 30.36
CA CYS A 625 -4.45 -28.88 29.56
C CYS A 625 -5.51 -27.95 28.95
N THR A 626 -5.77 -26.84 29.62
CA THR A 626 -6.64 -25.78 29.10
C THR A 626 -6.00 -25.11 27.87
N LEU A 627 -4.73 -24.74 27.96
CA LEU A 627 -4.00 -24.17 26.83
C LEU A 627 -3.77 -25.14 25.65
N GLY A 628 -3.67 -26.44 25.95
CA GLY A 628 -3.49 -27.45 24.89
C GLY A 628 -4.75 -27.74 24.11
N ASN A 629 -5.87 -27.43 24.74
CA ASN A 629 -7.19 -27.57 24.13
C ASN A 629 -7.58 -26.34 23.29
N LEU A 630 -6.67 -25.37 23.14
CA LEU A 630 -6.79 -24.35 22.12
C LEU A 630 -6.33 -24.85 20.75
N PRO A 631 -6.85 -24.24 19.66
CA PRO A 631 -6.54 -24.75 18.32
C PRO A 631 -5.06 -24.72 18.02
N LYS A 632 -4.56 -25.85 17.52
CA LYS A 632 -3.16 -26.00 17.14
C LYS A 632 -2.74 -24.95 16.12
N SER A 633 -3.70 -24.52 15.29
CA SER A 633 -3.49 -23.51 14.25
C SER A 633 -3.17 -22.09 14.73
N LEU A 634 -3.40 -21.81 16.02
CA LEU A 634 -3.20 -20.46 16.58
C LEU A 634 -1.84 -19.80 16.36
N GLN A 635 -1.88 -18.54 15.93
CA GLN A 635 -0.69 -17.72 15.80
C GLN A 635 -0.63 -16.55 16.76
N LEU A 636 -1.77 -15.98 17.13
CA LEU A 636 -1.80 -14.86 18.06
C LEU A 636 -2.67 -15.26 19.22
N LEU A 637 -2.12 -15.14 20.43
CA LEU A 637 -2.92 -15.28 21.64
C LEU A 637 -2.71 -14.07 22.52
N ARG A 638 -3.78 -13.33 22.79
CA ARG A 638 -3.74 -12.26 23.79
C ARG A 638 -4.30 -12.77 25.10
N LEU A 639 -3.62 -12.44 26.21
CA LEU A 639 -4.14 -12.69 27.57
C LEU A 639 -3.89 -11.45 28.40
N ARG A 640 -4.09 -10.29 27.80
CA ARG A 640 -3.80 -9.04 28.45
C ARG A 640 -4.72 -8.79 29.63
N ASN A 641 -4.27 -7.98 30.57
CA ASN A 641 -5.08 -7.51 31.68
C ASN A 641 -5.85 -8.56 32.42
N ASN A 642 -5.24 -9.72 32.63
CA ASN A 642 -5.79 -10.77 33.47
C ASN A 642 -5.10 -10.69 34.86
N TYR A 643 -5.19 -11.73 35.69
CA TYR A 643 -4.54 -11.73 37.01
C TYR A 643 -3.54 -12.90 37.20
N LEU A 644 -2.86 -13.29 36.12
CA LEU A 644 -1.94 -14.40 36.14
C LEU A 644 -0.67 -13.98 36.88
N ALA A 645 -0.30 -14.79 37.87
CA ALA A 645 0.95 -14.62 38.66
C ALA A 645 1.99 -15.68 38.31
N PHE A 646 1.67 -16.58 37.40
CA PHE A 646 2.46 -17.76 37.12
C PHE A 646 2.22 -18.18 35.69
N PHE A 647 3.23 -18.65 35.00
CA PHE A 647 3.01 -19.12 33.65
C PHE A 647 3.99 -20.23 33.36
N ASN A 648 3.43 -21.41 33.11
CA ASN A 648 4.19 -22.60 32.74
C ASN A 648 4.57 -22.46 31.26
N TRP A 649 5.76 -21.90 31.03
CA TRP A 649 6.26 -21.59 29.69
C TRP A 649 6.45 -22.82 28.78
N SER A 650 6.64 -23.99 29.36
CA SER A 650 6.82 -25.23 28.56
C SER A 650 5.57 -25.58 27.75
N SER A 651 4.40 -25.19 28.25
CA SER A 651 3.13 -25.46 27.57
C SER A 651 2.98 -24.71 26.25
N LEU A 652 3.88 -23.76 25.96
CA LEU A 652 3.94 -23.16 24.62
C LEU A 652 4.29 -24.13 23.49
N THR A 653 4.82 -25.32 23.77
CA THR A 653 5.01 -26.30 22.69
C THR A 653 3.71 -26.99 22.26
N LEU A 654 2.67 -26.87 23.07
CA LEU A 654 1.31 -27.29 22.69
C LEU A 654 0.60 -26.33 21.69
N LEU A 655 1.20 -25.17 21.46
CA LEU A 655 0.77 -24.26 20.39
C LEU A 655 1.95 -24.09 19.40
N PRO A 656 2.23 -25.14 18.59
CA PRO A 656 3.37 -25.13 17.66
C PRO A 656 3.50 -23.86 16.80
N ASN A 657 2.35 -23.34 16.32
CA ASN A 657 2.34 -22.23 15.37
C ASN A 657 2.28 -20.83 16.01
N LEU A 658 2.35 -20.73 17.34
CA LEU A 658 2.19 -19.44 18.03
C LEU A 658 3.33 -18.52 17.68
N GLU A 659 3.02 -17.37 17.09
CA GLU A 659 4.01 -16.33 16.75
C GLU A 659 3.98 -15.10 17.69
N THR A 660 2.85 -14.88 18.36
CA THR A 660 2.66 -13.70 19.21
C THR A 660 1.96 -14.05 20.50
N LEU A 661 2.54 -13.68 21.64
CA LEU A 661 1.92 -13.92 22.95
C LEU A 661 1.89 -12.61 23.71
N ASP A 662 0.69 -12.16 24.06
CA ASP A 662 0.55 -10.91 24.78
C ASP A 662 0.09 -11.19 26.21
N LEU A 663 0.98 -10.97 27.17
CA LEU A 663 0.62 -11.12 28.57
C LEU A 663 0.69 -9.78 29.30
N ALA A 664 0.56 -8.68 28.58
CA ALA A 664 0.68 -7.37 29.23
C ALA A 664 -0.39 -7.23 30.32
N GLY A 665 -0.11 -6.47 31.38
CA GLY A 665 -1.12 -6.18 32.40
C GLY A 665 -1.48 -7.30 33.38
N ASN A 666 -0.59 -8.29 33.51
CA ASN A 666 -0.80 -9.38 34.46
C ASN A 666 0.02 -9.10 35.73
N GLN A 667 0.23 -10.09 36.59
CA GLN A 667 1.05 -9.93 37.79
C GLN A 667 2.22 -10.92 37.86
N LEU A 668 2.82 -11.26 36.72
CA LEU A 668 4.05 -12.08 36.76
C LEU A 668 5.12 -11.41 37.66
N LYS A 669 5.59 -12.14 38.67
CA LYS A 669 6.65 -11.68 39.57
C LYS A 669 8.06 -11.93 39.01
N ALA A 670 8.15 -12.79 38.00
CA ALA A 670 9.41 -13.10 37.33
C ALA A 670 9.19 -13.85 36.01
N LEU A 671 10.23 -13.82 35.20
CA LEU A 671 10.34 -14.74 34.07
C LEU A 671 11.21 -15.89 34.56
N SER A 672 10.53 -16.96 34.97
CA SER A 672 11.17 -18.19 35.48
C SER A 672 10.18 -19.38 35.34
N ASN A 673 10.44 -20.47 36.05
CA ASN A 673 9.60 -21.65 36.06
C ASN A 673 9.72 -22.37 34.75
N GLY A 674 10.96 -22.59 34.38
CA GLY A 674 11.33 -23.06 33.06
C GLY A 674 11.80 -21.89 32.23
N SER A 675 12.20 -22.20 31.01
CA SER A 675 12.53 -21.20 30.02
C SER A 675 11.58 -21.31 28.84
N LEU A 676 11.68 -20.38 27.89
CA LEU A 676 10.94 -20.53 26.64
C LEU A 676 11.47 -21.80 25.98
N PRO A 677 10.57 -22.77 25.73
CA PRO A 677 11.02 -24.10 25.37
C PRO A 677 11.59 -24.17 23.96
N SER A 678 12.25 -25.29 23.70
CA SER A 678 12.95 -25.51 22.45
C SER A 678 12.02 -25.45 21.24
N GLY A 679 12.52 -24.87 20.15
CA GLY A 679 11.78 -24.82 18.88
C GLY A 679 10.49 -24.00 18.82
N THR A 680 10.19 -23.21 19.85
CA THR A 680 9.05 -22.30 19.79
C THR A 680 9.18 -21.35 18.59
N GLN A 681 8.07 -21.01 17.93
CA GLN A 681 8.08 -20.09 16.76
C GLN A 681 7.87 -18.61 17.13
N LEU A 682 8.00 -18.29 18.41
CA LEU A 682 7.56 -17.01 18.94
C LEU A 682 8.41 -15.84 18.43
N GLN A 683 7.75 -14.84 17.85
CA GLN A 683 8.39 -13.61 17.36
C GLN A 683 8.17 -12.36 18.22
N ARG A 684 6.97 -12.25 18.79
CA ARG A 684 6.57 -11.10 19.60
C ARG A 684 6.18 -11.59 20.99
N LEU A 685 6.73 -10.96 22.02
CA LEU A 685 6.39 -11.28 23.40
C LEU A 685 6.31 -10.01 24.22
N ASP A 686 5.18 -9.83 24.87
CA ASP A 686 4.88 -8.61 25.58
C ASP A 686 4.57 -9.00 27.01
N VAL A 687 5.50 -8.72 27.90
CA VAL A 687 5.29 -8.97 29.33
C VAL A 687 5.33 -7.65 30.09
N SER A 688 4.82 -6.60 29.45
CA SER A 688 4.82 -5.29 30.06
C SER A 688 3.75 -5.19 31.13
N ARG A 689 3.86 -4.15 31.96
CA ARG A 689 2.91 -3.88 33.03
C ARG A 689 2.60 -5.10 33.92
N ASN A 690 3.65 -5.87 34.21
CA ASN A 690 3.60 -6.91 35.23
C ASN A 690 4.34 -6.38 36.47
N SER A 691 4.69 -7.28 37.41
CA SER A 691 5.63 -6.97 38.51
C SER A 691 6.93 -7.78 38.43
N ILE A 692 7.49 -7.94 37.22
CA ILE A 692 8.70 -8.75 37.04
C ILE A 692 9.97 -8.17 37.73
N ILE A 693 10.52 -8.95 38.68
CA ILE A 693 11.69 -8.56 39.50
C ILE A 693 13.01 -9.04 38.87
N PHE A 694 13.00 -10.25 38.32
CA PHE A 694 14.20 -10.79 37.68
C PHE A 694 13.86 -11.73 36.56
N VAL A 695 14.88 -12.09 35.80
CA VAL A 695 14.76 -13.07 34.72
C VAL A 695 15.86 -14.10 34.89
N VAL A 696 15.48 -15.37 34.80
CA VAL A 696 16.45 -16.47 34.87
C VAL A 696 17.39 -16.45 33.65
N PRO A 697 18.69 -16.77 33.87
CA PRO A 697 19.63 -17.04 32.80
C PRO A 697 19.14 -17.99 31.70
N GLY A 698 19.40 -17.63 30.46
CA GLY A 698 19.03 -18.43 29.29
C GLY A 698 17.56 -18.49 28.95
N PHE A 699 16.77 -17.53 29.46
CA PHE A 699 15.30 -17.60 29.38
C PHE A 699 14.82 -17.50 27.93
N PHE A 700 15.31 -16.49 27.21
CA PHE A 700 14.97 -16.29 25.82
C PHE A 700 15.89 -17.03 24.85
N ALA A 701 16.96 -17.63 25.35
CA ALA A 701 18.01 -18.23 24.49
C ALA A 701 17.47 -19.13 23.38
N LEU A 702 16.49 -19.99 23.71
CA LEU A 702 15.93 -20.96 22.75
C LEU A 702 14.85 -20.40 21.81
N ALA A 703 14.33 -19.20 22.12
CA ALA A 703 13.43 -18.46 21.23
C ALA A 703 14.21 -17.84 20.09
N THR A 704 14.60 -18.69 19.14
CA THR A 704 15.47 -18.25 18.03
C THR A 704 14.77 -17.24 17.10
N ARG A 705 13.43 -17.27 17.06
CA ARG A 705 12.65 -16.35 16.22
C ARG A 705 12.24 -15.02 16.88
N LEU A 706 12.52 -14.84 18.17
CA LEU A 706 12.07 -13.66 18.92
C LEU A 706 12.65 -12.32 18.42
N ARG A 707 11.79 -11.43 17.92
CA ARG A 707 12.21 -10.14 17.39
C ARG A 707 11.85 -8.95 18.27
N GLU A 708 10.68 -9.00 18.91
CA GLU A 708 10.20 -7.88 19.70
C GLU A 708 9.90 -8.36 21.10
N LEU A 709 10.41 -7.64 22.10
CA LEU A 709 10.26 -8.02 23.50
C LEU A 709 9.94 -6.80 24.30
N ASN A 710 8.82 -6.80 24.98
CA ASN A 710 8.42 -5.63 25.78
C ASN A 710 8.53 -5.99 27.26
N LEU A 711 9.52 -5.40 27.93
CA LEU A 711 9.72 -5.58 29.39
C LEU A 711 9.37 -4.31 30.17
N SER A 712 8.66 -3.41 29.50
CA SER A 712 8.33 -2.10 30.04
C SER A 712 7.43 -2.19 31.27
N ALA A 713 7.52 -1.18 32.13
CA ALA A 713 6.66 -1.04 33.33
C ALA A 713 6.63 -2.25 34.26
N ASN A 714 7.82 -2.80 34.52
CA ASN A 714 8.03 -3.85 35.50
C ASN A 714 8.85 -3.29 36.66
N ALA A 715 9.35 -4.16 37.54
CA ALA A 715 10.24 -3.77 38.64
C ALA A 715 11.67 -4.32 38.43
N LEU A 716 12.10 -4.41 37.17
CA LEU A 716 13.44 -4.85 36.84
C LEU A 716 14.48 -3.79 37.24
N ARG A 717 15.46 -4.19 38.06
CA ARG A 717 16.49 -3.27 38.57
C ARG A 717 17.77 -3.32 37.76
N THR A 718 17.78 -4.21 36.79
CA THR A 718 18.91 -4.36 35.91
C THR A 718 18.39 -4.79 34.55
N VAL A 719 19.31 -4.93 33.61
CA VAL A 719 19.07 -5.57 32.32
C VAL A 719 20.35 -6.33 32.01
N GLU A 720 20.23 -7.60 31.65
CA GLU A 720 21.37 -8.50 31.55
C GLU A 720 21.46 -9.20 30.19
N PRO A 721 22.68 -9.31 29.61
CA PRO A 721 22.80 -10.12 28.38
C PRO A 721 22.63 -11.62 28.63
N SER A 722 22.98 -12.07 29.84
CA SER A 722 22.70 -13.43 30.32
C SER A 722 21.28 -13.96 30.11
N TRP A 723 20.28 -13.06 30.06
CA TRP A 723 18.88 -13.43 29.80
C TRP A 723 18.67 -14.02 28.42
N PHE A 724 19.49 -13.56 27.46
CA PHE A 724 19.27 -13.84 26.05
C PHE A 724 20.12 -14.96 25.47
N GLY A 725 20.78 -15.71 26.36
CA GLY A 725 21.87 -16.60 25.94
C GLY A 725 22.94 -15.64 25.47
N PHE A 726 23.22 -15.67 24.17
CA PHE A 726 24.05 -14.65 23.52
C PHE A 726 23.49 -14.31 22.14
N LEU A 727 22.16 -14.20 22.07
CA LEU A 727 21.44 -13.96 20.82
C LEU A 727 20.57 -12.69 20.90
N ALA A 728 20.96 -11.75 21.77
CA ALA A 728 20.28 -10.46 21.92
C ALA A 728 20.39 -9.53 20.69
N GLY A 729 21.43 -9.71 19.87
CA GLY A 729 21.63 -8.89 18.67
C GLY A 729 20.68 -9.15 17.50
N SER A 730 19.84 -10.20 17.59
CA SER A 730 18.75 -10.47 16.62
C SER A 730 17.43 -9.74 16.96
N LEU A 731 17.29 -9.26 18.20
CA LEU A 731 16.12 -8.48 18.62
C LEU A 731 16.00 -7.22 17.82
N GLU A 732 14.86 -7.01 17.18
CA GLU A 732 14.55 -5.75 16.54
C GLU A 732 14.02 -4.72 17.56
N VAL A 733 13.25 -5.16 18.57
CA VAL A 733 12.73 -4.25 19.61
C VAL A 733 12.95 -4.84 21.01
N LEU A 734 13.45 -4.00 21.92
CA LEU A 734 13.63 -4.36 23.32
C LEU A 734 13.26 -3.16 24.17
N ASP A 735 12.03 -3.12 24.66
CA ASP A 735 11.59 -1.98 25.43
C ASP A 735 11.83 -2.29 26.88
N VAL A 736 12.65 -1.47 27.55
CA VAL A 736 12.91 -1.68 28.98
C VAL A 736 12.63 -0.42 29.81
N SER A 737 11.76 0.45 29.28
CA SER A 737 11.41 1.73 29.90
C SER A 737 10.56 1.58 31.17
N ALA A 738 10.43 2.67 31.92
CA ALA A 738 9.74 2.67 33.23
C ALA A 738 10.03 1.41 34.07
N ASN A 739 11.30 1.11 34.22
CA ASN A 739 11.79 0.05 35.12
C ASN A 739 12.72 0.75 36.12
N PRO A 740 12.64 0.41 37.43
CA PRO A 740 13.46 1.11 38.45
C PRO A 740 14.94 0.64 38.47
N LEU A 741 15.64 0.90 37.38
CA LEU A 741 17.00 0.44 37.19
C LEU A 741 17.93 1.02 38.26
N HIS A 742 18.89 0.20 38.69
CA HIS A 742 19.87 0.56 39.71
C HIS A 742 21.08 1.18 39.03
N CYS A 743 21.13 2.50 39.06
CA CYS A 743 22.15 3.27 38.35
C CYS A 743 23.37 3.48 39.26
N ALA A 744 24.16 2.43 39.37
CA ALA A 744 25.37 2.41 40.19
C ALA A 744 26.53 2.66 39.28
N CYS A 745 27.65 3.13 39.83
CA CYS A 745 28.86 3.34 39.04
C CYS A 745 29.26 1.97 38.47
N GLY A 746 29.46 1.91 37.15
CA GLY A 746 29.96 0.74 36.46
C GLY A 746 28.97 -0.40 36.38
N ALA A 747 27.68 -0.08 36.30
CA ALA A 747 26.63 -1.12 36.28
C ALA A 747 26.60 -1.79 34.91
N ALA A 748 26.36 -3.10 34.92
CA ALA A 748 26.50 -3.95 33.73
C ALA A 748 25.56 -3.55 32.60
N PHE A 749 24.34 -3.19 32.98
CA PHE A 749 23.27 -2.83 32.02
C PHE A 749 23.58 -1.68 31.08
N VAL A 750 24.37 -0.71 31.53
CA VAL A 750 24.63 0.48 30.72
C VAL A 750 25.38 0.09 29.45
N ASP A 751 26.37 -0.77 29.64
CA ASP A 751 27.16 -1.26 28.53
C ASP A 751 26.32 -2.10 27.59
N PHE A 752 25.45 -2.90 28.18
CA PHE A 752 24.55 -3.75 27.42
C PHE A 752 23.59 -2.96 26.53
N LEU A 753 22.96 -1.94 27.07
CA LEU A 753 21.95 -1.18 26.31
C LEU A 753 22.56 -0.46 25.09
N LEU A 754 23.83 -0.08 25.21
CA LEU A 754 24.56 0.57 24.13
C LEU A 754 24.97 -0.43 23.05
N GLN A 755 25.24 -1.67 23.43
CA GLN A 755 25.43 -2.76 22.46
C GLN A 755 24.24 -2.89 21.49
N VAL A 756 23.03 -2.81 22.04
CA VAL A 756 21.81 -3.04 21.26
C VAL A 756 20.91 -1.79 21.18
N GLN A 757 21.49 -0.61 21.36
CA GLN A 757 20.73 0.67 21.29
C GLN A 757 19.87 0.85 20.02
N ALA A 758 20.27 0.23 18.92
CA ALA A 758 19.43 0.12 17.74
C ALA A 758 17.98 -0.26 18.07
N ALA A 759 17.82 -1.27 18.95
CA ALA A 759 16.50 -1.85 19.29
C ALA A 759 15.78 -1.27 20.53
N VAL A 760 16.39 -0.34 21.25
CA VAL A 760 15.79 0.17 22.48
C VAL A 760 15.11 1.52 22.23
N PRO A 761 13.78 1.51 22.03
CA PRO A 761 13.11 2.79 21.77
C PRO A 761 13.17 3.71 22.98
N GLY A 762 13.39 5.00 22.71
CA GLY A 762 13.43 6.00 23.76
C GLY A 762 14.61 5.90 24.69
N LEU A 763 15.68 5.19 24.26
CA LEU A 763 16.86 4.97 25.09
C LEU A 763 17.41 6.26 25.71
N PRO A 764 17.54 7.33 24.90
CA PRO A 764 18.13 8.57 25.42
C PRO A 764 17.35 9.32 26.49
N SER A 765 16.05 9.10 26.61
CA SER A 765 15.21 9.91 27.51
C SER A 765 14.28 9.16 28.44
N ARG A 766 13.73 8.02 28.00
CA ARG A 766 12.66 7.32 28.74
C ARG A 766 13.10 6.04 29.50
N VAL A 767 14.38 5.68 29.45
CA VAL A 767 14.94 4.60 30.27
C VAL A 767 15.58 5.26 31.47
N LYS A 768 15.07 4.97 32.66
CA LYS A 768 15.33 5.79 33.85
C LYS A 768 15.82 5.00 35.07
N CYS A 769 16.31 5.73 36.05
CA CYS A 769 16.87 5.16 37.24
C CYS A 769 15.78 5.13 38.30
N GLY A 770 15.70 4.01 39.02
CA GLY A 770 14.89 3.89 40.25
C GLY A 770 15.66 4.08 41.54
N SER A 771 16.98 3.92 41.44
CA SER A 771 17.94 4.14 42.54
C SER A 771 19.34 4.40 41.91
N PRO A 772 20.31 4.99 42.61
CA PRO A 772 20.25 5.38 44.04
C PRO A 772 19.90 6.84 44.28
N GLY A 773 19.54 7.16 45.52
CA GLY A 773 19.12 8.50 45.98
C GLY A 773 18.69 9.58 44.97
N GLN A 774 19.64 10.44 44.63
CA GLN A 774 19.38 11.61 43.79
C GLN A 774 18.95 11.24 42.38
N LEU A 775 19.45 10.11 41.86
CA LEU A 775 19.21 9.68 40.49
C LEU A 775 17.83 9.08 40.19
N GLN A 776 17.05 8.76 41.23
CA GLN A 776 15.69 8.23 41.01
C GLN A 776 14.90 9.20 40.19
N GLY A 777 14.24 8.70 39.15
CA GLY A 777 13.46 9.53 38.26
C GLY A 777 14.22 10.20 37.14
N ARG A 778 15.55 10.20 37.18
CA ARG A 778 16.35 10.82 36.13
C ARG A 778 16.82 9.75 35.13
N SER A 779 17.14 10.17 33.90
CA SER A 779 17.60 9.25 32.85
C SER A 779 18.86 8.49 33.24
N ILE A 780 19.07 7.33 32.61
CA ILE A 780 20.32 6.59 32.83
C ILE A 780 21.54 7.40 32.37
N PHE A 781 21.36 8.25 31.36
CA PHE A 781 22.42 9.13 30.86
C PHE A 781 22.54 10.50 31.54
N ALA A 782 21.79 10.74 32.62
CA ALA A 782 21.94 11.99 33.39
C ALA A 782 23.35 12.20 33.97
N GLN A 783 24.10 11.12 34.14
CA GLN A 783 25.50 11.16 34.55
C GLN A 783 26.14 9.95 33.89
N ASP A 784 27.41 10.05 33.50
CA ASP A 784 28.14 8.91 32.91
C ASP A 784 28.50 7.96 34.06
N LEU A 785 28.19 6.69 33.86
CA LEU A 785 28.37 5.66 34.88
C LEU A 785 29.61 4.77 34.62
N ARG A 786 30.21 4.84 33.42
CA ARG A 786 31.21 3.83 32.96
C ARG A 786 32.67 4.08 33.37
N THR D 7 38.05 -2.05 5.94
CA THR D 7 37.98 -3.52 6.24
C THR D 7 37.16 -4.25 5.16
N LEU D 8 37.55 -5.49 4.87
CA LEU D 8 37.01 -6.24 3.73
C LEU D 8 35.51 -6.54 3.87
N PRO D 9 34.85 -6.91 2.74
CA PRO D 9 33.50 -7.47 2.85
C PRO D 9 33.56 -8.89 3.46
N PRO D 10 32.71 -9.15 4.46
CA PRO D 10 32.90 -10.33 5.32
C PRO D 10 32.82 -11.72 4.68
N PHE D 11 32.22 -11.83 3.49
CA PHE D 11 32.00 -13.15 2.89
C PHE D 11 32.50 -13.30 1.45
N LEU D 12 33.66 -12.74 1.12
CA LEU D 12 34.18 -12.89 -0.26
C LEU D 12 34.28 -14.38 -0.68
N PRO D 13 34.00 -14.75 -1.93
CA PRO D 13 33.59 -13.84 -3.01
C PRO D 13 32.09 -13.48 -3.03
N CYS D 14 31.33 -13.96 -2.06
CA CYS D 14 29.86 -13.78 -2.00
C CYS D 14 29.48 -12.40 -1.42
N GLU D 15 28.18 -12.10 -1.42
CA GLU D 15 27.64 -10.83 -0.92
C GLU D 15 26.71 -11.02 0.28
N LEU D 16 26.95 -10.30 1.37
CA LEU D 16 26.02 -10.27 2.50
C LEU D 16 24.83 -9.44 2.07
N GLN D 17 23.64 -9.89 2.42
CA GLN D 17 22.41 -9.17 2.13
C GLN D 17 21.51 -9.10 3.40
N PRO D 18 20.34 -8.41 3.31
CA PRO D 18 19.44 -8.32 4.46
C PRO D 18 18.78 -9.65 4.87
N HIS D 19 18.37 -9.72 6.14
CA HIS D 19 17.78 -10.91 6.75
C HIS D 19 18.75 -12.10 6.73
N GLY D 20 20.01 -11.81 7.02
CA GLY D 20 21.08 -12.81 7.07
C GLY D 20 21.26 -13.70 5.84
N LEU D 21 21.16 -13.12 4.64
CA LEU D 21 21.31 -13.89 3.40
C LEU D 21 22.71 -13.71 2.82
N VAL D 22 23.44 -14.81 2.64
CA VAL D 22 24.72 -14.74 1.94
C VAL D 22 24.49 -15.27 0.54
N ASN D 23 24.73 -14.41 -0.44
CA ASN D 23 24.40 -14.67 -1.83
C ASN D 23 25.64 -15.00 -2.67
N CYS D 24 25.80 -16.27 -3.03
CA CYS D 24 26.94 -16.73 -3.83
C CYS D 24 26.52 -17.07 -5.25
N ASN D 25 25.42 -16.47 -5.71
CA ASN D 25 24.86 -16.83 -7.01
C ASN D 25 25.74 -16.36 -8.16
N TRP D 26 25.86 -17.20 -9.18
CA TRP D 26 26.42 -16.82 -10.48
C TRP D 26 27.91 -16.42 -10.44
N LEU D 27 28.65 -16.94 -9.47
CA LEU D 27 30.09 -16.70 -9.36
C LEU D 27 30.94 -17.85 -9.89
N PHE D 28 30.34 -18.80 -10.60
CA PHE D 28 31.07 -19.89 -11.27
C PHE D 28 32.01 -20.68 -10.35
N LEU D 29 31.60 -20.83 -9.10
CA LEU D 29 32.41 -21.54 -8.10
C LEU D 29 32.44 -23.04 -8.39
N LYS D 30 33.63 -23.64 -8.26
CA LYS D 30 33.84 -25.09 -8.47
C LYS D 30 33.49 -25.90 -7.23
N SER D 31 33.48 -25.23 -6.07
CA SER D 31 33.05 -25.85 -4.80
C SER D 31 32.67 -24.77 -3.75
N VAL D 32 32.12 -25.23 -2.62
CA VAL D 32 31.46 -24.33 -1.68
C VAL D 32 32.50 -23.54 -0.89
N PRO D 33 32.40 -22.20 -0.89
CA PRO D 33 33.38 -21.43 -0.14
C PRO D 33 33.17 -21.60 1.37
N HIS D 34 34.28 -21.74 2.08
CA HIS D 34 34.26 -21.94 3.54
C HIS D 34 34.13 -20.61 4.32
N PHE D 35 34.65 -19.51 3.76
CA PHE D 35 34.66 -18.15 4.33
C PHE D 35 35.82 -17.95 5.30
N SER D 36 36.01 -16.70 5.73
CA SER D 36 36.95 -16.36 6.81
C SER D 36 36.40 -16.83 8.17
N ALA D 37 37.31 -17.29 9.05
CA ALA D 37 36.92 -17.68 10.42
C ALA D 37 36.60 -16.45 11.28
N ALA D 38 37.10 -15.28 10.86
CA ALA D 38 36.72 -13.99 11.45
C ALA D 38 35.25 -13.61 11.17
N ALA D 39 34.76 -13.97 9.99
CA ALA D 39 33.38 -13.69 9.58
C ALA D 39 32.32 -14.35 10.47
N PRO D 40 31.18 -13.66 10.71
CA PRO D 40 30.15 -14.17 11.63
C PRO D 40 29.21 -15.23 10.99
N ARG D 41 29.73 -16.44 10.86
CA ARG D 41 29.00 -17.59 10.32
C ARG D 41 27.79 -17.98 11.14
N ASP D 42 27.81 -17.63 12.43
CA ASP D 42 26.65 -17.74 13.31
C ASP D 42 25.44 -16.93 12.82
N ASN D 43 25.66 -15.69 12.34
CA ASN D 43 24.57 -14.74 11.89
C ASN D 43 23.89 -15.17 10.54
N VAL D 44 24.47 -16.18 9.85
CA VAL D 44 24.00 -16.63 8.52
C VAL D 44 22.76 -17.56 8.57
N THR D 45 21.61 -17.04 8.17
CA THR D 45 20.33 -17.76 8.20
C THR D 45 19.89 -18.30 6.84
N SER D 46 20.61 -17.93 5.77
CA SER D 46 20.27 -18.36 4.43
C SER D 46 21.49 -18.29 3.50
N LEU D 47 21.74 -19.34 2.71
CA LEU D 47 22.91 -19.42 1.82
C LEU D 47 22.50 -19.77 0.39
N SER D 48 22.63 -18.81 -0.53
CA SER D 48 22.25 -19.01 -1.91
C SER D 48 23.47 -19.41 -2.71
N LEU D 49 23.39 -20.48 -3.52
CA LEU D 49 24.49 -20.88 -4.42
C LEU D 49 23.97 -21.21 -5.80
N LEU D 50 22.94 -20.47 -6.21
CA LEU D 50 22.25 -20.66 -7.46
C LEU D 50 23.20 -20.59 -8.65
N SER D 51 23.19 -21.64 -9.46
CA SER D 51 23.82 -21.63 -10.80
C SER D 51 25.36 -21.50 -10.84
N ASN D 52 26.05 -21.88 -9.77
CA ASN D 52 27.50 -22.08 -9.83
C ASN D 52 27.80 -23.45 -10.51
N ARG D 53 29.02 -23.99 -10.40
CA ARG D 53 29.35 -25.33 -10.98
C ARG D 53 30.00 -26.29 -9.96
N ILE D 54 29.33 -26.42 -8.83
CA ILE D 54 29.73 -27.25 -7.74
C ILE D 54 29.19 -28.64 -8.05
N HIS D 55 30.07 -29.54 -8.46
CA HIS D 55 29.69 -30.92 -8.77
C HIS D 55 29.94 -31.88 -7.61
N HIS D 56 30.62 -31.40 -6.55
CA HIS D 56 31.05 -32.25 -5.40
C HIS D 56 30.77 -31.49 -4.09
N LEU D 57 29.88 -32.02 -3.25
CA LEU D 57 29.61 -31.48 -1.91
C LEU D 57 30.24 -32.38 -0.85
N HIS D 58 30.68 -31.77 0.25
CA HIS D 58 31.49 -32.43 1.29
C HIS D 58 30.90 -32.26 2.69
N ASP D 59 31.33 -33.14 3.61
CA ASP D 59 30.91 -33.06 5.03
C ASP D 59 31.16 -31.68 5.67
N SER D 60 32.27 -31.03 5.30
CA SER D 60 32.71 -29.76 5.91
C SER D 60 32.05 -28.47 5.39
N ASP D 61 31.39 -28.54 4.24
CA ASP D 61 30.97 -27.34 3.50
C ASP D 61 29.99 -26.44 4.21
N PHE D 62 29.16 -26.99 5.10
CA PHE D 62 28.17 -26.19 5.83
C PHE D 62 28.30 -26.27 7.36
N ALA D 63 29.33 -26.98 7.83
CA ALA D 63 29.53 -27.28 9.26
C ALA D 63 29.63 -26.04 10.15
N GLN D 64 30.35 -25.03 9.68
CA GLN D 64 30.59 -23.83 10.47
C GLN D 64 29.36 -22.91 10.54
N LEU D 65 28.40 -23.11 9.62
CA LEU D 65 27.17 -22.33 9.55
C LEU D 65 26.17 -22.96 10.52
N SER D 66 26.23 -22.53 11.77
CA SER D 66 25.55 -23.20 12.88
C SER D 66 24.09 -22.79 13.07
N ASN D 67 23.61 -21.76 12.36
CA ASN D 67 22.17 -21.39 12.39
C ASN D 67 21.56 -21.29 10.99
N LEU D 68 22.07 -22.09 10.06
CA LEU D 68 21.59 -22.07 8.68
C LEU D 68 20.18 -22.63 8.64
N GLN D 69 19.24 -21.84 8.13
CA GLN D 69 17.85 -22.29 7.92
C GLN D 69 17.52 -22.63 6.46
N LYS D 70 18.17 -21.96 5.50
CA LYS D 70 17.82 -22.10 4.09
C LYS D 70 19.06 -22.29 3.24
N LEU D 71 19.05 -23.27 2.35
CA LEU D 71 20.18 -23.54 1.50
C LEU D 71 19.68 -23.85 0.09
N ASN D 72 20.13 -23.04 -0.87
CA ASN D 72 19.75 -23.16 -2.26
C ASN D 72 20.98 -23.56 -3.04
N LEU D 73 20.96 -24.75 -3.61
CA LEU D 73 22.07 -25.23 -4.44
C LEU D 73 21.57 -25.56 -5.85
N LYS D 74 20.52 -24.85 -6.28
CA LYS D 74 19.84 -25.12 -7.54
C LYS D 74 20.77 -24.91 -8.74
N TRP D 75 20.61 -25.72 -9.77
CA TRP D 75 21.27 -25.50 -11.07
C TRP D 75 22.77 -25.73 -11.08
N ASN D 76 23.34 -26.38 -10.08
CA ASN D 76 24.81 -26.46 -10.02
C ASN D 76 25.37 -27.49 -10.99
N CYS D 77 24.67 -28.60 -11.19
CA CYS D 77 25.22 -29.72 -11.97
C CYS D 77 24.06 -30.33 -12.76
N PRO D 78 23.55 -29.59 -13.74
CA PRO D 78 22.30 -29.98 -14.35
C PRO D 78 22.45 -31.19 -15.27
N PRO D 79 21.42 -32.08 -15.28
CA PRO D 79 21.40 -33.20 -16.21
C PRO D 79 21.56 -32.77 -17.66
N ALA D 80 22.14 -33.68 -18.46
CA ALA D 80 22.40 -33.47 -19.90
C ALA D 80 21.28 -32.80 -20.64
N GLY D 81 20.05 -33.23 -20.38
CA GLY D 81 18.91 -32.66 -21.07
C GLY D 81 18.54 -31.22 -20.74
N LEU D 82 18.82 -30.80 -19.50
CA LEU D 82 18.59 -29.41 -19.08
C LEU D 82 19.84 -28.54 -19.17
N SER D 83 20.94 -29.16 -19.60
CA SER D 83 22.18 -28.43 -19.82
C SER D 83 22.06 -27.67 -21.16
N PRO D 84 22.27 -26.34 -21.13
CA PRO D 84 22.25 -25.56 -22.35
C PRO D 84 22.96 -26.22 -23.55
N MET D 85 24.00 -27.01 -23.33
CA MET D 85 24.71 -27.65 -24.43
C MET D 85 24.78 -29.17 -24.28
N HIS D 86 23.85 -29.73 -23.52
CA HIS D 86 23.76 -31.17 -23.29
C HIS D 86 25.04 -31.83 -22.76
N PHE D 87 25.76 -31.12 -21.90
CA PHE D 87 26.89 -31.69 -21.17
C PHE D 87 26.38 -32.50 -19.98
N PRO D 88 26.79 -33.77 -19.87
CA PRO D 88 26.39 -34.55 -18.70
C PRO D 88 27.03 -34.02 -17.42
N CYS D 89 26.49 -34.43 -16.29
CA CYS D 89 26.95 -33.96 -15.00
C CYS D 89 26.28 -34.81 -13.92
N HIS D 90 27.10 -35.39 -13.04
CA HIS D 90 26.63 -36.26 -11.95
C HIS D 90 27.24 -35.67 -10.68
N MET D 91 26.43 -35.49 -9.65
CA MET D 91 26.84 -34.74 -8.45
C MET D 91 27.04 -35.72 -7.28
N THR D 92 28.19 -35.60 -6.60
CA THR D 92 28.51 -36.44 -5.43
C THR D 92 28.24 -35.70 -4.12
N ILE D 93 27.66 -36.43 -3.16
CA ILE D 93 27.33 -35.89 -1.84
C ILE D 93 27.83 -36.86 -0.75
N GLU D 94 28.83 -36.44 0.02
CA GLU D 94 29.27 -37.22 1.18
C GLU D 94 28.14 -37.35 2.21
N PRO D 95 28.08 -38.48 2.92
CA PRO D 95 26.82 -38.78 3.63
C PRO D 95 26.39 -37.76 4.69
N ASN D 96 27.32 -37.01 5.27
CA ASN D 96 26.99 -36.07 6.35
C ASN D 96 26.95 -34.60 5.91
N THR D 97 26.90 -34.37 4.60
CA THR D 97 26.86 -33.04 4.01
C THR D 97 25.78 -32.17 4.66
N PHE D 98 24.57 -32.69 4.71
CA PHE D 98 23.44 -31.95 5.22
C PHE D 98 23.16 -32.24 6.69
N LEU D 99 23.47 -33.46 7.15
CA LEU D 99 23.28 -33.83 8.56
C LEU D 99 24.01 -32.90 9.50
N ALA D 100 25.16 -32.40 9.04
CA ALA D 100 25.94 -31.41 9.79
C ALA D 100 25.28 -30.03 9.87
N VAL D 101 24.07 -29.87 9.32
CA VAL D 101 23.31 -28.64 9.49
C VAL D 101 22.00 -29.01 10.17
N PRO D 102 22.05 -29.23 11.48
CA PRO D 102 20.81 -29.62 12.18
C PRO D 102 19.74 -28.51 12.32
N THR D 103 20.04 -27.26 11.93
CA THR D 103 19.04 -26.17 11.90
C THR D 103 18.27 -26.04 10.59
N LEU D 104 18.72 -26.74 9.54
CA LEU D 104 18.24 -26.53 8.17
C LEU D 104 16.77 -26.84 8.03
N GLU D 105 15.99 -25.86 7.57
CA GLU D 105 14.55 -26.00 7.33
C GLU D 105 14.16 -26.17 5.86
N GLU D 106 14.87 -25.51 4.95
CA GLU D 106 14.49 -25.48 3.54
C GLU D 106 15.69 -25.80 2.69
N LEU D 107 15.58 -26.81 1.83
CA LEU D 107 16.68 -27.17 0.92
C LEU D 107 16.18 -27.26 -0.52
N ASN D 108 17.04 -26.80 -1.44
CA ASN D 108 16.76 -26.80 -2.86
C ASN D 108 17.95 -27.44 -3.60
N LEU D 109 17.72 -28.67 -4.09
CA LEU D 109 18.72 -29.45 -4.85
C LEU D 109 18.24 -29.67 -6.29
N SER D 110 17.39 -28.77 -6.78
CA SER D 110 16.84 -28.94 -8.10
C SER D 110 17.87 -28.68 -9.21
N TYR D 111 17.59 -29.22 -10.40
CA TYR D 111 18.45 -29.06 -11.57
C TYR D 111 19.90 -29.48 -11.25
N ASN D 112 20.01 -30.62 -10.57
CA ASN D 112 21.28 -31.27 -10.17
C ASN D 112 21.22 -32.79 -10.48
N GLY D 113 22.33 -33.36 -10.94
CA GLY D 113 22.43 -34.79 -11.36
C GLY D 113 22.69 -35.80 -10.25
N ILE D 114 21.63 -36.09 -9.50
CA ILE D 114 21.67 -37.06 -8.40
C ILE D 114 20.58 -38.10 -8.64
N THR D 115 20.88 -39.35 -8.26
CA THR D 115 19.98 -40.50 -8.42
C THR D 115 19.42 -41.02 -7.10
N THR D 116 20.00 -40.64 -5.97
CA THR D 116 19.41 -40.97 -4.66
C THR D 116 19.25 -39.75 -3.79
N VAL D 117 18.36 -39.85 -2.82
CA VAL D 117 18.12 -38.76 -1.88
C VAL D 117 19.17 -38.91 -0.80
N PRO D 118 19.90 -37.83 -0.50
CA PRO D 118 20.87 -37.91 0.60
C PRO D 118 20.16 -37.82 1.92
N ALA D 119 20.83 -38.25 3.00
CA ALA D 119 20.25 -38.23 4.33
C ALA D 119 20.18 -36.79 4.77
N LEU D 120 19.10 -36.45 5.47
CA LEU D 120 18.76 -35.07 5.78
C LEU D 120 18.38 -34.87 7.23
N PRO D 121 18.68 -33.69 7.79
CA PRO D 121 18.35 -33.47 9.20
C PRO D 121 16.87 -33.42 9.44
N SER D 122 16.46 -33.92 10.61
CA SER D 122 15.05 -33.97 10.98
C SER D 122 14.40 -32.60 11.20
N SER D 123 15.20 -31.53 11.25
CA SER D 123 14.68 -30.17 11.28
C SER D 123 13.96 -29.74 9.99
N LEU D 124 14.27 -30.39 8.87
CA LEU D 124 13.82 -29.97 7.54
C LEU D 124 12.29 -29.85 7.35
N VAL D 125 11.84 -28.64 6.98
CA VAL D 125 10.42 -28.32 6.68
C VAL D 125 10.10 -28.36 5.16
N SER D 126 11.06 -28.02 4.30
CA SER D 126 10.83 -27.96 2.85
C SER D 126 11.98 -28.54 2.01
N LEU D 127 11.65 -29.36 1.02
CA LEU D 127 12.65 -30.03 0.19
C LEU D 127 12.27 -30.00 -1.29
N ILE D 128 13.14 -29.48 -2.13
CA ILE D 128 12.88 -29.35 -3.57
C ILE D 128 13.89 -30.22 -4.29
N LEU D 129 13.43 -31.33 -4.88
CA LEU D 129 14.29 -32.22 -5.67
C LEU D 129 13.97 -32.21 -7.16
N SER D 130 13.32 -31.15 -7.63
CA SER D 130 12.82 -31.12 -9.01
C SER D 130 13.97 -31.20 -10.03
N ARG D 131 13.73 -31.79 -11.20
CA ARG D 131 14.73 -31.86 -12.28
C ARG D 131 16.05 -32.49 -11.86
N THR D 132 15.95 -33.58 -11.12
CA THR D 132 17.09 -34.41 -10.79
C THR D 132 16.92 -35.70 -11.60
N ASN D 133 17.75 -36.70 -11.34
CA ASN D 133 17.54 -38.02 -11.92
C ASN D 133 17.13 -39.06 -10.88
N ILE D 134 16.53 -38.60 -9.78
CA ILE D 134 15.95 -39.49 -8.78
C ILE D 134 14.70 -40.15 -9.37
N LEU D 135 14.80 -41.44 -9.69
CA LEU D 135 13.70 -42.20 -10.34
C LEU D 135 12.89 -43.12 -9.42
N GLN D 136 13.10 -43.03 -8.09
CA GLN D 136 12.31 -43.83 -7.12
C GLN D 136 12.19 -43.14 -5.76
N LEU D 137 11.12 -43.43 -5.03
CA LEU D 137 10.98 -43.02 -3.61
C LEU D 137 10.40 -44.17 -2.78
N ASP D 138 11.22 -44.73 -1.90
CA ASP D 138 10.79 -45.75 -0.92
C ASP D 138 11.01 -45.13 0.47
N PRO D 139 10.52 -45.79 1.56
CA PRO D 139 10.56 -45.18 2.91
C PRO D 139 11.96 -44.79 3.40
N THR D 140 12.98 -45.49 2.91
CA THR D 140 14.37 -45.18 3.24
C THR D 140 14.89 -43.85 2.65
N SER D 141 14.25 -43.35 1.58
CA SER D 141 14.59 -42.03 0.97
C SER D 141 14.52 -40.84 1.93
N LEU D 142 13.48 -40.83 2.76
CA LEU D 142 13.15 -39.67 3.58
C LEU D 142 12.96 -40.07 5.05
N THR D 143 13.97 -40.80 5.57
CA THR D 143 14.01 -41.27 6.96
C THR D 143 14.04 -40.13 7.96
N GLY D 144 13.16 -40.19 8.95
CA GLY D 144 13.18 -39.26 10.08
C GLY D 144 12.91 -37.81 9.74
N LEU D 145 12.04 -37.58 8.75
CA LEU D 145 11.65 -36.23 8.36
C LEU D 145 10.18 -36.02 8.73
N HIS D 146 9.96 -36.04 10.03
CA HIS D 146 8.63 -35.96 10.62
C HIS D 146 8.11 -34.52 10.67
N ALA D 147 9.00 -33.55 10.49
CA ALA D 147 8.59 -32.15 10.35
C ALA D 147 8.31 -31.72 8.89
N LEU D 148 8.70 -32.53 7.89
CA LEU D 148 8.63 -32.13 6.47
C LEU D 148 7.19 -31.84 6.05
N ARG D 149 6.95 -30.61 5.57
CA ARG D 149 5.63 -30.16 5.11
C ARG D 149 5.55 -30.00 3.59
N PHE D 150 6.69 -29.72 2.92
CA PHE D 150 6.75 -29.48 1.47
C PHE D 150 7.71 -30.45 0.77
N LEU D 151 7.24 -31.11 -0.29
CA LEU D 151 8.08 -31.93 -1.16
C LEU D 151 7.76 -31.65 -2.62
N TYR D 152 8.64 -30.95 -3.31
CA TYR D 152 8.51 -30.69 -4.74
C TYR D 152 9.53 -31.53 -5.50
N MET D 153 9.07 -32.46 -6.31
CA MET D 153 9.97 -33.22 -7.17
C MET D 153 9.35 -33.41 -8.55
N ASP D 154 9.31 -32.30 -9.28
CA ASP D 154 8.81 -32.23 -10.66
C ASP D 154 9.93 -32.47 -11.66
N GLY D 155 9.63 -33.15 -12.77
CA GLY D 155 10.51 -33.16 -13.95
C GLY D 155 11.73 -34.03 -13.91
N ASN D 156 11.59 -35.24 -13.33
CA ASN D 156 12.68 -36.23 -13.30
C ASN D 156 12.56 -37.24 -14.44
N CYS D 157 11.48 -37.17 -15.21
CA CYS D 157 11.33 -38.01 -16.39
C CYS D 157 10.36 -37.41 -17.42
N TYR D 158 10.88 -36.54 -18.28
CA TYR D 158 10.10 -35.97 -19.37
C TYR D 158 11.01 -35.66 -20.57
N TYR D 159 10.47 -35.04 -21.62
CA TYR D 159 11.23 -34.81 -22.86
C TYR D 159 12.60 -34.11 -22.69
N LYS D 160 12.68 -33.21 -21.72
CA LYS D 160 13.92 -32.45 -21.44
C LYS D 160 14.87 -33.11 -20.42
N ASN D 161 14.43 -34.18 -19.77
CA ASN D 161 15.23 -34.89 -18.78
C ASN D 161 14.71 -36.33 -18.70
N PRO D 162 14.86 -37.08 -19.82
CA PRO D 162 14.22 -38.39 -19.94
C PRO D 162 14.85 -39.43 -19.03
N CYS D 163 14.12 -40.51 -18.75
CA CYS D 163 14.64 -41.60 -17.92
C CYS D 163 14.35 -43.04 -18.40
N GLY D 164 13.64 -43.21 -19.51
CA GLY D 164 13.35 -44.54 -20.06
C GLY D 164 12.19 -45.34 -19.47
N ARG D 165 11.65 -44.91 -18.33
CA ARG D 165 10.54 -45.61 -17.66
C ARG D 165 9.73 -44.60 -16.84
N ALA D 166 8.94 -45.06 -15.87
CA ALA D 166 8.21 -44.17 -14.99
C ALA D 166 8.88 -44.10 -13.63
N LEU D 167 8.94 -42.89 -13.06
CA LEU D 167 9.18 -42.71 -11.64
C LEU D 167 8.30 -43.68 -10.87
N GLU D 168 8.92 -44.57 -10.07
CA GLU D 168 8.17 -45.51 -9.22
C GLU D 168 8.23 -45.03 -7.78
N VAL D 169 7.13 -44.46 -7.30
CA VAL D 169 6.96 -44.20 -5.88
C VAL D 169 6.24 -45.42 -5.33
N ALA D 170 6.86 -46.11 -4.37
CA ALA D 170 6.31 -47.36 -3.83
C ALA D 170 5.06 -47.10 -2.96
N PRO D 171 4.09 -48.02 -3.03
CA PRO D 171 2.91 -47.89 -2.21
C PRO D 171 3.21 -47.62 -0.73
N GLY D 172 2.60 -46.58 -0.15
CA GLY D 172 2.84 -46.22 1.24
C GLY D 172 4.17 -45.55 1.56
N ALA D 173 5.04 -45.37 0.55
CA ALA D 173 6.43 -44.95 0.78
C ALA D 173 6.60 -43.60 1.50
N LEU D 174 5.60 -42.72 1.40
CA LEU D 174 5.68 -41.41 2.05
C LEU D 174 4.95 -41.30 3.40
N LEU D 175 4.25 -42.35 3.84
CA LEU D 175 3.42 -42.32 5.06
C LEU D 175 4.14 -41.91 6.33
N GLY D 176 5.46 -42.14 6.36
CA GLY D 176 6.32 -41.61 7.42
C GLY D 176 6.34 -40.09 7.63
N LEU D 177 5.74 -39.33 6.70
CA LEU D 177 5.72 -37.85 6.74
C LEU D 177 4.35 -37.35 7.21
N GLY D 178 4.14 -37.41 8.52
CA GLY D 178 2.86 -37.03 9.11
C GLY D 178 2.52 -35.55 9.12
N ASN D 179 3.50 -34.71 8.81
CA ASN D 179 3.27 -33.28 8.69
C ASN D 179 3.11 -32.80 7.23
N LEU D 180 3.28 -33.71 6.26
CA LEU D 180 3.34 -33.35 4.82
C LEU D 180 2.03 -32.77 4.30
N THR D 181 2.08 -31.53 3.84
CA THR D 181 0.90 -30.86 3.26
C THR D 181 0.99 -30.61 1.74
N HIS D 182 2.19 -30.48 1.19
CA HIS D 182 2.37 -30.09 -0.20
C HIS D 182 3.24 -31.16 -0.91
N LEU D 183 2.68 -31.84 -1.90
CA LEU D 183 3.42 -32.79 -2.74
C LEU D 183 3.19 -32.48 -4.23
N SER D 184 4.29 -32.38 -4.97
CA SER D 184 4.25 -32.14 -6.42
C SER D 184 5.13 -33.14 -7.14
N LEU D 185 4.58 -33.81 -8.15
CA LEU D 185 5.31 -34.85 -8.89
C LEU D 185 4.93 -34.75 -10.35
N LYS D 186 5.10 -33.55 -10.90
CA LYS D 186 4.75 -33.28 -12.29
C LYS D 186 5.86 -33.80 -13.19
N TYR D 187 5.54 -33.97 -14.47
CA TYR D 187 6.52 -34.33 -15.52
C TYR D 187 7.44 -35.49 -15.15
N ASN D 188 6.86 -36.53 -14.58
CA ASN D 188 7.59 -37.72 -14.14
C ASN D 188 7.19 -38.99 -14.89
N ASN D 189 6.38 -38.90 -15.95
CA ASN D 189 6.00 -40.06 -16.78
C ASN D 189 5.20 -41.12 -16.00
N LEU D 190 4.49 -40.65 -14.95
CA LEU D 190 3.61 -41.51 -14.14
C LEU D 190 2.40 -41.91 -14.97
N THR D 191 1.99 -43.19 -14.86
CA THR D 191 0.73 -43.70 -15.45
C THR D 191 -0.35 -44.03 -14.38
N THR D 192 -0.06 -43.86 -13.10
CA THR D 192 -1.07 -44.03 -12.04
C THR D 192 -0.70 -43.20 -10.84
N VAL D 193 -1.70 -42.82 -10.05
CA VAL D 193 -1.46 -42.05 -8.81
C VAL D 193 -0.73 -42.98 -7.81
N PRO D 194 0.31 -42.48 -7.11
CA PRO D 194 0.93 -43.32 -6.06
C PRO D 194 -0.07 -43.79 -4.97
N ARG D 195 -0.01 -45.07 -4.60
CA ARG D 195 -0.94 -45.65 -3.62
C ARG D 195 -0.60 -45.16 -2.20
N SER D 196 -1.63 -44.95 -1.39
CA SER D 196 -1.49 -44.59 0.04
C SER D 196 -0.51 -43.44 0.31
N LEU D 197 -0.92 -42.22 -0.02
CA LEU D 197 -0.14 -41.02 0.27
C LEU D 197 -0.55 -40.45 1.62
N PRO D 198 0.30 -39.60 2.22
CA PRO D 198 0.02 -39.05 3.55
C PRO D 198 -1.37 -38.43 3.65
N PRO D 199 -2.21 -38.91 4.59
CA PRO D 199 -3.54 -38.31 4.75
C PRO D 199 -3.54 -36.83 5.15
N SER D 200 -2.40 -36.32 5.63
CA SER D 200 -2.23 -34.90 5.95
C SER D 200 -2.22 -33.97 4.75
N LEU D 201 -2.01 -34.52 3.54
CA LEU D 201 -1.89 -33.73 2.31
C LEU D 201 -3.03 -32.74 2.06
N GLU D 202 -2.61 -31.49 1.80
CA GLU D 202 -3.47 -30.39 1.40
C GLU D 202 -3.33 -30.02 -0.10
N TYR D 203 -2.15 -30.21 -0.69
CA TYR D 203 -1.91 -29.82 -2.08
C TYR D 203 -1.26 -31.01 -2.76
N LEU D 204 -1.93 -31.58 -3.77
CA LEU D 204 -1.38 -32.71 -4.52
C LEU D 204 -1.36 -32.35 -6.01
N LEU D 205 -0.16 -32.04 -6.52
CA LEU D 205 -0.01 -31.61 -7.92
C LEU D 205 0.62 -32.71 -8.77
N LEU D 206 -0.18 -33.30 -9.67
CA LEU D 206 0.26 -34.43 -10.51
C LEU D 206 0.16 -34.17 -12.02
N SER D 207 0.29 -32.91 -12.41
CA SER D 207 0.09 -32.51 -13.82
C SER D 207 1.21 -32.93 -14.79
N TYR D 208 0.84 -32.96 -16.08
CA TYR D 208 1.73 -33.39 -17.17
C TYR D 208 2.46 -34.68 -16.89
N ASN D 209 1.70 -35.68 -16.46
CA ASN D 209 2.12 -37.06 -16.42
C ASN D 209 1.35 -37.79 -17.56
N HIS D 210 1.08 -39.09 -17.43
CA HIS D 210 0.16 -39.80 -18.33
C HIS D 210 -0.83 -40.65 -17.51
N ILE D 211 -1.35 -40.09 -16.42
CA ILE D 211 -2.43 -40.70 -15.64
C ILE D 211 -3.73 -40.44 -16.42
N VAL D 212 -4.06 -41.37 -17.32
CA VAL D 212 -5.25 -41.23 -18.18
C VAL D 212 -6.54 -41.78 -17.52
N THR D 213 -6.41 -42.55 -16.44
CA THR D 213 -7.55 -43.09 -15.68
C THR D 213 -7.53 -42.61 -14.24
N LEU D 214 -8.71 -42.23 -13.75
CA LEU D 214 -8.89 -41.90 -12.33
C LEU D 214 -10.15 -42.61 -11.76
N ALA D 215 -10.12 -42.87 -10.45
CA ALA D 215 -11.25 -43.43 -9.71
C ALA D 215 -11.15 -43.01 -8.24
N PRO D 216 -12.22 -43.19 -7.43
CA PRO D 216 -12.12 -42.84 -5.99
C PRO D 216 -11.03 -43.57 -5.17
N GLU D 217 -10.66 -44.80 -5.58
CA GLU D 217 -9.58 -45.58 -4.93
C GLU D 217 -8.21 -44.90 -5.09
N ASP D 218 -8.03 -44.17 -6.21
CA ASP D 218 -6.79 -43.40 -6.53
C ASP D 218 -6.54 -42.18 -5.64
N LEU D 219 -7.55 -41.74 -4.88
CA LEU D 219 -7.45 -40.60 -3.95
C LEU D 219 -8.03 -40.95 -2.58
N ALA D 220 -7.73 -42.15 -2.10
CA ALA D 220 -8.32 -42.69 -0.88
C ALA D 220 -7.62 -42.08 0.32
N ASN D 221 -8.40 -41.74 1.35
CA ASN D 221 -7.86 -41.20 2.61
C ASN D 221 -7.29 -39.77 2.49
N LEU D 222 -7.51 -39.09 1.36
CA LEU D 222 -6.93 -37.76 1.12
C LEU D 222 -7.99 -36.69 1.36
N THR D 223 -8.70 -36.84 2.47
CA THR D 223 -9.84 -35.99 2.76
C THR D 223 -9.41 -34.58 3.16
N ALA D 224 -8.13 -34.39 3.51
CA ALA D 224 -7.62 -33.07 3.81
C ALA D 224 -7.38 -32.16 2.59
N LEU D 225 -7.44 -32.70 1.36
CA LEU D 225 -7.07 -31.97 0.13
C LEU D 225 -7.86 -30.69 -0.09
N ARG D 226 -7.12 -29.58 -0.17
CA ARG D 226 -7.66 -28.27 -0.54
C ARG D 226 -7.41 -27.96 -2.03
N VAL D 227 -6.28 -28.42 -2.57
CA VAL D 227 -5.97 -28.25 -4.01
C VAL D 227 -5.54 -29.60 -4.63
N LEU D 228 -6.21 -29.99 -5.71
CA LEU D 228 -5.76 -31.09 -6.58
C LEU D 228 -5.62 -30.63 -8.04
N ASP D 229 -4.49 -30.98 -8.65
CA ASP D 229 -4.14 -30.62 -10.02
C ASP D 229 -3.76 -31.91 -10.75
N VAL D 230 -4.62 -32.30 -11.69
CA VAL D 230 -4.35 -33.44 -12.57
C VAL D 230 -4.43 -33.03 -14.04
N GLY D 231 -4.21 -31.74 -14.33
CA GLY D 231 -4.28 -31.25 -15.70
C GLY D 231 -3.14 -31.76 -16.58
N GLY D 232 -3.34 -31.75 -17.89
CA GLY D 232 -2.25 -32.07 -18.82
C GLY D 232 -1.84 -33.53 -18.89
N ASN D 233 -2.67 -34.43 -18.36
CA ASN D 233 -2.40 -35.86 -18.44
C ASN D 233 -2.96 -36.53 -19.70
N CYS D 234 -3.90 -35.86 -20.36
CA CYS D 234 -4.48 -36.31 -21.64
C CYS D 234 -4.67 -35.09 -22.58
N ARG D 235 -3.59 -34.80 -23.29
CA ARG D 235 -3.41 -33.51 -23.96
C ARG D 235 -3.98 -33.44 -25.38
N ARG D 236 -4.48 -32.25 -25.74
CA ARG D 236 -4.76 -31.89 -27.13
C ARG D 236 -3.52 -31.20 -27.69
N CYS D 237 -2.82 -31.90 -28.58
CA CYS D 237 -1.54 -31.41 -29.05
C CYS D 237 -1.66 -30.38 -30.16
N ASP D 238 -2.84 -30.27 -30.77
CA ASP D 238 -3.11 -29.16 -31.71
C ASP D 238 -2.95 -27.77 -31.04
N HIS D 239 -3.07 -27.71 -29.71
CA HIS D 239 -2.80 -26.48 -28.96
C HIS D 239 -1.47 -26.45 -28.21
N ALA D 240 -0.56 -27.38 -28.47
CA ALA D 240 0.66 -27.47 -27.68
C ALA D 240 1.78 -26.64 -28.32
N ARG D 241 2.56 -25.98 -27.48
CA ARG D 241 3.79 -25.26 -27.88
C ARG D 241 5.04 -26.13 -27.74
N ASN D 242 4.97 -27.20 -26.93
CA ASN D 242 6.11 -28.05 -26.64
C ASN D 242 5.89 -29.44 -27.23
N PRO D 243 6.88 -30.35 -27.12
CA PRO D 243 6.59 -31.70 -27.62
C PRO D 243 5.47 -32.34 -26.79
N CYS D 244 4.62 -33.13 -27.43
CA CYS D 244 3.34 -33.54 -26.82
C CYS D 244 2.90 -34.87 -27.43
N VAL D 245 2.40 -35.78 -26.59
CA VAL D 245 1.82 -37.03 -27.10
C VAL D 245 0.31 -36.92 -26.99
N GLU D 246 -0.41 -37.30 -28.05
CA GLU D 246 -1.87 -37.09 -28.11
C GLU D 246 -2.57 -38.07 -27.16
N CYS D 247 -3.55 -37.55 -26.44
CA CYS D 247 -4.43 -38.30 -25.53
C CYS D 247 -5.03 -39.47 -26.30
N PRO D 248 -4.86 -40.72 -25.83
CA PRO D 248 -5.27 -41.82 -26.73
C PRO D 248 -6.78 -41.88 -27.00
N HIS D 249 -7.14 -42.65 -28.01
CA HIS D 249 -8.54 -42.79 -28.41
C HIS D 249 -9.32 -43.44 -27.24
N LYS D 250 -10.48 -42.86 -26.92
CA LYS D 250 -11.40 -43.30 -25.85
C LYS D 250 -10.95 -42.96 -24.44
N PHE D 251 -10.15 -41.90 -24.31
CA PHE D 251 -9.65 -41.46 -23.02
C PHE D 251 -9.82 -39.96 -22.91
N PRO D 252 -9.78 -39.41 -21.71
CA PRO D 252 -9.56 -40.12 -20.43
C PRO D 252 -10.84 -40.68 -19.79
N GLN D 253 -10.66 -41.56 -18.81
CA GLN D 253 -11.79 -42.14 -18.06
C GLN D 253 -11.74 -41.73 -16.60
N LEU D 254 -12.63 -40.80 -16.25
CA LEU D 254 -12.79 -40.30 -14.89
C LEU D 254 -14.10 -40.80 -14.32
N HIS D 255 -14.03 -41.82 -13.48
CA HIS D 255 -15.19 -42.32 -12.75
C HIS D 255 -15.97 -41.17 -12.08
N SER D 256 -17.30 -41.27 -12.03
CA SER D 256 -18.19 -40.18 -11.56
C SER D 256 -17.90 -39.66 -10.15
N ASP D 257 -17.60 -40.59 -9.27
CA ASP D 257 -17.49 -40.28 -7.84
C ASP D 257 -16.06 -39.93 -7.44
N THR D 258 -15.17 -39.78 -8.43
CA THR D 258 -13.76 -39.68 -8.17
C THR D 258 -13.45 -38.63 -7.09
N PHE D 259 -14.12 -37.48 -7.14
CA PHE D 259 -13.78 -36.36 -6.25
C PHE D 259 -14.70 -36.21 -5.02
N SER D 260 -15.59 -37.16 -4.80
CA SER D 260 -16.74 -36.98 -3.90
C SER D 260 -16.38 -36.88 -2.41
N HIS D 261 -15.37 -37.62 -1.96
CA HIS D 261 -14.96 -37.58 -0.56
C HIS D 261 -14.06 -36.38 -0.21
N LEU D 262 -13.77 -35.50 -1.20
CA LEU D 262 -12.85 -34.39 -1.05
C LEU D 262 -13.58 -33.09 -0.70
N SER D 263 -14.24 -33.08 0.44
CA SER D 263 -15.14 -31.97 0.79
C SER D 263 -14.48 -30.71 1.31
N ARG D 264 -13.17 -30.71 1.52
CA ARG D 264 -12.42 -29.48 1.84
C ARG D 264 -11.87 -28.79 0.60
N LEU D 265 -12.00 -29.44 -0.57
CA LEU D 265 -11.39 -29.02 -1.85
C LEU D 265 -11.81 -27.63 -2.34
N GLU D 266 -10.83 -26.72 -2.35
CA GLU D 266 -10.98 -25.33 -2.80
C GLU D 266 -10.64 -25.14 -4.28
N GLY D 267 -9.62 -25.83 -4.76
CA GLY D 267 -9.16 -25.71 -6.13
C GLY D 267 -8.98 -27.02 -6.86
N LEU D 268 -9.60 -27.15 -8.03
CA LEU D 268 -9.46 -28.31 -8.89
C LEU D 268 -9.03 -27.89 -10.30
N VAL D 269 -8.02 -28.58 -10.82
CA VAL D 269 -7.44 -28.24 -12.13
C VAL D 269 -7.58 -29.46 -13.03
N LEU D 270 -8.38 -29.32 -14.07
CA LEU D 270 -8.59 -30.36 -15.08
C LEU D 270 -8.27 -29.83 -16.46
N LYS D 271 -7.35 -28.87 -16.54
CA LYS D 271 -7.01 -28.34 -17.85
C LYS D 271 -6.35 -29.40 -18.74
N ASP D 272 -6.49 -29.22 -20.05
CA ASP D 272 -5.80 -30.02 -21.03
C ASP D 272 -5.93 -31.49 -20.71
N SER D 273 -7.18 -31.89 -20.55
CA SER D 273 -7.52 -33.27 -20.27
C SER D 273 -8.41 -33.84 -21.36
N SER D 274 -8.48 -33.19 -22.54
CA SER D 274 -9.30 -33.66 -23.68
C SER D 274 -10.78 -33.95 -23.33
N LEU D 275 -11.35 -33.15 -22.43
CA LEU D 275 -12.73 -33.34 -21.98
C LEU D 275 -13.73 -32.81 -22.98
N TYR D 276 -14.56 -33.71 -23.52
CA TYR D 276 -15.68 -33.38 -24.42
C TYR D 276 -16.98 -33.14 -23.64
N GLN D 277 -17.06 -33.66 -22.43
CA GLN D 277 -18.26 -33.51 -21.60
C GLN D 277 -17.95 -33.49 -20.12
N LEU D 278 -18.62 -32.60 -19.41
CA LEU D 278 -18.50 -32.52 -17.97
C LEU D 278 -19.55 -33.39 -17.34
N ASN D 279 -19.18 -34.17 -16.32
CA ASN D 279 -20.09 -35.04 -15.57
C ASN D 279 -20.46 -34.35 -14.27
N PRO D 280 -21.73 -33.93 -14.10
CA PRO D 280 -22.10 -33.18 -12.89
C PRO D 280 -21.76 -33.87 -11.58
N ARG D 281 -21.67 -35.20 -11.62
CA ARG D 281 -21.23 -35.98 -10.47
C ARG D 281 -19.76 -35.74 -10.09
N TRP D 282 -18.91 -35.32 -11.03
CA TRP D 282 -17.57 -34.87 -10.65
C TRP D 282 -17.58 -33.75 -9.61
N PHE D 283 -18.59 -32.89 -9.64
CA PHE D 283 -18.67 -31.72 -8.75
C PHE D 283 -19.63 -31.85 -7.56
N ARG D 284 -20.28 -33.00 -7.43
CA ARG D 284 -21.10 -33.30 -6.25
C ARG D 284 -20.25 -33.44 -4.98
N GLY D 285 -20.64 -32.70 -3.94
CA GLY D 285 -19.93 -32.68 -2.67
C GLY D 285 -18.83 -31.64 -2.55
N LEU D 286 -18.52 -30.91 -3.64
CA LEU D 286 -17.45 -29.89 -3.67
C LEU D 286 -18.07 -28.51 -3.43
N GLY D 287 -18.51 -28.30 -2.20
CA GLY D 287 -19.18 -27.08 -1.79
C GLY D 287 -18.26 -26.06 -1.17
N ASN D 288 -16.97 -26.39 -1.04
CA ASN D 288 -15.95 -25.38 -0.74
C ASN D 288 -15.20 -24.94 -2.01
N LEU D 289 -15.63 -25.38 -3.20
CA LEU D 289 -14.88 -25.17 -4.44
C LEU D 289 -14.91 -23.73 -4.94
N THR D 290 -13.75 -23.06 -4.89
CA THR D 290 -13.61 -21.66 -5.30
C THR D 290 -12.88 -21.45 -6.64
N VAL D 291 -12.17 -22.46 -7.14
CA VAL D 291 -11.37 -22.31 -8.34
C VAL D 291 -11.49 -23.56 -9.16
N LEU D 292 -11.86 -23.41 -10.43
CA LEU D 292 -12.01 -24.53 -11.32
C LEU D 292 -11.37 -24.16 -12.63
N ASP D 293 -10.34 -24.89 -13.00
CA ASP D 293 -9.67 -24.68 -14.27
C ASP D 293 -10.04 -25.79 -15.21
N LEU D 294 -10.79 -25.41 -16.24
CA LEU D 294 -11.20 -26.36 -17.29
C LEU D 294 -10.60 -26.00 -18.65
N SER D 295 -9.49 -25.27 -18.64
CA SER D 295 -8.95 -24.74 -19.88
C SER D 295 -8.41 -25.84 -20.81
N GLU D 296 -8.29 -25.53 -22.10
CA GLU D 296 -7.68 -26.40 -23.12
C GLU D 296 -8.34 -27.78 -23.28
N ASN D 297 -9.65 -27.80 -23.02
CA ASN D 297 -10.45 -28.99 -23.22
C ASN D 297 -11.25 -28.81 -24.52
N PHE D 298 -12.32 -29.58 -24.70
CA PHE D 298 -13.18 -29.46 -25.88
C PHE D 298 -14.62 -29.13 -25.49
N LEU D 299 -14.81 -28.23 -24.53
CA LEU D 299 -16.15 -27.95 -23.97
C LEU D 299 -16.96 -26.82 -24.68
N TYR D 300 -16.61 -26.50 -25.92
CA TYR D 300 -17.29 -25.45 -26.70
C TYR D 300 -18.76 -25.71 -26.79
N ASP D 301 -19.14 -26.97 -27.00
CA ASP D 301 -20.54 -27.31 -27.09
C ASP D 301 -21.11 -27.53 -25.69
N CYS D 302 -20.38 -28.21 -24.80
CA CYS D 302 -20.89 -28.48 -23.44
C CYS D 302 -21.16 -27.19 -22.62
N ILE D 303 -20.53 -26.04 -22.95
CA ILE D 303 -20.83 -24.78 -22.21
C ILE D 303 -22.12 -24.05 -22.66
N THR D 304 -22.72 -24.52 -23.75
CA THR D 304 -24.04 -24.04 -24.18
C THR D 304 -25.19 -24.76 -23.46
N LYS D 305 -24.96 -26.00 -23.01
CA LYS D 305 -26.00 -26.92 -22.48
C LYS D 305 -25.90 -27.30 -20.99
N THR D 306 -24.66 -27.54 -20.50
CA THR D 306 -24.42 -28.24 -19.23
C THR D 306 -25.13 -27.64 -18.02
N LYS D 307 -25.50 -28.53 -17.10
CA LYS D 307 -26.05 -28.19 -15.81
C LYS D 307 -25.00 -28.46 -14.74
N ALA D 308 -23.77 -28.79 -15.14
CA ALA D 308 -22.75 -29.24 -14.19
C ALA D 308 -22.38 -28.20 -13.15
N PHE D 309 -22.62 -26.92 -13.46
CA PHE D 309 -22.26 -25.84 -12.54
C PHE D 309 -23.30 -25.58 -11.46
N GLN D 310 -24.54 -26.01 -11.68
CA GLN D 310 -25.69 -25.72 -10.78
C GLN D 310 -25.35 -25.62 -9.27
N GLY D 311 -24.61 -26.61 -8.77
CA GLY D 311 -24.33 -26.72 -7.34
C GLY D 311 -23.16 -25.94 -6.75
N LEU D 312 -22.41 -25.20 -7.59
CA LEU D 312 -21.15 -24.59 -7.20
C LEU D 312 -21.38 -23.18 -6.67
N ALA D 313 -21.99 -23.12 -5.50
CA ALA D 313 -22.39 -21.87 -4.87
C ALA D 313 -21.22 -20.94 -4.54
N GLN D 314 -20.06 -21.54 -4.21
CA GLN D 314 -18.86 -20.80 -3.76
C GLN D 314 -17.81 -20.51 -4.82
N LEU D 315 -18.07 -20.92 -6.06
CA LEU D 315 -17.08 -20.80 -7.13
C LEU D 315 -16.76 -19.34 -7.45
N ARG D 316 -15.48 -19.00 -7.47
CA ARG D 316 -15.02 -17.64 -7.67
C ARG D 316 -14.29 -17.41 -8.99
N ARG D 317 -13.47 -18.36 -9.41
CA ARG D 317 -12.75 -18.26 -10.67
C ARG D 317 -13.00 -19.51 -11.51
N LEU D 318 -13.52 -19.31 -12.72
CA LEU D 318 -13.74 -20.40 -13.63
C LEU D 318 -12.94 -20.13 -14.89
N ASN D 319 -11.99 -20.99 -15.18
CA ASN D 319 -11.19 -20.85 -16.37
C ASN D 319 -11.66 -21.83 -17.44
N LEU D 320 -12.28 -21.28 -18.48
CA LEU D 320 -12.77 -22.04 -19.65
C LEU D 320 -11.99 -21.70 -20.96
N SER D 321 -10.82 -21.08 -20.82
CA SER D 321 -10.06 -20.61 -21.97
C SER D 321 -9.49 -21.71 -22.89
N PHE D 322 -9.31 -21.37 -24.14
CA PHE D 322 -8.88 -22.30 -25.20
C PHE D 322 -9.68 -23.59 -25.32
N ASN D 323 -10.97 -23.49 -25.05
CA ASN D 323 -11.91 -24.58 -25.32
C ASN D 323 -12.50 -24.35 -26.69
N TYR D 324 -11.67 -24.54 -27.70
CA TYR D 324 -12.04 -24.21 -29.09
C TYR D 324 -12.19 -25.49 -29.92
N HIS D 325 -13.07 -25.44 -30.90
CA HIS D 325 -13.26 -26.55 -31.84
C HIS D 325 -12.20 -26.48 -32.93
N LYS D 326 -11.49 -27.58 -33.14
CA LYS D 326 -10.42 -27.65 -34.14
C LYS D 326 -10.90 -27.12 -35.47
N LYS D 327 -10.06 -26.27 -36.08
CA LYS D 327 -10.23 -25.71 -37.40
C LYS D 327 -11.42 -24.76 -37.57
N VAL D 328 -12.12 -24.41 -36.49
CA VAL D 328 -13.27 -23.53 -36.63
C VAL D 328 -13.41 -22.49 -35.54
N SER D 329 -14.09 -21.40 -35.92
CA SER D 329 -14.68 -20.47 -35.00
C SER D 329 -16.18 -20.57 -35.22
N PHE D 330 -16.94 -20.26 -34.16
CA PHE D 330 -18.38 -20.34 -34.18
C PHE D 330 -18.97 -19.03 -34.59
N ALA D 331 -20.10 -19.08 -35.27
CA ALA D 331 -20.89 -17.91 -35.60
C ALA D 331 -21.45 -17.27 -34.35
N HIS D 332 -21.93 -18.11 -33.44
CA HIS D 332 -22.64 -17.67 -32.22
C HIS D 332 -22.18 -18.54 -31.07
N LEU D 333 -22.37 -18.05 -29.86
CA LEU D 333 -22.19 -18.85 -28.67
C LEU D 333 -23.13 -18.29 -27.63
N THR D 334 -23.90 -19.19 -27.03
CA THR D 334 -24.84 -18.82 -25.99
C THR D 334 -24.51 -19.65 -24.76
N LEU D 335 -24.20 -19.00 -23.65
CA LEU D 335 -23.81 -19.73 -22.46
C LEU D 335 -25.03 -20.41 -21.87
N ALA D 336 -24.78 -21.52 -21.21
CA ALA D 336 -25.83 -22.27 -20.52
C ALA D 336 -26.54 -21.42 -19.45
N PRO D 337 -27.86 -21.63 -19.25
CA PRO D 337 -28.55 -20.95 -18.14
C PRO D 337 -27.98 -21.31 -16.77
N SER D 338 -27.42 -22.51 -16.63
CA SER D 338 -26.78 -22.94 -15.38
C SER D 338 -25.70 -21.98 -14.84
N PHE D 339 -25.00 -21.28 -15.73
CA PHE D 339 -24.04 -20.22 -15.33
C PHE D 339 -24.61 -19.19 -14.38
N GLY D 340 -25.92 -18.93 -14.51
CA GLY D 340 -26.62 -17.97 -13.68
C GLY D 340 -26.74 -18.31 -12.20
N SER D 341 -26.47 -19.57 -11.84
CA SER D 341 -26.46 -19.94 -10.44
C SER D 341 -25.12 -19.70 -9.74
N LEU D 342 -24.08 -19.34 -10.49
CA LEU D 342 -22.73 -19.15 -9.91
C LEU D 342 -22.63 -17.83 -9.16
N LEU D 343 -23.32 -17.74 -8.03
CA LEU D 343 -23.53 -16.45 -7.36
C LEU D 343 -22.27 -15.81 -6.78
N SER D 344 -21.27 -16.61 -6.47
CA SER D 344 -20.00 -16.10 -5.93
C SER D 344 -18.97 -15.75 -7.01
N LEU D 345 -19.23 -16.15 -8.27
CA LEU D 345 -18.31 -15.91 -9.39
C LEU D 345 -17.78 -14.47 -9.50
N GLN D 346 -16.45 -14.32 -9.46
CA GLN D 346 -15.80 -13.02 -9.58
C GLN D 346 -15.02 -12.83 -10.88
N GLU D 347 -14.70 -13.92 -11.56
CA GLU D 347 -13.64 -13.93 -12.56
C GLU D 347 -14.00 -15.09 -13.49
N LEU D 348 -14.25 -14.79 -14.77
CA LEU D 348 -14.57 -15.81 -15.78
C LEU D 348 -13.68 -15.63 -16.99
N ASP D 349 -12.92 -16.68 -17.34
CA ASP D 349 -12.02 -16.66 -18.49
C ASP D 349 -12.62 -17.44 -19.66
N MET D 350 -12.97 -16.73 -20.72
CA MET D 350 -13.48 -17.32 -21.96
C MET D 350 -12.59 -17.02 -23.21
N HIS D 351 -11.33 -16.72 -22.99
CA HIS D 351 -10.46 -16.30 -24.10
C HIS D 351 -10.06 -17.51 -24.91
N GLY D 352 -9.91 -17.34 -26.21
CA GLY D 352 -9.46 -18.44 -27.09
C GLY D 352 -10.44 -19.56 -27.37
N ILE D 353 -11.73 -19.29 -27.29
CA ILE D 353 -12.77 -20.26 -27.68
C ILE D 353 -13.06 -20.20 -29.17
N PHE D 354 -13.03 -18.98 -29.71
CA PHE D 354 -13.21 -18.68 -31.14
C PHE D 354 -14.69 -18.68 -31.48
N PHE D 355 -15.27 -17.48 -31.43
CA PHE D 355 -16.65 -17.25 -31.81
C PHE D 355 -16.83 -15.83 -32.30
N ARG D 356 -17.55 -15.68 -33.40
CA ARG D 356 -17.48 -14.46 -34.21
C ARG D 356 -18.39 -13.32 -33.78
N SER D 357 -19.29 -13.54 -32.83
CA SER D 357 -20.31 -12.53 -32.48
C SER D 357 -20.47 -12.47 -31.00
N LEU D 358 -20.51 -11.28 -30.43
CA LEU D 358 -20.78 -11.08 -29.01
C LEU D 358 -22.04 -10.26 -28.88
N SER D 359 -23.11 -10.88 -28.40
CA SER D 359 -24.46 -10.27 -28.33
C SER D 359 -25.07 -10.40 -26.94
N GLN D 360 -26.26 -9.81 -26.77
CA GLN D 360 -27.04 -9.95 -25.51
C GLN D 360 -27.19 -11.42 -25.08
N LYS D 361 -27.57 -12.29 -26.02
CA LYS D 361 -27.76 -13.72 -25.73
C LYS D 361 -26.51 -14.42 -25.21
N THR D 362 -25.32 -13.97 -25.63
CA THR D 362 -24.08 -14.69 -25.35
C THR D 362 -23.77 -14.77 -23.85
N LEU D 363 -24.00 -13.69 -23.13
CA LEU D 363 -23.63 -13.62 -21.72
C LEU D 363 -24.82 -13.39 -20.74
N GLN D 364 -26.05 -13.57 -21.20
CA GLN D 364 -27.28 -13.28 -20.42
C GLN D 364 -27.34 -13.90 -19.01
N PRO D 365 -26.88 -15.15 -18.85
CA PRO D 365 -26.82 -15.72 -17.49
C PRO D 365 -25.92 -14.97 -16.51
N LEU D 366 -24.84 -14.39 -17.03
CA LEU D 366 -23.84 -13.74 -16.21
C LEU D 366 -24.30 -12.36 -15.72
N ALA D 367 -25.35 -11.82 -16.33
CA ALA D 367 -25.75 -10.42 -16.16
C ALA D 367 -26.23 -10.04 -14.76
N ARG D 368 -26.68 -11.00 -13.96
CA ARG D 368 -27.16 -10.68 -12.62
C ARG D 368 -26.32 -11.29 -11.51
N LEU D 369 -25.19 -11.89 -11.86
CA LEU D 369 -24.21 -12.35 -10.86
C LEU D 369 -23.61 -11.11 -10.21
N PRO D 370 -23.85 -10.90 -8.90
CA PRO D 370 -23.47 -9.61 -8.28
C PRO D 370 -21.97 -9.40 -7.99
N MET D 371 -21.17 -10.48 -7.95
CA MET D 371 -19.73 -10.37 -7.65
C MET D 371 -18.83 -10.36 -8.89
N LEU D 372 -19.39 -10.51 -10.09
CA LEU D 372 -18.57 -10.70 -11.30
C LEU D 372 -17.84 -9.42 -11.69
N GLN D 373 -16.53 -9.44 -11.47
CA GLN D 373 -15.67 -8.28 -11.62
C GLN D 373 -14.82 -8.35 -12.88
N ARG D 374 -14.23 -9.50 -13.15
CA ARG D 374 -13.28 -9.62 -14.24
C ARG D 374 -13.81 -10.59 -15.29
N LEU D 375 -13.67 -10.22 -16.56
CA LEU D 375 -14.24 -10.97 -17.65
C LEU D 375 -13.29 -10.95 -18.85
N TYR D 376 -12.67 -12.09 -19.11
CA TYR D 376 -11.65 -12.20 -20.16
C TYR D 376 -12.21 -12.79 -21.44
N LEU D 377 -12.25 -11.99 -22.50
CA LEU D 377 -12.86 -12.35 -23.76
C LEU D 377 -11.91 -12.20 -24.96
N GLN D 378 -10.61 -12.19 -24.67
CA GLN D 378 -9.61 -11.94 -25.72
C GLN D 378 -9.44 -13.16 -26.68
N MET D 379 -8.80 -12.91 -27.83
CA MET D 379 -8.40 -13.95 -28.77
C MET D 379 -9.54 -14.83 -29.20
N ASN D 380 -10.68 -14.24 -29.51
CA ASN D 380 -11.89 -15.01 -29.90
C ASN D 380 -12.31 -14.82 -31.37
N PHE D 381 -11.52 -14.14 -32.17
CA PHE D 381 -11.91 -13.76 -33.54
C PHE D 381 -13.31 -13.11 -33.60
N ILE D 382 -13.65 -12.33 -32.56
CA ILE D 382 -14.94 -11.63 -32.51
C ILE D 382 -14.91 -10.46 -33.49
N ASN D 383 -15.86 -10.41 -34.44
CA ASN D 383 -15.95 -9.23 -35.37
C ASN D 383 -17.20 -8.40 -35.23
N GLN D 384 -18.20 -8.89 -34.51
CA GLN D 384 -19.32 -8.05 -34.07
C GLN D 384 -19.49 -8.14 -32.56
N ALA D 385 -19.68 -7.00 -31.92
CA ALA D 385 -19.80 -6.97 -30.48
C ALA D 385 -20.62 -5.80 -30.00
N GLN D 386 -21.82 -6.09 -29.48
CA GLN D 386 -22.64 -5.06 -28.84
C GLN D 386 -22.07 -4.82 -27.44
N LEU D 387 -21.31 -3.75 -27.28
CA LEU D 387 -20.69 -3.43 -26.02
C LEU D 387 -21.68 -2.93 -24.95
N GLY D 388 -22.87 -2.54 -25.38
CA GLY D 388 -23.94 -2.16 -24.47
C GLY D 388 -24.46 -3.27 -23.59
N ILE D 389 -24.18 -4.51 -23.93
CA ILE D 389 -24.55 -5.63 -23.06
C ILE D 389 -24.00 -5.50 -21.64
N PHE D 390 -22.84 -4.87 -21.49
CA PHE D 390 -22.18 -4.73 -20.20
C PHE D 390 -22.79 -3.67 -19.29
N LYS D 391 -23.60 -2.75 -19.83
CA LYS D 391 -24.26 -1.71 -19.03
C LYS D 391 -24.77 -2.15 -17.66
N ASP D 392 -25.69 -3.12 -17.65
CA ASP D 392 -26.38 -3.54 -16.42
C ASP D 392 -25.68 -4.64 -15.61
N PHE D 393 -24.42 -4.95 -15.91
CA PHE D 393 -23.65 -5.92 -15.10
C PHE D 393 -23.29 -5.22 -13.78
N PRO D 394 -23.82 -5.70 -12.64
CA PRO D 394 -23.75 -4.94 -11.37
C PRO D 394 -22.37 -4.65 -10.75
N GLY D 395 -21.37 -5.50 -11.00
CA GLY D 395 -20.08 -5.37 -10.34
C GLY D 395 -18.86 -5.36 -11.24
N LEU D 396 -19.06 -5.18 -12.56
CA LEU D 396 -17.95 -5.30 -13.52
C LEU D 396 -16.85 -4.24 -13.30
N ARG D 397 -15.61 -4.70 -13.26
CA ARG D 397 -14.42 -3.87 -13.14
C ARG D 397 -13.42 -3.95 -14.32
N TYR D 398 -13.51 -4.99 -15.13
CA TYR D 398 -12.47 -5.26 -16.12
C TYR D 398 -12.98 -6.22 -17.21
N ILE D 399 -12.91 -5.78 -18.46
CA ILE D 399 -13.29 -6.59 -19.61
C ILE D 399 -12.11 -6.59 -20.51
N ASP D 400 -11.56 -7.75 -20.80
CA ASP D 400 -10.49 -7.84 -21.81
C ASP D 400 -11.10 -8.34 -23.08
N LEU D 401 -11.20 -7.47 -24.07
CA LEU D 401 -11.67 -7.83 -25.42
C LEU D 401 -10.56 -7.65 -26.47
N SER D 402 -9.31 -7.71 -26.03
CA SER D 402 -8.16 -7.48 -26.88
C SER D 402 -7.94 -8.66 -27.86
N ASP D 403 -7.13 -8.45 -28.89
CA ASP D 403 -6.86 -9.46 -29.94
C ASP D 403 -8.12 -10.08 -30.53
N ASN D 404 -9.08 -9.22 -30.88
CA ASN D 404 -10.30 -9.64 -31.57
C ASN D 404 -10.37 -8.80 -32.84
N ARG D 405 -11.43 -9.00 -33.63
CA ARG D 405 -11.59 -8.38 -34.94
C ARG D 405 -12.74 -7.35 -34.98
N ILE D 406 -12.99 -6.70 -33.84
CA ILE D 406 -14.01 -5.64 -33.73
C ILE D 406 -13.53 -4.39 -34.44
N SER D 407 -14.39 -3.81 -35.29
CA SER D 407 -14.08 -2.58 -36.05
C SER D 407 -15.03 -1.38 -35.86
N GLY D 408 -16.03 -1.52 -34.99
CA GLY D 408 -16.97 -0.44 -34.72
C GLY D 408 -18.16 -0.86 -33.90
N ALA D 409 -19.24 -0.11 -34.04
CA ALA D 409 -20.55 -0.46 -33.47
C ALA D 409 -21.22 -1.54 -34.34
N VAL D 410 -22.10 -2.34 -33.74
CA VAL D 410 -22.87 -3.38 -34.50
C VAL D 410 -23.82 -2.78 -35.53
N GLU D 411 -24.20 -3.59 -36.53
CA GLU D 411 -25.09 -3.19 -37.65
C GLU D 411 -26.49 -2.66 -37.24
N SER D 442 7.23 2.76 -16.34
CA SER D 442 7.24 3.76 -15.28
C SER D 442 5.90 4.52 -15.22
N GLU D 443 5.21 4.35 -14.10
CA GLU D 443 3.93 5.01 -13.82
C GLU D 443 4.05 6.46 -13.32
N ASP D 444 5.30 6.93 -13.15
CA ASP D 444 5.61 8.36 -13.05
C ASP D 444 5.05 9.11 -14.25
N PHE D 445 5.31 8.55 -15.46
CA PHE D 445 4.99 9.19 -16.76
C PHE D 445 3.62 8.80 -17.32
N MET D 446 3.19 7.56 -17.07
CA MET D 446 1.88 7.09 -17.55
C MET D 446 1.24 6.12 -16.54
N PRO D 447 0.20 6.58 -15.81
CA PRO D 447 -0.44 5.70 -14.85
C PRO D 447 -1.10 4.46 -15.46
N SER D 448 -1.07 3.35 -14.72
CA SER D 448 -1.82 2.14 -15.07
C SER D 448 -3.29 2.27 -14.65
N CYS D 449 -4.10 1.27 -15.01
CA CYS D 449 -5.54 1.28 -14.71
C CYS D 449 -6.00 0.34 -13.55
N LYS D 450 -5.04 -0.21 -12.81
CA LYS D 450 -5.32 -1.18 -11.74
C LYS D 450 -6.25 -0.70 -10.60
N ASN D 451 -5.97 0.47 -10.02
CA ASN D 451 -6.79 0.98 -8.89
C ASN D 451 -8.12 1.64 -9.34
N LEU D 452 -8.42 1.64 -10.65
CA LEU D 452 -9.64 2.27 -11.17
C LEU D 452 -10.76 1.25 -11.20
N SER D 453 -11.98 1.75 -11.37
CA SER D 453 -13.19 0.94 -11.13
C SER D 453 -13.74 0.20 -12.32
N PHE D 454 -13.53 0.69 -13.54
CA PHE D 454 -14.10 0.06 -14.74
C PHE D 454 -13.20 0.31 -15.97
N THR D 455 -12.62 -0.78 -16.47
CA THR D 455 -11.63 -0.75 -17.53
C THR D 455 -12.03 -1.67 -18.68
N LEU D 456 -11.94 -1.16 -19.89
CA LEU D 456 -12.20 -1.95 -21.08
C LEU D 456 -10.95 -1.98 -21.92
N ASP D 457 -10.43 -3.16 -22.19
CA ASP D 457 -9.30 -3.32 -23.10
C ASP D 457 -9.82 -3.69 -24.48
N LEU D 458 -9.72 -2.77 -25.46
CA LEU D 458 -10.04 -3.04 -26.88
C LEU D 458 -8.82 -3.00 -27.77
N SER D 459 -7.65 -3.30 -27.20
CA SER D 459 -6.39 -3.17 -27.90
C SER D 459 -6.27 -4.32 -28.89
N ARG D 460 -5.45 -4.17 -29.93
CA ARG D 460 -5.26 -5.23 -30.92
C ARG D 460 -6.60 -5.67 -31.57
N ASN D 461 -7.42 -4.66 -31.90
CA ASN D 461 -8.62 -4.83 -32.71
C ASN D 461 -8.46 -4.07 -34.04
N ASN D 462 -9.52 -4.03 -34.85
CA ASN D 462 -9.47 -3.51 -36.22
C ASN D 462 -10.17 -2.16 -36.45
N LEU D 463 -10.21 -1.32 -35.42
CA LEU D 463 -10.75 0.03 -35.55
C LEU D 463 -9.87 0.88 -36.44
N VAL D 464 -10.47 1.47 -37.46
CA VAL D 464 -9.81 2.43 -38.32
C VAL D 464 -10.32 3.85 -38.08
N THR D 465 -11.54 4.00 -37.53
CA THR D 465 -11.98 5.29 -36.97
C THR D 465 -12.62 5.01 -35.61
N VAL D 466 -13.13 6.05 -34.96
CA VAL D 466 -13.83 5.89 -33.73
C VAL D 466 -15.19 6.54 -33.89
N GLN D 467 -16.22 5.71 -33.89
CA GLN D 467 -17.63 6.10 -34.01
C GLN D 467 -18.11 6.27 -32.57
N PRO D 468 -18.66 7.43 -32.19
CA PRO D 468 -19.14 7.55 -30.80
C PRO D 468 -20.22 6.54 -30.42
N GLU D 469 -21.00 6.12 -31.42
CA GLU D 469 -22.07 5.13 -31.25
C GLU D 469 -21.64 3.83 -30.53
N MET D 470 -20.45 3.32 -30.79
CA MET D 470 -20.03 2.05 -30.17
C MET D 470 -19.86 2.14 -28.65
N PHE D 471 -19.65 3.33 -28.13
CA PHE D 471 -19.52 3.54 -26.67
C PHE D 471 -20.76 4.14 -26.04
N ALA D 472 -21.92 4.08 -26.69
CA ALA D 472 -23.12 4.82 -26.19
C ALA D 472 -23.52 4.49 -24.74
N GLN D 473 -23.36 3.24 -24.35
CA GLN D 473 -23.80 2.75 -23.06
C GLN D 473 -22.65 2.59 -22.06
N LEU D 474 -21.48 3.15 -22.35
CA LEU D 474 -20.31 2.93 -21.50
C LEU D 474 -19.84 4.21 -20.82
N SER D 475 -20.77 5.06 -20.43
CA SER D 475 -20.43 6.31 -19.75
C SER D 475 -19.77 6.12 -18.37
N ARG D 476 -19.91 4.95 -17.77
CA ARG D 476 -19.29 4.62 -16.48
C ARG D 476 -17.76 4.33 -16.59
N LEU D 477 -17.28 4.02 -17.80
CA LEU D 477 -15.87 3.69 -18.07
C LEU D 477 -14.92 4.76 -17.61
N GLN D 478 -13.91 4.34 -16.84
CA GLN D 478 -12.82 5.17 -16.36
C GLN D 478 -11.52 4.92 -17.15
N CYS D 479 -11.37 3.77 -17.81
CA CYS D 479 -10.15 3.47 -18.57
C CYS D 479 -10.48 2.68 -19.83
N LEU D 480 -9.97 3.16 -20.96
CA LEU D 480 -10.18 2.54 -22.24
C LEU D 480 -8.84 2.36 -22.94
N ARG D 481 -8.50 1.12 -23.28
CA ARG D 481 -7.31 0.84 -24.04
C ARG D 481 -7.71 0.59 -25.45
N LEU D 482 -7.14 1.40 -26.36
CA LEU D 482 -7.36 1.24 -27.78
C LEU D 482 -6.07 1.12 -28.55
N SER D 483 -5.03 0.60 -27.92
CA SER D 483 -3.71 0.55 -28.57
C SER D 483 -3.64 -0.57 -29.62
N HIS D 484 -2.68 -0.47 -30.50
CA HIS D 484 -2.47 -1.45 -31.57
C HIS D 484 -3.76 -1.71 -32.37
N ASN D 485 -4.51 -0.66 -32.66
CA ASN D 485 -5.61 -0.74 -33.61
C ASN D 485 -5.08 -0.26 -34.97
N SER D 486 -5.94 0.27 -35.87
CA SER D 486 -5.46 0.78 -37.17
C SER D 486 -6.08 2.14 -37.41
N ILE D 487 -6.23 2.87 -36.30
CA ILE D 487 -6.99 4.10 -36.30
C ILE D 487 -6.22 5.14 -37.13
N SER D 488 -6.73 5.52 -38.31
CA SER D 488 -6.05 6.53 -39.15
C SER D 488 -6.89 7.80 -39.29
N GLN D 489 -7.48 8.21 -38.17
CA GLN D 489 -8.48 9.27 -38.18
C GLN D 489 -7.94 10.62 -37.73
N ALA D 490 -8.39 11.70 -38.38
CA ALA D 490 -8.11 13.07 -37.90
C ALA D 490 -9.08 13.45 -36.76
N VAL D 491 -8.83 12.96 -35.57
CA VAL D 491 -9.70 13.20 -34.42
C VAL D 491 -9.98 14.69 -34.21
N ASN D 492 -11.18 15.00 -33.70
CA ASN D 492 -11.63 16.39 -33.66
C ASN D 492 -12.63 16.79 -32.55
N GLY D 493 -12.81 15.95 -31.55
CA GLY D 493 -13.72 16.26 -30.44
C GLY D 493 -15.07 15.55 -30.47
N SER D 494 -15.32 14.72 -31.49
CA SER D 494 -16.63 14.07 -31.66
C SER D 494 -16.56 12.56 -31.62
N GLN D 495 -15.42 11.99 -31.25
CA GLN D 495 -15.25 10.54 -31.31
C GLN D 495 -15.63 9.80 -30.00
N PHE D 496 -15.38 10.43 -28.86
CA PHE D 496 -15.53 9.77 -27.54
C PHE D 496 -16.59 10.46 -26.68
N VAL D 497 -17.59 11.04 -27.31
CA VAL D 497 -18.57 11.89 -26.62
C VAL D 497 -19.20 11.25 -25.33
N PRO D 498 -19.68 9.98 -25.41
CA PRO D 498 -20.35 9.39 -24.25
C PRO D 498 -19.48 9.12 -23.02
N LEU D 499 -18.16 8.99 -23.19
CA LEU D 499 -17.28 8.50 -22.12
C LEU D 499 -17.00 9.60 -21.11
N THR D 500 -18.05 9.96 -20.37
CA THR D 500 -18.03 11.10 -19.48
C THR D 500 -17.24 10.87 -18.18
N SER D 501 -16.96 9.62 -17.82
CA SER D 501 -16.12 9.32 -16.64
C SER D 501 -14.65 8.97 -16.96
N LEU D 502 -14.31 8.84 -18.25
CA LEU D 502 -13.02 8.30 -18.69
C LEU D 502 -11.84 9.15 -18.22
N GLN D 503 -10.94 8.53 -17.47
CA GLN D 503 -9.73 9.13 -16.93
C GLN D 503 -8.45 8.78 -17.70
N VAL D 504 -8.39 7.59 -18.27
CA VAL D 504 -7.19 7.13 -18.97
C VAL D 504 -7.61 6.64 -20.35
N LEU D 505 -6.92 7.12 -21.39
CA LEU D 505 -7.18 6.70 -22.77
C LEU D 505 -5.87 6.38 -23.44
N ASP D 506 -5.62 5.11 -23.72
CA ASP D 506 -4.37 4.68 -24.32
C ASP D 506 -4.66 4.47 -25.79
N LEU D 507 -4.01 5.28 -26.62
CA LEU D 507 -4.18 5.20 -28.06
C LEU D 507 -2.84 4.91 -28.75
N SER D 508 -1.92 4.30 -28.01
CA SER D 508 -0.60 4.05 -28.55
C SER D 508 -0.68 3.06 -29.69
N HIS D 509 0.36 3.05 -30.53
CA HIS D 509 0.48 2.17 -31.70
C HIS D 509 -0.75 2.24 -32.60
N ASN D 510 -1.03 3.45 -33.06
CA ASN D 510 -2.10 3.76 -34.04
C ASN D 510 -1.54 4.77 -35.07
N LYS D 511 -2.40 5.39 -35.88
CA LYS D 511 -1.98 6.40 -36.82
C LYS D 511 -2.86 7.64 -36.76
N LEU D 512 -3.15 8.11 -35.54
CA LEU D 512 -3.94 9.32 -35.37
C LEU D 512 -3.23 10.54 -35.99
N ASP D 513 -3.99 11.30 -36.80
CA ASP D 513 -3.53 12.53 -37.42
C ASP D 513 -3.94 13.68 -36.54
N LEU D 514 -2.97 14.30 -35.90
CA LEU D 514 -3.22 15.33 -34.90
C LEU D 514 -3.18 16.70 -35.58
N TYR D 515 -4.33 17.35 -35.63
CA TYR D 515 -4.52 18.46 -36.55
C TYR D 515 -5.68 19.38 -36.12
N HIS D 516 -6.88 18.83 -35.94
CA HIS D 516 -8.01 19.64 -35.44
C HIS D 516 -7.81 20.05 -33.97
N GLY D 517 -8.28 21.23 -33.62
CA GLY D 517 -7.93 21.87 -32.37
C GLY D 517 -8.67 21.41 -31.14
N ARG D 518 -9.73 20.64 -31.32
CA ARG D 518 -10.62 20.25 -30.22
C ARG D 518 -10.67 18.75 -30.00
N SER D 519 -9.72 18.01 -30.58
CA SER D 519 -9.60 16.59 -30.31
C SER D 519 -9.46 16.30 -28.81
N PHE D 520 -10.19 15.30 -28.35
CA PHE D 520 -10.22 14.90 -26.95
C PHE D 520 -10.91 15.87 -25.98
N THR D 521 -11.32 17.08 -26.41
CA THR D 521 -11.97 18.01 -25.47
C THR D 521 -13.32 17.52 -24.94
N GLU D 522 -13.93 16.56 -25.65
CA GLU D 522 -15.16 15.86 -25.20
C GLU D 522 -15.04 14.88 -24.02
N LEU D 523 -13.83 14.70 -23.47
CA LEU D 523 -13.59 13.84 -22.31
C LEU D 523 -13.30 14.73 -21.13
N PRO D 524 -14.36 15.19 -20.44
CA PRO D 524 -14.15 16.17 -19.36
C PRO D 524 -13.26 15.71 -18.20
N ARG D 525 -13.16 14.41 -17.92
CA ARG D 525 -12.35 13.89 -16.78
C ARG D 525 -10.98 13.32 -17.17
N LEU D 526 -10.59 13.47 -18.46
CA LEU D 526 -9.35 12.91 -18.98
C LEU D 526 -8.16 13.45 -18.21
N GLU D 527 -7.41 12.52 -17.62
CA GLU D 527 -6.19 12.77 -16.87
C GLU D 527 -4.95 12.18 -17.54
N ALA D 528 -5.05 11.11 -18.29
CA ALA D 528 -3.88 10.48 -18.87
C ALA D 528 -4.17 10.02 -20.28
N LEU D 529 -3.31 10.39 -21.20
CA LEU D 529 -3.55 10.19 -22.61
C LEU D 529 -2.29 9.71 -23.30
N ASP D 530 -2.32 8.51 -23.86
CA ASP D 530 -1.13 7.94 -24.46
C ASP D 530 -1.24 7.99 -25.97
N LEU D 531 -0.44 8.86 -26.59
CA LEU D 531 -0.40 9.00 -28.03
C LEU D 531 0.97 8.55 -28.60
N SER D 532 1.61 7.62 -27.93
CA SER D 532 2.94 7.17 -28.36
C SER D 532 2.82 6.25 -29.56
N TYR D 533 3.92 6.09 -30.31
CA TYR D 533 3.99 5.24 -31.50
C TYR D 533 2.80 5.51 -32.44
N ASN D 534 2.52 6.78 -32.68
CA ASN D 534 1.59 7.24 -33.68
C ASN D 534 2.42 8.07 -34.68
N SER D 535 3.47 7.43 -35.18
CA SER D 535 4.54 8.10 -35.91
C SER D 535 4.24 8.39 -37.40
N GLN D 536 3.46 7.53 -38.06
CA GLN D 536 3.32 7.60 -39.52
C GLN D 536 2.87 8.97 -40.06
N PRO D 537 1.91 9.65 -39.38
CA PRO D 537 1.57 11.02 -39.81
C PRO D 537 2.73 11.99 -39.75
N PHE D 538 3.57 11.90 -38.71
CA PHE D 538 4.70 12.82 -38.54
C PHE D 538 5.87 12.51 -39.52
N SER D 539 5.87 11.32 -40.12
CA SER D 539 6.83 11.01 -41.19
C SER D 539 6.44 11.56 -42.56
N MET D 540 5.26 12.17 -42.66
CA MET D 540 4.71 12.67 -43.93
C MET D 540 5.39 14.01 -44.27
N ARG D 541 6.49 13.91 -45.01
CA ARG D 541 7.39 15.07 -45.29
C ARG D 541 6.71 16.13 -46.15
N GLY D 542 6.65 17.34 -45.59
CA GLY D 542 5.86 18.44 -46.17
C GLY D 542 4.40 18.60 -45.67
N VAL D 543 3.90 17.69 -44.84
CA VAL D 543 2.59 17.82 -44.20
C VAL D 543 2.83 18.02 -42.71
N GLY D 544 2.41 19.16 -42.19
CA GLY D 544 2.59 19.53 -40.79
C GLY D 544 1.46 19.07 -39.89
N HIS D 545 1.59 19.34 -38.60
CA HIS D 545 0.62 18.89 -37.61
C HIS D 545 0.48 19.85 -36.46
N ASN D 546 -0.69 19.82 -35.85
CA ASN D 546 -1.09 20.82 -34.88
C ASN D 546 -1.37 20.11 -33.54
N LEU D 547 -0.65 20.55 -32.50
CA LEU D 547 -0.78 20.03 -31.14
C LEU D 547 -1.42 21.06 -30.20
N SER D 548 -2.16 22.03 -30.75
CA SER D 548 -2.75 23.09 -29.92
C SER D 548 -3.87 22.56 -29.03
N PHE D 549 -4.43 21.40 -29.39
CA PHE D 549 -5.45 20.75 -28.58
C PHE D 549 -5.08 20.51 -27.13
N VAL D 550 -3.79 20.26 -26.88
CA VAL D 550 -3.34 19.95 -25.53
C VAL D 550 -3.74 21.03 -24.53
N ALA D 551 -3.70 22.29 -24.96
CA ALA D 551 -4.08 23.43 -24.15
C ALA D 551 -5.57 23.42 -23.79
N GLN D 552 -6.38 22.69 -24.57
CA GLN D 552 -7.84 22.61 -24.37
C GLN D 552 -8.29 21.41 -23.51
N LEU D 553 -7.35 20.67 -22.91
CA LEU D 553 -7.66 19.51 -22.05
C LEU D 553 -7.42 19.82 -20.58
N PRO D 554 -8.40 20.48 -19.92
CA PRO D 554 -8.17 21.18 -18.63
C PRO D 554 -7.74 20.36 -17.44
N THR D 555 -7.98 19.04 -17.41
CA THR D 555 -7.51 18.17 -16.29
C THR D 555 -6.43 17.15 -16.70
N LEU D 556 -5.84 17.31 -17.88
CA LEU D 556 -4.85 16.39 -18.36
C LEU D 556 -3.58 16.52 -17.50
N ARG D 557 -3.13 15.40 -16.95
CA ARG D 557 -1.96 15.35 -16.11
C ARG D 557 -0.81 14.59 -16.72
N TYR D 558 -1.09 13.61 -17.57
CA TYR D 558 -0.06 12.76 -18.17
C TYR D 558 -0.29 12.73 -19.68
N LEU D 559 0.78 12.94 -20.44
CA LEU D 559 0.69 12.91 -21.88
C LEU D 559 1.94 12.23 -22.43
N SER D 560 1.77 11.23 -23.29
CA SER D 560 2.92 10.63 -23.98
C SER D 560 2.85 10.99 -25.47
N LEU D 561 3.93 11.55 -25.99
CA LEU D 561 4.10 11.71 -27.43
C LEU D 561 5.33 10.93 -27.89
N ALA D 562 5.60 9.85 -27.16
CA ALA D 562 6.85 9.13 -27.34
C ALA D 562 6.88 8.37 -28.69
N HIS D 563 8.09 8.17 -29.20
CA HIS D 563 8.35 7.36 -30.41
C HIS D 563 7.46 7.70 -31.62
N ASN D 564 7.24 9.01 -31.80
CA ASN D 564 6.45 9.58 -32.91
C ASN D 564 7.28 10.21 -34.03
N GLY D 565 8.60 10.32 -33.84
CA GLY D 565 9.49 10.92 -34.83
C GLY D 565 9.19 12.37 -35.16
N ILE D 566 8.78 13.14 -34.15
CA ILE D 566 8.35 14.53 -34.35
C ILE D 566 9.59 15.37 -34.67
N HIS D 567 9.67 15.90 -35.89
CA HIS D 567 10.89 16.54 -36.35
C HIS D 567 10.74 17.91 -37.04
N SER D 568 9.65 18.13 -37.79
CA SER D 568 9.42 19.42 -38.44
C SER D 568 7.95 19.70 -38.59
N ARG D 569 7.64 20.93 -38.96
CA ARG D 569 6.26 21.36 -39.21
C ARG D 569 5.29 20.98 -38.11
N VAL D 570 5.56 21.41 -36.88
CA VAL D 570 4.61 21.25 -35.79
C VAL D 570 4.49 22.52 -35.01
N SER D 571 3.52 22.52 -34.10
CA SER D 571 3.26 23.66 -33.23
C SER D 571 4.53 24.11 -32.55
N GLN D 572 4.70 25.42 -32.48
CA GLN D 572 5.89 26.01 -31.88
C GLN D 572 5.93 25.88 -30.37
N GLN D 573 4.77 25.80 -29.72
CA GLN D 573 4.68 25.67 -28.27
C GLN D 573 3.65 24.63 -27.87
N LEU D 574 3.97 23.85 -26.85
CA LEU D 574 2.99 23.08 -26.09
C LEU D 574 2.62 23.93 -24.88
N CYS D 575 1.34 24.26 -24.80
CA CYS D 575 0.79 25.03 -23.72
C CYS D 575 -0.17 24.11 -22.90
N SER D 576 -0.01 24.08 -21.57
CA SER D 576 -0.96 23.44 -20.64
C SER D 576 -0.76 23.87 -19.23
N THR D 577 -1.82 24.35 -18.57
CA THR D 577 -1.71 24.78 -17.17
C THR D 577 -1.65 23.61 -16.21
N SER D 578 -2.14 22.44 -16.64
CA SER D 578 -2.41 21.31 -15.75
C SER D 578 -1.44 20.13 -15.82
N LEU D 579 -0.75 19.96 -16.95
CA LEU D 579 0.08 18.78 -17.19
C LEU D 579 1.25 18.64 -16.20
N TRP D 580 1.46 17.42 -15.71
CA TRP D 580 2.54 17.08 -14.79
C TRP D 580 3.68 16.32 -15.47
N ALA D 581 3.35 15.46 -16.44
CA ALA D 581 4.36 14.59 -17.03
C ALA D 581 4.20 14.53 -18.50
N LEU D 582 5.32 14.61 -19.23
CA LEU D 582 5.29 14.51 -20.67
C LEU D 582 6.42 13.63 -21.10
N ASP D 583 6.09 12.51 -21.72
CA ASP D 583 7.09 11.66 -22.33
C ASP D 583 7.24 12.10 -23.77
N PHE D 584 8.31 12.82 -24.06
CA PHE D 584 8.61 13.21 -25.44
C PHE D 584 9.77 12.40 -26.03
N SER D 585 10.00 11.19 -25.53
CA SER D 585 11.16 10.43 -25.95
C SER D 585 11.00 9.95 -27.39
N GLY D 586 12.09 9.54 -28.05
CA GLY D 586 12.00 9.00 -29.43
C GLY D 586 11.41 9.95 -30.45
N ASN D 587 11.82 11.21 -30.38
CA ASN D 587 11.44 12.22 -31.38
C ASN D 587 12.77 12.84 -31.87
N SER D 588 12.75 14.00 -32.54
CA SER D 588 13.97 14.66 -32.97
C SER D 588 13.90 16.11 -32.65
N LEU D 589 13.90 16.42 -31.35
CA LEU D 589 14.19 17.78 -30.88
C LEU D 589 15.45 18.35 -31.51
N SER D 590 16.43 17.49 -31.71
CA SER D 590 17.62 17.79 -32.48
C SER D 590 17.31 18.63 -33.70
N GLN D 591 16.42 18.14 -34.55
CA GLN D 591 16.10 18.85 -35.78
C GLN D 591 15.26 20.11 -35.50
N MET D 592 14.40 20.05 -34.47
CA MET D 592 13.56 21.19 -34.06
C MET D 592 14.39 22.32 -33.47
N TRP D 593 15.21 22.01 -32.48
CA TRP D 593 16.09 23.00 -31.86
C TRP D 593 17.24 23.50 -32.74
N ALA D 594 17.49 22.84 -33.87
CA ALA D 594 18.40 23.34 -34.89
C ALA D 594 17.77 24.39 -35.83
N GLU D 595 16.45 24.61 -35.71
CA GLU D 595 15.68 25.33 -36.71
C GLU D 595 15.33 26.76 -36.28
N GLY D 596 16.37 27.60 -36.20
CA GLY D 596 16.23 28.96 -35.71
C GLY D 596 15.65 29.04 -34.31
N ASP D 597 14.98 30.14 -34.04
CA ASP D 597 14.28 30.31 -32.77
C ASP D 597 12.91 29.60 -32.68
N LEU D 598 12.47 28.91 -33.76
CA LEU D 598 11.07 28.42 -33.89
C LEU D 598 10.55 27.61 -32.72
N TYR D 599 11.39 26.72 -32.17
CA TYR D 599 10.96 25.74 -31.16
C TYR D 599 11.67 25.87 -29.79
N LEU D 600 12.37 27.00 -29.56
CA LEU D 600 13.18 27.12 -28.33
C LEU D 600 12.36 27.18 -27.05
N ARG D 601 11.14 27.70 -27.15
CA ARG D 601 10.21 27.72 -26.04
C ARG D 601 9.16 26.60 -26.13
N PHE D 602 9.47 25.50 -26.84
CA PHE D 602 8.49 24.43 -27.13
C PHE D 602 7.80 23.85 -25.89
N PHE D 603 8.55 23.64 -24.81
CA PHE D 603 8.01 23.07 -23.58
C PHE D 603 7.68 24.12 -22.52
N GLN D 604 7.90 25.40 -22.81
CA GLN D 604 7.83 26.45 -21.77
C GLN D 604 6.42 26.70 -21.23
N GLY D 605 5.42 26.58 -22.09
CA GLY D 605 4.02 26.76 -21.68
C GLY D 605 3.41 25.68 -20.79
N LEU D 606 4.19 24.64 -20.47
CA LEU D 606 3.78 23.55 -19.58
C LEU D 606 4.08 24.03 -18.17
N ARG D 607 3.18 24.88 -17.67
CA ARG D 607 3.39 25.67 -16.47
C ARG D 607 3.57 24.86 -15.17
N SER D 608 3.01 23.67 -15.10
CA SER D 608 3.07 22.82 -13.90
C SER D 608 3.89 21.53 -14.08
N LEU D 609 4.60 21.41 -15.19
CA LEU D 609 5.26 20.17 -15.53
C LEU D 609 6.34 19.85 -14.49
N ILE D 610 6.28 18.64 -13.93
CA ILE D 610 7.31 18.17 -12.99
C ILE D 610 8.21 17.07 -13.59
N ARG D 611 7.74 16.32 -14.58
CA ARG D 611 8.56 15.25 -15.20
C ARG D 611 8.59 15.38 -16.71
N LEU D 612 9.77 15.40 -17.30
CA LEU D 612 9.92 15.45 -18.77
C LEU D 612 10.94 14.44 -19.23
N ASP D 613 10.61 13.71 -20.29
CA ASP D 613 11.53 12.75 -20.91
C ASP D 613 11.89 13.19 -22.33
N LEU D 614 13.14 13.59 -22.50
CA LEU D 614 13.70 13.97 -23.78
C LEU D 614 14.75 12.93 -24.24
N SER D 615 14.60 11.69 -23.79
CA SER D 615 15.51 10.62 -24.22
C SER D 615 15.35 10.31 -25.72
N GLN D 616 16.39 9.69 -26.30
CA GLN D 616 16.44 9.36 -27.74
C GLN D 616 15.81 10.43 -28.62
N ASN D 617 16.30 11.65 -28.48
CA ASN D 617 15.89 12.74 -29.35
C ASN D 617 17.00 13.15 -30.32
N ARG D 618 17.91 12.22 -30.60
CA ARG D 618 19.13 12.46 -31.42
C ARG D 618 19.90 13.74 -31.09
N LEU D 619 19.87 14.16 -29.82
CA LEU D 619 20.49 15.43 -29.43
C LEU D 619 22.02 15.31 -29.38
N HIS D 620 22.69 16.03 -30.28
CA HIS D 620 24.14 16.12 -30.25
C HIS D 620 24.58 17.33 -29.45
N THR D 621 23.65 18.19 -29.04
CA THR D 621 24.02 19.47 -28.43
C THR D 621 22.81 20.14 -27.74
N LEU D 622 23.08 20.98 -26.76
CA LEU D 622 22.06 21.77 -26.05
C LEU D 622 22.61 23.17 -25.80
N LEU D 623 21.84 24.21 -26.13
CA LEU D 623 22.12 25.58 -25.63
C LEU D 623 21.76 25.72 -24.13
N PRO D 624 22.49 26.55 -23.38
CA PRO D 624 22.01 26.90 -22.04
C PRO D 624 20.64 27.62 -22.03
N CYS D 625 20.34 28.40 -23.08
CA CYS D 625 19.01 29.03 -23.30
C CYS D 625 17.85 28.05 -23.60
N THR D 626 18.18 26.94 -24.25
CA THR D 626 17.22 25.87 -24.50
C THR D 626 16.81 25.19 -23.18
N LEU D 627 17.78 24.85 -22.34
CA LEU D 627 17.49 24.28 -21.02
C LEU D 627 16.79 25.25 -20.04
N GLY D 628 17.05 26.54 -20.17
CA GLY D 628 16.40 27.54 -19.30
C GLY D 628 14.96 27.82 -19.68
N ASN D 629 14.62 27.48 -20.92
CA ASN D 629 13.26 27.61 -21.43
C ASN D 629 12.41 26.37 -21.10
N LEU D 630 12.96 25.42 -20.35
CA LEU D 630 12.15 24.37 -19.73
C LEU D 630 11.49 24.88 -18.43
N PRO D 631 10.35 24.28 -18.05
CA PRO D 631 9.60 24.79 -16.91
C PRO D 631 10.40 24.74 -15.63
N LYS D 632 10.38 25.86 -14.91
CA LYS D 632 11.09 26.03 -13.65
C LYS D 632 10.64 24.98 -12.63
N SER D 633 9.38 24.54 -12.76
CA SER D 633 8.80 23.51 -11.88
C SER D 633 9.38 22.10 -11.97
N LEU D 634 10.16 21.82 -13.02
CA LEU D 634 10.72 20.49 -13.26
C LEU D 634 11.51 19.84 -12.12
N GLN D 635 11.19 18.58 -11.84
CA GLN D 635 11.94 17.78 -10.88
C GLN D 635 12.69 16.61 -11.52
N LEU D 636 12.18 16.05 -12.61
CA LEU D 636 12.83 14.94 -13.27
C LEU D 636 13.08 15.34 -14.72
N LEU D 637 14.31 15.22 -15.16
CA LEU D 637 14.64 15.35 -16.59
C LEU D 637 15.43 14.16 -17.02
N ARG D 638 14.89 13.41 -17.99
CA ARG D 638 15.65 12.34 -18.64
C ARG D 638 16.20 12.85 -19.96
N LEU D 639 17.48 12.53 -20.23
CA LEU D 639 18.10 12.79 -21.56
C LEU D 639 18.89 11.56 -21.96
N ARG D 640 18.32 10.40 -21.69
CA ARG D 640 19.00 9.14 -21.94
C ARG D 640 19.21 8.91 -23.42
N ASN D 641 20.22 8.11 -23.75
CA ASN D 641 20.47 7.63 -25.10
C ASN D 641 20.47 8.70 -26.18
N ASN D 642 21.03 9.86 -25.87
CA ASN D 642 21.24 10.91 -26.85
C ASN D 642 22.70 10.86 -27.33
N TYR D 643 23.22 11.91 -27.97
CA TYR D 643 24.62 11.95 -28.41
C TYR D 643 25.44 13.12 -27.83
N LEU D 644 25.12 13.50 -26.59
CA LEU D 644 25.76 14.64 -25.94
C LEU D 644 27.18 14.24 -25.54
N ALA D 645 28.15 15.06 -25.96
CA ALA D 645 29.58 14.91 -25.61
C ALA D 645 30.02 15.99 -24.65
N PHE D 646 29.11 16.89 -24.27
CA PHE D 646 29.43 18.06 -23.48
C PHE D 646 28.21 18.45 -22.68
N PHE D 647 28.40 18.92 -21.47
CA PHE D 647 27.27 19.37 -20.69
C PHE D 647 27.74 20.46 -19.76
N ASN D 648 27.16 21.63 -19.99
CA ASN D 648 27.39 22.82 -19.18
C ASN D 648 26.61 22.67 -17.88
N TRP D 649 27.27 22.13 -16.87
CA TRP D 649 26.66 21.82 -15.57
C TRP D 649 26.13 23.04 -14.81
N SER D 650 26.68 24.22 -15.08
CA SER D 650 26.22 25.45 -14.40
C SER D 650 24.75 25.79 -14.74
N SER D 651 24.30 25.39 -15.93
CA SER D 651 22.94 25.65 -16.36
C SER D 651 21.89 24.88 -15.56
N LEU D 652 22.31 23.94 -14.71
CA LEU D 652 21.40 23.34 -13.74
C LEU D 652 20.81 24.30 -12.70
N THR D 653 21.36 25.50 -12.52
CA THR D 653 20.72 26.48 -11.64
C THR D 653 19.51 27.15 -12.28
N LEU D 654 19.36 27.02 -13.60
CA LEU D 654 18.14 27.43 -14.31
C LEU D 654 16.94 26.46 -14.11
N LEU D 655 17.19 25.30 -13.52
CA LEU D 655 16.15 24.37 -13.08
C LEU D 655 16.24 24.21 -11.56
N PRO D 656 15.83 25.25 -10.79
CA PRO D 656 15.96 25.25 -9.31
C PRO D 656 15.46 23.99 -8.62
N ASN D 657 14.34 23.44 -9.10
CA ASN D 657 13.67 22.31 -8.44
C ASN D 657 14.13 20.92 -8.91
N LEU D 658 15.12 20.83 -9.80
CA LEU D 658 15.52 19.55 -10.40
C LEU D 658 16.08 18.64 -9.33
N GLU D 659 15.46 17.48 -9.13
CA GLU D 659 15.92 16.45 -8.18
C GLU D 659 16.58 15.22 -8.85
N THR D 660 16.29 15.00 -10.14
CA THR D 660 16.79 13.81 -10.86
C THR D 660 17.21 14.17 -12.26
N LEU D 661 18.43 13.81 -12.65
CA LEU D 661 18.94 14.04 -14.00
C LEU D 661 19.49 12.74 -14.54
N ASP D 662 18.92 12.27 -15.65
CA ASP D 662 19.37 11.04 -16.25
C ASP D 662 20.07 11.32 -17.57
N LEU D 663 21.39 11.13 -17.60
CA LEU D 663 22.14 11.30 -18.84
C LEU D 663 22.73 9.96 -19.29
N ALA D 664 22.14 8.84 -18.89
CA ALA D 664 22.71 7.54 -19.27
C ALA D 664 22.76 7.41 -20.80
N GLY D 665 23.71 6.67 -21.34
CA GLY D 665 23.75 6.37 -22.78
C GLY D 665 24.20 7.50 -23.71
N ASN D 666 24.89 8.50 -23.17
CA ASN D 666 25.41 9.60 -23.96
C ASN D 666 26.89 9.33 -24.26
N GLN D 667 27.64 10.34 -24.70
CA GLN D 667 29.07 10.21 -24.97
C GLN D 667 29.92 11.21 -24.16
N LEU D 668 29.53 11.54 -22.94
CA LEU D 668 30.38 12.37 -22.08
C LEU D 668 31.78 11.72 -21.94
N LYS D 669 32.82 12.47 -22.29
CA LYS D 669 34.22 12.02 -22.18
C LYS D 669 34.77 12.27 -20.77
N ALA D 670 34.09 13.13 -19.99
CA ALA D 670 34.46 13.45 -18.63
C ALA D 670 33.36 14.17 -17.87
N LEU D 671 33.49 14.15 -16.56
CA LEU D 671 32.75 15.05 -15.70
C LEU D 671 33.67 16.23 -15.42
N SER D 672 33.47 17.29 -16.19
CA SER D 672 34.27 18.52 -16.10
C SER D 672 33.48 19.72 -16.69
N ASN D 673 34.19 20.82 -16.98
CA ASN D 673 33.61 21.99 -17.61
C ASN D 673 32.76 22.71 -16.62
N GLY D 674 33.35 22.92 -15.45
CA GLY D 674 32.66 23.40 -14.27
C GLY D 674 32.32 22.23 -13.38
N SER D 675 31.72 22.55 -12.24
CA SER D 675 31.25 21.54 -11.31
C SER D 675 29.75 21.64 -11.15
N LEU D 676 29.17 20.69 -10.43
CA LEU D 676 27.75 20.79 -10.09
C LEU D 676 27.60 22.05 -9.25
N PRO D 677 26.79 23.00 -9.71
CA PRO D 677 26.83 24.33 -9.14
C PRO D 677 26.22 24.40 -7.75
N SER D 678 26.48 25.52 -7.09
CA SER D 678 26.08 25.76 -5.72
C SER D 678 24.56 25.69 -5.55
N GLY D 679 24.12 25.11 -4.43
CA GLY D 679 22.69 25.05 -4.10
C GLY D 679 21.76 24.21 -4.98
N THR D 680 22.31 23.42 -5.90
CA THR D 680 21.49 22.50 -6.68
C THR D 680 20.74 21.54 -5.75
N GLN D 681 19.50 21.18 -6.11
CA GLN D 681 18.67 20.26 -5.30
C GLN D 681 18.83 18.78 -5.69
N LEU D 682 19.85 18.46 -6.48
CA LEU D 682 19.95 17.19 -7.16
C LEU D 682 20.19 16.02 -6.20
N GLN D 683 19.32 15.00 -6.26
CA GLN D 683 19.43 13.77 -5.45
C GLN D 683 19.89 12.53 -6.22
N ARG D 684 19.47 12.41 -7.48
CA ARG D 684 19.81 11.26 -8.32
C ARG D 684 20.52 11.75 -9.58
N LEU D 685 21.63 11.12 -9.91
CA LEU D 685 22.39 11.45 -11.12
C LEU D 685 22.95 10.19 -11.74
N ASP D 686 22.63 9.99 -13.01
CA ASP D 686 22.96 8.78 -13.72
C ASP D 686 23.77 9.18 -14.94
N VAL D 687 25.07 8.93 -14.90
CA VAL D 687 25.93 9.20 -16.04
C VAL D 687 26.53 7.88 -16.55
N SER D 688 25.73 6.82 -16.45
CA SER D 688 26.19 5.51 -16.89
C SER D 688 26.24 5.41 -18.41
N ARG D 689 26.93 4.39 -18.91
CA ARG D 689 27.04 4.11 -20.34
C ARG D 689 27.46 5.34 -21.17
N ASN D 690 28.38 6.13 -20.60
CA ASN D 690 29.06 7.18 -21.33
C ASN D 690 30.49 6.67 -21.67
N SER D 691 31.37 7.58 -22.06
CA SER D 691 32.82 7.30 -22.16
C SER D 691 33.66 8.11 -21.16
N ILE D 692 33.18 8.26 -19.93
CA ILE D 692 33.86 9.08 -18.92
C ILE D 692 35.25 8.53 -18.49
N ILE D 693 36.31 9.32 -18.76
CA ILE D 693 37.71 8.95 -18.49
C ILE D 693 38.17 9.44 -17.11
N PHE D 694 37.74 10.65 -16.73
CA PHE D 694 38.10 11.20 -15.44
C PHE D 694 37.04 12.12 -14.90
N VAL D 695 37.20 12.49 -13.64
CA VAL D 695 36.33 13.45 -12.98
C VAL D 695 37.19 14.50 -12.31
N VAL D 696 36.84 15.76 -12.52
CA VAL D 696 37.56 16.87 -11.89
C VAL D 696 37.34 16.86 -10.37
N PRO D 697 38.39 17.20 -9.59
CA PRO D 697 38.28 17.44 -8.16
C PRO D 697 37.15 18.39 -7.75
N GLY D 698 36.44 18.02 -6.70
CA GLY D 698 35.34 18.81 -6.15
C GLY D 698 34.07 18.85 -6.98
N PHE D 699 33.90 17.90 -7.91
CA PHE D 699 32.81 17.95 -8.89
C PHE D 699 31.43 17.83 -8.23
N PHE D 700 31.27 16.82 -7.37
CA PHE D 700 30.02 16.61 -6.66
C PHE D 700 29.97 17.36 -5.32
N ALA D 701 31.07 17.98 -4.91
CA ALA D 701 31.18 18.58 -3.57
C ALA D 701 30.00 19.47 -3.15
N LEU D 702 29.53 20.30 -4.08
CA LEU D 702 28.44 21.26 -3.80
C LEU D 702 27.02 20.68 -3.92
N ALA D 703 26.90 19.49 -4.53
CA ALA D 703 25.63 18.73 -4.54
C ALA D 703 25.38 18.09 -3.18
N THR D 704 24.97 18.92 -2.23
CA THR D 704 24.77 18.48 -0.85
C THR D 704 23.64 17.47 -0.70
N ARG D 705 22.68 17.49 -1.63
CA ARG D 705 21.53 16.55 -1.62
C ARG D 705 21.74 15.22 -2.37
N LEU D 706 22.87 15.06 -3.05
CA LEU D 706 23.12 13.87 -3.91
C LEU D 706 23.16 12.54 -3.14
N ARG D 707 22.22 11.64 -3.42
CA ARG D 707 22.15 10.34 -2.74
C ARG D 707 22.53 9.16 -3.62
N GLU D 708 22.17 9.21 -4.91
CA GLU D 708 22.43 8.09 -5.81
C GLU D 708 23.22 8.56 -7.00
N LEU D 709 24.29 7.84 -7.34
CA LEU D 709 25.19 8.22 -8.43
C LEU D 709 25.55 7.00 -9.22
N ASN D 710 25.24 6.99 -10.50
CA ASN D 710 25.57 5.85 -11.34
C ASN D 710 26.73 6.22 -12.28
N LEU D 711 27.90 5.65 -12.04
CA LEU D 711 29.10 5.85 -12.91
C LEU D 711 29.45 4.58 -13.69
N SER D 712 28.49 3.67 -13.75
CA SER D 712 28.66 2.37 -14.36
C SER D 712 28.93 2.45 -15.86
N ALA D 713 29.63 1.46 -16.39
CA ALA D 713 29.88 1.31 -17.84
C ALA D 713 30.54 2.54 -18.50
N ASN D 714 31.54 3.09 -17.83
CA ASN D 714 32.38 4.16 -18.36
C ASN D 714 33.78 3.62 -18.59
N ALA D 715 34.76 4.51 -18.81
CA ALA D 715 36.17 4.13 -18.92
C ALA D 715 37.00 4.68 -17.73
N LEU D 716 36.39 4.77 -16.56
CA LEU D 716 37.08 5.21 -15.36
C LEU D 716 38.10 4.16 -14.89
N ARG D 717 39.36 4.56 -14.76
CA ARG D 717 40.45 3.66 -14.36
C ARG D 717 40.74 3.71 -12.88
N THR D 718 40.05 4.61 -12.21
CA THR D 718 40.19 4.79 -10.79
C THR D 718 38.85 5.20 -10.22
N VAL D 719 38.81 5.35 -8.91
CA VAL D 719 37.71 5.97 -8.19
C VAL D 719 38.36 6.75 -7.05
N GLU D 720 37.98 8.01 -6.89
CA GLU D 720 38.69 8.93 -6.01
C GLU D 720 37.75 9.61 -5.00
N PRO D 721 38.17 9.73 -3.73
CA PRO D 721 37.35 10.53 -2.79
C PRO D 721 37.41 12.03 -3.09
N SER D 722 38.52 12.49 -3.67
CA SER D 722 38.65 13.85 -4.21
C SER D 722 37.51 14.37 -5.10
N TRP D 723 36.80 13.46 -5.78
CA TRP D 723 35.64 13.81 -6.61
C TRP D 723 34.48 14.38 -5.81
N PHE D 724 34.35 13.92 -4.56
CA PHE D 724 33.18 14.20 -3.73
C PHE D 724 33.35 15.33 -2.73
N GLY D 725 34.45 16.09 -2.85
CA GLY D 725 34.89 16.96 -1.79
C GLY D 725 35.29 16.01 -0.67
N PHE D 726 34.54 16.05 0.42
CA PHE D 726 34.66 15.04 1.48
C PHE D 726 33.26 14.70 2.02
N LEU D 727 32.31 14.57 1.11
CA LEU D 727 30.91 14.30 1.44
C LEU D 727 30.38 13.01 0.78
N ALA D 728 31.30 12.09 0.47
CA ALA D 728 30.97 10.78 -0.11
C ALA D 728 30.19 9.85 0.83
N GLY D 729 30.30 10.04 2.14
CA GLY D 729 29.60 9.21 3.12
C GLY D 729 28.09 9.42 3.24
N SER D 730 27.56 10.47 2.58
CA SER D 730 26.10 10.72 2.47
C SER D 730 25.44 9.98 1.28
N LEU D 731 26.24 9.52 0.32
CA LEU D 731 25.75 8.74 -0.83
C LEU D 731 25.12 7.45 -0.36
N GLU D 732 23.88 7.22 -0.73
CA GLU D 732 23.22 5.95 -0.51
C GLU D 732 23.58 4.93 -1.60
N VAL D 733 23.74 5.36 -2.86
CA VAL D 733 24.15 4.47 -3.95
C VAL D 733 25.31 5.08 -4.76
N LEU D 734 26.32 4.25 -5.03
CA LEU D 734 27.44 4.61 -5.89
C LEU D 734 27.81 3.42 -6.74
N ASP D 735 27.31 3.38 -7.96
CA ASP D 735 27.59 2.25 -8.81
C ASP D 735 28.79 2.59 -9.65
N VAL D 736 29.85 1.78 -9.54
CA VAL D 736 31.06 2.00 -10.34
C VAL D 736 31.46 0.74 -11.10
N SER D 737 30.49 -0.11 -11.39
CA SER D 737 30.73 -1.41 -12.03
C SER D 737 31.07 -1.28 -13.53
N ALA D 738 31.55 -2.36 -14.13
CA ALA D 738 32.00 -2.37 -15.54
C ALA D 738 32.78 -1.10 -15.91
N ASN D 739 33.77 -0.78 -15.10
CA ASN D 739 34.75 0.29 -15.37
C ASN D 739 36.11 -0.40 -15.40
N PRO D 740 37.00 -0.06 -16.37
CA PRO D 740 38.30 -0.75 -16.48
C PRO D 740 39.34 -0.28 -15.43
N LEU D 741 39.04 -0.53 -14.15
CA LEU D 741 39.83 -0.05 -13.05
C LEU D 741 41.25 -0.64 -13.13
N HIS D 742 42.22 0.19 -12.72
CA HIS D 742 43.63 -0.16 -12.77
C HIS D 742 44.00 -0.76 -11.41
N CYS D 743 44.06 -2.09 -11.40
CA CYS D 743 44.27 -2.85 -10.17
C CYS D 743 45.78 -3.05 -9.92
N ALA D 744 46.39 -1.98 -9.43
CA ALA D 744 47.81 -1.93 -9.13
C ALA D 744 47.93 -2.17 -7.63
N CYS D 745 49.11 -2.63 -7.21
CA CYS D 745 49.36 -2.82 -5.77
C CYS D 745 49.21 -1.45 -5.10
N GLY D 746 48.38 -1.40 -4.05
CA GLY D 746 48.21 -0.23 -3.21
C GLY D 746 47.48 0.91 -3.88
N ALA D 747 46.54 0.59 -4.77
CA ALA D 747 45.80 1.61 -5.51
C ALA D 747 44.78 2.28 -4.57
N ALA D 748 44.60 3.58 -4.73
CA ALA D 748 43.85 4.43 -3.78
C ALA D 748 42.38 4.01 -3.69
N PHE D 749 41.82 3.63 -4.83
CA PHE D 749 40.40 3.27 -4.94
C PHE D 749 39.94 2.11 -4.07
N VAL D 750 40.81 1.14 -3.79
CA VAL D 750 40.42 -0.05 -3.05
C VAL D 750 40.02 0.34 -1.64
N ASP D 751 40.83 1.22 -1.04
CA ASP D 751 40.58 1.70 0.31
C ASP D 751 39.31 2.53 0.33
N PHE D 752 39.11 3.33 -0.71
CA PHE D 752 37.93 4.17 -0.83
C PHE D 752 36.63 3.36 -0.90
N LEU D 753 36.61 2.33 -1.73
CA LEU D 753 35.37 1.58 -1.93
C LEU D 753 34.93 0.83 -0.65
N LEU D 754 35.90 0.45 0.18
CA LEU D 754 35.63 -0.20 1.45
C LEU D 754 35.14 0.79 2.50
N GLN D 755 35.58 2.04 2.43
CA GLN D 755 34.99 3.10 3.26
C GLN D 755 33.48 3.21 3.09
N VAL D 756 33.04 3.15 1.83
CA VAL D 756 31.61 3.35 1.50
C VAL D 756 30.96 2.11 0.89
N GLN D 757 31.50 0.93 1.16
CA GLN D 757 30.94 -0.35 0.65
C GLN D 757 29.44 -0.57 0.91
N ALA D 758 28.92 0.04 1.97
CA ALA D 758 27.46 0.13 2.17
C ALA D 758 26.71 0.52 0.88
N ALA D 759 27.22 1.53 0.18
CA ALA D 759 26.57 2.10 -1.01
C ALA D 759 26.96 1.54 -2.39
N VAL D 760 27.92 0.62 -2.44
CA VAL D 760 28.38 0.10 -3.73
C VAL D 760 27.73 -1.25 -4.03
N PRO D 761 26.67 -1.26 -4.86
CA PRO D 761 26.04 -2.54 -5.16
C PRO D 761 26.97 -3.46 -5.94
N GLY D 762 26.95 -4.74 -5.60
CA GLY D 762 27.75 -5.74 -6.29
C GLY D 762 29.24 -5.62 -6.08
N LEU D 763 29.65 -4.91 -5.02
CA LEU D 763 31.07 -4.65 -4.75
C LEU D 763 31.92 -5.94 -4.78
N PRO D 764 31.43 -7.02 -4.11
CA PRO D 764 32.23 -8.24 -4.06
C PRO D 764 32.48 -8.99 -5.37
N SER D 765 31.65 -8.77 -6.39
CA SER D 765 31.73 -9.59 -7.61
C SER D 765 31.75 -8.83 -8.94
N ARG D 766 31.05 -7.70 -9.02
CA ARG D 766 30.82 -6.99 -10.31
C ARG D 766 31.66 -5.70 -10.53
N VAL D 767 32.52 -5.34 -9.56
CA VAL D 767 33.47 -4.25 -9.73
C VAL D 767 34.79 -4.90 -10.12
N LYS D 768 35.29 -4.60 -11.31
CA LYS D 768 36.32 -5.41 -11.95
C LYS D 768 37.54 -4.63 -12.42
N CYS D 769 38.59 -5.37 -12.75
CA CYS D 769 39.83 -4.80 -13.19
C CYS D 769 39.81 -4.77 -14.71
N GLY D 770 40.28 -3.65 -15.28
CA GLY D 770 40.59 -3.51 -16.71
C GLY D 770 42.06 -3.70 -17.05
N SER D 771 42.91 -3.55 -16.02
CA SER D 771 44.36 -3.77 -16.10
C SER D 771 44.87 -4.02 -14.66
N PRO D 772 46.06 -4.61 -14.46
CA PRO D 772 47.05 -4.98 -15.48
C PRO D 772 47.00 -6.45 -15.89
N GLY D 773 47.65 -6.78 -17.00
CA GLY D 773 47.68 -8.13 -17.62
C GLY D 773 46.68 -9.21 -17.22
N GLN D 774 47.09 -10.07 -16.29
CA GLN D 774 46.32 -11.24 -15.88
C GLN D 774 45.00 -10.87 -15.20
N LEU D 775 44.99 -9.73 -14.50
CA LEU D 775 43.82 -9.30 -13.71
C LEU D 775 42.66 -8.71 -14.52
N GLN D 776 42.85 -8.41 -15.81
CA GLN D 776 41.76 -7.86 -16.63
C GLN D 776 40.62 -8.86 -16.62
N GLY D 777 39.40 -8.36 -16.38
CA GLY D 777 38.24 -9.21 -16.33
C GLY D 777 37.97 -9.91 -15.00
N ARG D 778 38.92 -9.88 -14.08
CA ARG D 778 38.73 -10.49 -12.76
C ARG D 778 38.32 -9.40 -11.74
N SER D 779 37.68 -9.82 -10.65
CA SER D 779 37.21 -8.89 -9.61
C SER D 779 38.35 -8.12 -8.98
N ILE D 780 38.03 -6.97 -8.39
CA ILE D 780 39.06 -6.22 -7.64
C ILE D 780 39.58 -7.02 -6.44
N PHE D 781 38.72 -7.88 -5.87
CA PHE D 781 39.10 -8.76 -4.76
C PHE D 781 39.68 -10.13 -5.14
N ALA D 782 39.95 -10.36 -6.43
CA ALA D 782 40.63 -11.61 -6.85
C ALA D 782 42.02 -11.78 -6.22
N GLN D 783 42.66 -10.69 -5.80
CA GLN D 783 43.91 -10.70 -5.06
C GLN D 783 43.85 -9.48 -4.15
N ASP D 784 44.44 -9.56 -2.96
CA ASP D 784 44.46 -8.42 -2.04
C ASP D 784 45.53 -7.45 -2.54
N LEU D 785 45.16 -6.17 -2.66
CA LEU D 785 46.03 -5.16 -3.23
C LEU D 785 46.68 -4.24 -2.16
N ARG D 786 46.22 -4.29 -0.90
CA ARG D 786 46.60 -3.30 0.13
C ARG D 786 47.90 -3.57 0.91
#